data_6CCB
#
_entry.id   6CCB
#
_cell.length_a   237.284
_cell.length_b   237.284
_cell.length_c   282.044
_cell.angle_alpha   90.00
_cell.angle_beta   90.00
_cell.angle_gamma   120.00
#
_symmetry.space_group_name_H-M   'H 3'
#
loop_
_entity.id
_entity.type
_entity.pdbx_description
1 polymer 'Glycoprotein 41'
2 polymer 'Glycoprotein 120'
3 polymer '10-1074 FAB heavy chain'
4 polymer '10-1074 Fab light chain'
5 branched alpha-D-mannopyranose-(1-6)-alpha-D-mannopyranose-(1-6)-[alpha-D-mannopyranose-(1-3)]beta-D-mannopyranose-(1-4)-2-acetamido-2-deoxy-beta-D-glucopyranose-(1-4)-2-acetamido-2-deoxy-beta-D-glucopyranose
6 branched alpha-D-mannopyranose-(1-2)-alpha-D-mannopyranose-(1-2)-alpha-D-mannopyranose-(1-3)-[alpha-D-mannopyranose-(1-2)-alpha-D-mannopyranose-(1-6)-[alpha-D-mannopyranose-(1-3)]alpha-D-mannopyranose-(1-6)]beta-D-mannopyranose-(1-4)-2-acetamido-2-deoxy-beta-D-glucopyranose-(1-4)-2-acetamido-2-deoxy-beta-D-glucopyranose
7 branched alpha-D-mannopyranose-(1-6)-beta-D-mannopyranose-(1-4)-2-acetamido-2-deoxy-beta-D-glucopyranose-(1-4)-2-acetamido-2-deoxy-beta-D-glucopyranose
8 branched alpha-D-mannopyranose-(1-2)-alpha-D-mannopyranose-(1-3)-[alpha-D-mannopyranose-(1-3)-[alpha-D-mannopyranose-(1-6)]alpha-D-mannopyranose-(1-6)]beta-D-mannopyranose-(1-4)-2-acetamido-2-deoxy-beta-D-glucopyranose-(1-4)-2-acetamido-2-deoxy-beta-D-glucopyranose
9 non-polymer 2-acetamido-2-deoxy-beta-D-glucopyranose
#
loop_
_entity_poly.entity_id
_entity_poly.type
_entity_poly.pdbx_seq_one_letter_code
_entity_poly.pdbx_strand_id
1 'polypeptide(L)'
;AVGLGAVFIGFLGAAGSTMGAASITLTVQARQLLSGIVQQQSNLLKAIEAQQHLLRLTVWGIKQLQARVLALERYLKDQQ
LLGIWGCSGKLICCTNVLWNTTWSNKTYNDIWDNMTWLQWDKEISNYTDIIYGLIEESQIQQEKNEQDLLALDGTKHHHH
HH
;
A,B
2 'polypeptide(L)'
;ETGAENLWVTVYYGVPVWKDAVTTLFCASDAKAYSTEVHNVWATHACVPTDPNPQEMPLENVTENFNVWKNDMVEQMHED
IINLWDQSLKPCVKLTPLCVTLNCSNFSGDNSTNTSVSDDMQGEIKNCSFNVTTGLKDKKQKMDALFHRRDVVQISNGNN
SYYMLISCNTSTMAQACPKITFEPIPIHYCAPAGFAILKCKDKGFNGTGSCKNVSTVQCTHGIKPVVTTQLLLNGSTAEE
EIVIRSENITDNARTIIVQLTKPININCTRPGNNTRKSVRIGPGQTFYATGAIIGNIRQAHCNVSKTEWNDTLRQVAEQL
SKHFPNATTITFANASGGDLEITTHSFNCGGEFFYCNTSKLFSSTWDNSTWGNNTWGNSTGDNNETITLQCKIKQIINMW
QQVGRAMYAPPIQGEIRCESNITGLLLTRDGGANSSTNETFRPGGGDMRDNWRSELYKYKVVKIEPLGVAPTRCKRRVVG
RRRRRR
;
C,G
3 'polypeptide(L)'
;GQVQLQESGPGLVKPSETLSVTCSVSGDSMNNYYWTWIRQSPGKGLEWIGYISDRESATYNPSLNSRVVISRDTSKNQLS
LKLNSVTPADTAVYYCATARRGQRIYGVVSFGEFFYYYSMDVWGKGTTVTVSSASTKGPSVFPLAPSSKSTSGGTAALGC
LVKDYFPEPVTVSWNSGALTSGVHTFPAVLQSSGLYSLSSVVTVPSSSLGTQTYICNVNHKPSNTKVDKRVEPKSCD
;
D,H
4 'polypeptide(L)'
;GSYVRPLSVALGETARISCGRQALGSRAVQWYQHRPGQAPILLIYNNQDRPSGIPERFSGTPDINFGTRATLTISGVEAG
DEADYYCHMWDSRSGFSWSFGGATRLTVLGQPKAAPSVTLFPPSSEELQANKATLVCLISDFYPGAVTVAWKADSSPVKA
GVETTTPSKQSNNKYAASSYLSLTPEQWKSHRSYSCQVTHEGSTVEKTVAPTECS
;
E,L
#
# COMPACT_ATOMS: atom_id res chain seq x y z
N LEU A 12 -40.21 -25.47 70.81
CA LEU A 12 -40.10 -26.87 70.43
C LEU A 12 -38.69 -27.37 70.71
N GLY A 13 -37.99 -26.68 71.62
CA GLY A 13 -36.61 -27.04 71.92
C GLY A 13 -36.46 -28.43 72.52
N ALA A 14 -37.38 -28.81 73.39
CA ALA A 14 -37.32 -30.10 74.07
C ALA A 14 -38.07 -31.22 73.35
N ALA A 15 -38.23 -31.10 72.03
CA ALA A 15 -38.97 -32.11 71.28
C ALA A 15 -38.25 -33.45 71.27
N GLY A 16 -36.92 -33.45 71.37
CA GLY A 16 -36.13 -34.66 71.50
C GLY A 16 -35.67 -35.04 72.89
N SER A 17 -36.10 -34.31 73.92
CA SER A 17 -35.71 -34.64 75.28
C SER A 17 -36.66 -35.66 75.90
N THR A 18 -36.27 -36.18 77.07
CA THR A 18 -37.12 -37.10 77.81
C THR A 18 -38.39 -36.38 78.27
N MET A 19 -39.45 -37.16 78.48
CA MET A 19 -40.73 -36.55 78.85
C MET A 19 -40.60 -35.73 80.11
N GLY A 20 -39.77 -36.16 81.06
CA GLY A 20 -39.59 -35.36 82.26
C GLY A 20 -38.88 -34.07 81.93
N ALA A 21 -37.84 -34.15 81.09
CA ALA A 21 -37.11 -32.97 80.65
C ALA A 21 -37.97 -32.10 79.73
N ALA A 22 -38.74 -32.72 78.84
CA ALA A 22 -39.58 -31.97 77.92
C ALA A 22 -40.69 -31.22 78.64
N SER A 23 -41.22 -31.80 79.72
CA SER A 23 -42.33 -31.18 80.45
C SER A 23 -41.97 -29.85 81.08
N ILE A 24 -40.74 -29.38 80.86
CA ILE A 24 -40.29 -28.13 81.47
C ILE A 24 -40.47 -26.92 80.55
N THR A 25 -41.07 -27.09 79.38
CA THR A 25 -41.24 -26.02 78.42
C THR A 25 -42.58 -26.15 77.69
N LEU A 26 -43.68 -26.26 78.45
CA LEU A 26 -44.97 -26.28 77.78
C LEU A 26 -45.44 -24.90 77.33
N THR A 27 -44.95 -23.82 77.93
CA THR A 27 -45.28 -22.49 77.42
C THR A 27 -44.81 -22.32 75.98
N VAL A 28 -43.69 -22.97 75.64
CA VAL A 28 -43.08 -22.83 74.32
C VAL A 28 -44.03 -23.38 73.24
N GLN A 29 -44.59 -24.56 73.49
CA GLN A 29 -45.56 -25.12 72.55
C GLN A 29 -46.85 -24.32 72.60
N ALA A 30 -47.12 -23.67 73.73
CA ALA A 30 -48.36 -22.91 73.89
C ALA A 30 -48.30 -21.60 73.10
N ARG A 31 -47.13 -20.97 73.00
CA ARG A 31 -46.99 -19.70 72.30
C ARG A 31 -47.29 -19.84 70.81
N GLN A 32 -46.49 -20.64 70.11
CA GLN A 32 -46.63 -20.77 68.65
C GLN A 32 -47.82 -21.62 68.23
N LEU A 33 -48.94 -21.54 68.95
CA LEU A 33 -50.14 -22.26 68.60
C LEU A 33 -51.37 -21.37 68.43
N LEU A 34 -51.42 -20.22 69.11
CA LEU A 34 -52.57 -19.34 69.11
C LEU A 34 -52.33 -18.00 68.43
N SER A 35 -51.18 -17.38 68.63
CA SER A 35 -50.92 -16.05 68.08
C SER A 35 -50.30 -16.18 66.70
N GLY A 36 -51.05 -15.75 65.69
CA GLY A 36 -50.56 -15.62 64.34
C GLY A 36 -50.74 -14.19 63.89
N ILE A 37 -51.15 -13.34 64.82
CA ILE A 37 -51.50 -11.96 64.51
C ILE A 37 -50.33 -11.01 64.71
N VAL A 38 -49.29 -11.43 65.44
CA VAL A 38 -48.03 -10.69 65.36
C VAL A 38 -47.39 -10.86 63.99
N GLN A 39 -47.45 -12.07 63.42
CA GLN A 39 -46.82 -12.24 62.11
C GLN A 39 -47.66 -11.59 61.01
N GLN A 40 -48.98 -11.56 61.18
CA GLN A 40 -49.89 -10.96 60.22
C GLN A 40 -51.25 -10.70 60.86
N GLN A 41 -51.38 -9.64 61.66
CA GLN A 41 -52.72 -9.23 62.08
C GLN A 41 -53.62 -8.81 60.91
N SER A 42 -53.05 -8.23 59.86
CA SER A 42 -53.84 -8.00 58.65
C SER A 42 -53.03 -8.19 57.38
N ASN A 43 -51.83 -7.60 57.34
CA ASN A 43 -50.90 -7.45 56.22
C ASN A 43 -50.99 -6.01 55.71
N LEU A 44 -51.33 -5.07 56.60
CA LEU A 44 -51.44 -3.67 56.21
C LEU A 44 -50.16 -2.90 56.52
N ARG A 56 -59.52 -7.54 46.15
CA ARG A 56 -58.69 -8.23 47.12
C ARG A 56 -58.90 -9.75 47.01
N LEU A 57 -59.44 -10.18 45.87
CA LEU A 57 -59.72 -11.59 45.64
C LEU A 57 -58.49 -12.39 45.23
N THR A 58 -57.28 -11.86 45.44
CA THR A 58 -56.07 -12.57 45.06
C THR A 58 -56.01 -13.91 45.80
N VAL A 59 -55.30 -14.87 45.18
CA VAL A 59 -55.10 -16.18 45.80
C VAL A 59 -54.49 -16.04 47.20
N TRP A 60 -53.60 -15.05 47.36
CA TRP A 60 -52.92 -14.87 48.64
C TRP A 60 -53.87 -14.39 49.75
N GLY A 61 -54.87 -13.60 49.40
CA GLY A 61 -55.79 -13.11 50.42
C GLY A 61 -56.63 -14.24 51.02
N ILE A 62 -57.16 -15.11 50.17
CA ILE A 62 -57.96 -16.23 50.65
C ILE A 62 -57.08 -17.23 51.40
N LYS A 63 -55.90 -17.53 50.85
CA LYS A 63 -54.97 -18.44 51.51
C LYS A 63 -54.59 -17.93 52.89
N GLN A 64 -54.24 -16.64 52.99
CA GLN A 64 -53.89 -16.06 54.29
C GLN A 64 -55.05 -16.16 55.28
N LEU A 65 -56.24 -15.72 54.86
CA LEU A 65 -57.38 -15.67 55.77
C LEU A 65 -57.75 -17.06 56.28
N GLN A 66 -57.81 -18.05 55.38
CA GLN A 66 -58.12 -19.41 55.82
C GLN A 66 -57.05 -19.98 56.74
N ALA A 67 -55.80 -19.61 56.54
CA ALA A 67 -54.74 -20.08 57.43
C ALA A 67 -54.83 -19.45 58.81
N ARG A 68 -55.10 -18.13 58.86
CA ARG A 68 -55.21 -17.44 60.14
C ARG A 68 -56.38 -17.98 60.97
N VAL A 69 -57.52 -18.24 60.31
CA VAL A 69 -58.67 -18.81 61.01
C VAL A 69 -58.35 -20.19 61.56
N LEU A 70 -57.66 -21.01 60.77
CA LEU A 70 -57.33 -22.38 61.18
C LEU A 70 -56.42 -22.40 62.39
N ALA A 71 -55.51 -21.43 62.53
CA ALA A 71 -54.56 -21.46 63.64
C ALA A 71 -55.25 -21.21 64.97
N LEU A 72 -56.27 -20.36 65.00
CA LEU A 72 -57.07 -20.19 66.20
C LEU A 72 -58.20 -21.21 66.28
N GLU A 73 -58.64 -21.75 65.15
CA GLU A 73 -59.65 -22.80 65.14
C GLU A 73 -59.17 -24.05 65.84
N ARG A 74 -57.90 -24.42 65.61
CA ARG A 74 -57.32 -25.58 66.27
C ARG A 74 -57.14 -25.31 67.76
N TYR A 75 -56.72 -24.10 68.12
CA TYR A 75 -56.53 -23.77 69.53
C TYR A 75 -57.83 -23.90 70.29
N LEU A 76 -58.92 -23.40 69.71
CA LEU A 76 -60.20 -23.42 70.40
C LEU A 76 -60.76 -24.82 70.56
N LYS A 77 -60.37 -25.76 69.69
CA LYS A 77 -60.80 -27.15 69.88
C LYS A 77 -60.15 -27.76 71.11
N ASP A 78 -58.86 -27.48 71.34
CA ASP A 78 -58.15 -28.10 72.45
C ASP A 78 -58.58 -27.47 73.77
N GLN A 79 -58.69 -26.15 73.82
CA GLN A 79 -59.22 -25.50 75.01
C GLN A 79 -60.66 -25.89 75.27
N GLN A 80 -61.41 -26.21 74.23
CA GLN A 80 -62.77 -26.72 74.41
C GLN A 80 -62.74 -28.08 75.11
N LEU A 81 -61.83 -28.97 74.69
CA LEU A 81 -61.75 -30.28 75.34
C LEU A 81 -61.32 -30.14 76.79
N LEU A 82 -60.34 -29.28 77.07
CA LEU A 82 -59.95 -29.05 78.46
C LEU A 82 -61.10 -28.46 79.27
N GLY A 83 -61.96 -27.66 78.65
CA GLY A 83 -63.07 -27.08 79.37
C GLY A 83 -64.10 -28.11 79.81
N ILE A 84 -64.54 -28.95 78.86
CA ILE A 84 -65.54 -29.97 79.18
C ILE A 84 -64.97 -31.11 80.01
N TRP A 85 -63.66 -31.14 80.20
CA TRP A 85 -62.97 -32.06 81.10
C TRP A 85 -62.60 -31.42 82.44
N GLY A 86 -63.07 -30.20 82.68
CA GLY A 86 -62.78 -29.48 83.92
C GLY A 86 -61.33 -29.10 84.14
N CYS A 87 -60.60 -28.80 83.07
CA CYS A 87 -59.18 -28.44 83.11
C CYS A 87 -58.96 -27.13 82.38
N SER A 88 -59.96 -26.25 82.42
CA SER A 88 -59.96 -25.06 81.57
C SER A 88 -58.78 -24.15 81.87
N GLY A 89 -58.56 -23.84 83.15
CA GLY A 89 -57.58 -22.84 83.53
C GLY A 89 -56.13 -23.30 83.52
N LYS A 90 -55.87 -24.60 83.46
CA LYS A 90 -54.54 -25.13 83.69
C LYS A 90 -53.99 -25.78 82.42
N LEU A 91 -52.67 -25.75 82.29
CA LEU A 91 -51.99 -26.51 81.25
C LEU A 91 -51.70 -27.93 81.67
N ILE A 92 -51.52 -28.17 82.96
CA ILE A 92 -51.33 -29.50 83.53
C ILE A 92 -52.43 -29.72 84.56
N CYS A 93 -53.25 -30.74 84.33
CA CYS A 93 -54.29 -31.11 85.29
C CYS A 93 -54.27 -32.61 85.50
N CYS A 94 -54.49 -33.01 86.75
CA CYS A 94 -54.61 -34.41 87.12
C CYS A 94 -56.08 -34.78 87.21
N THR A 95 -56.40 -36.03 86.94
CA THR A 95 -57.79 -36.42 86.85
C THR A 95 -58.06 -37.59 87.81
N ASN A 96 -59.27 -38.14 87.75
CA ASN A 96 -59.62 -39.31 88.56
C ASN A 96 -59.68 -40.62 87.80
N VAL A 97 -59.61 -40.60 86.46
CA VAL A 97 -59.75 -41.85 85.71
C VAL A 97 -58.51 -42.70 85.90
N LEU A 98 -58.73 -43.98 86.22
CA LEU A 98 -57.64 -44.92 86.37
C LEU A 98 -56.93 -45.13 85.03
N TRP A 99 -55.63 -45.41 85.12
CA TRP A 99 -54.85 -45.84 83.97
C TRP A 99 -54.93 -47.36 83.91
N ASN A 100 -55.72 -47.87 82.97
CA ASN A 100 -55.80 -49.31 82.77
C ASN A 100 -54.49 -49.82 82.20
N THR A 101 -53.95 -50.87 82.81
CA THR A 101 -52.62 -51.37 82.46
C THR A 101 -52.55 -51.87 81.02
N THR A 102 -53.68 -52.21 80.41
CA THR A 102 -53.68 -52.59 79.00
C THR A 102 -53.23 -51.44 78.10
N TRP A 103 -53.31 -50.20 78.59
CA TRP A 103 -52.70 -49.05 77.94
C TRP A 103 -51.19 -49.02 78.14
N SER A 104 -50.59 -50.22 78.08
CA SER A 104 -49.17 -50.53 78.13
C SER A 104 -48.71 -50.53 79.58
N ASN A 105 -47.85 -51.49 79.92
CA ASN A 105 -47.31 -51.63 81.28
C ASN A 105 -45.95 -50.96 81.37
N LYS A 106 -45.87 -49.87 82.11
CA LYS A 106 -44.59 -49.22 82.37
C LYS A 106 -44.64 -48.56 83.75
N THR A 107 -43.51 -48.01 84.15
CA THR A 107 -43.37 -47.34 85.44
C THR A 107 -43.18 -45.83 85.21
N TYR A 108 -43.12 -45.10 86.32
CA TYR A 108 -42.94 -43.65 86.24
C TYR A 108 -41.60 -43.28 85.62
N ASN A 109 -40.54 -43.99 86.02
CA ASN A 109 -39.20 -43.64 85.55
C ASN A 109 -38.94 -44.12 84.13
N ASP A 110 -39.47 -45.29 83.77
CA ASP A 110 -39.30 -45.79 82.41
C ASP A 110 -40.03 -44.92 81.38
N ILE A 111 -40.97 -44.09 81.82
CA ILE A 111 -41.75 -43.24 80.94
C ILE A 111 -41.18 -41.83 80.89
N TRP A 112 -40.95 -41.23 82.06
CA TRP A 112 -40.62 -39.82 82.19
C TRP A 112 -39.12 -39.52 82.10
N ASP A 113 -38.25 -40.51 82.20
CA ASP A 113 -36.82 -40.21 82.19
C ASP A 113 -36.04 -41.01 81.15
N ASN A 114 -36.70 -41.61 80.15
CA ASN A 114 -35.92 -42.42 79.22
C ASN A 114 -36.60 -42.38 77.83
N MET A 115 -37.82 -41.82 77.75
CA MET A 115 -38.58 -41.76 76.50
C MET A 115 -38.96 -40.32 76.22
N THR A 116 -39.11 -39.99 74.94
CA THR A 116 -39.61 -38.70 74.50
C THR A 116 -41.10 -38.76 74.21
N TRP A 117 -41.73 -37.58 74.28
CA TRP A 117 -43.17 -37.46 74.04
C TRP A 117 -43.56 -37.96 72.65
N LEU A 118 -42.65 -37.90 71.68
CA LEU A 118 -42.95 -38.38 70.33
C LEU A 118 -43.22 -39.88 70.33
N GLN A 119 -42.22 -40.68 70.72
CA GLN A 119 -42.40 -42.13 70.77
C GLN A 119 -43.42 -42.55 71.82
N TRP A 120 -43.68 -41.72 72.83
CA TRP A 120 -44.75 -42.00 73.78
C TRP A 120 -46.12 -41.84 73.13
N ASP A 121 -46.34 -40.72 72.43
CA ASP A 121 -47.62 -40.49 71.76
C ASP A 121 -47.92 -41.57 70.73
N LYS A 122 -46.89 -42.17 70.15
CA LYS A 122 -47.07 -43.27 69.21
C LYS A 122 -47.50 -44.54 69.93
N GLU A 123 -46.99 -44.76 71.14
CA GLU A 123 -47.35 -45.96 71.89
C GLU A 123 -48.79 -45.90 72.43
N ILE A 124 -49.31 -44.69 72.70
CA ILE A 124 -50.62 -44.55 73.32
C ILE A 124 -51.68 -44.02 72.34
N SER A 125 -51.28 -43.66 71.12
CA SER A 125 -52.24 -43.24 70.09
C SER A 125 -53.40 -44.22 69.87
N ASN A 126 -53.24 -45.47 70.27
CA ASN A 126 -54.30 -46.47 70.03
C ASN A 126 -55.51 -46.25 70.93
N TYR A 127 -55.30 -45.83 72.17
CA TYR A 127 -56.38 -45.76 73.15
C TYR A 127 -56.76 -44.33 73.52
N THR A 128 -56.25 -43.32 72.81
CA THR A 128 -56.57 -41.94 73.12
C THR A 128 -58.06 -41.68 73.06
N ASP A 129 -58.79 -42.37 72.18
CA ASP A 129 -60.22 -42.14 72.03
C ASP A 129 -60.99 -42.68 73.23
N ILE A 130 -60.68 -43.91 73.65
CA ILE A 130 -61.33 -44.52 74.80
C ILE A 130 -61.11 -43.66 76.05
N ILE A 131 -59.88 -43.18 76.25
CA ILE A 131 -59.58 -42.37 77.41
C ILE A 131 -60.37 -41.06 77.38
N TYR A 132 -60.50 -40.46 76.20
CA TYR A 132 -61.28 -39.23 76.09
C TYR A 132 -62.74 -39.46 76.45
N GLY A 133 -63.28 -40.61 76.04
CA GLY A 133 -64.67 -40.91 76.38
C GLY A 133 -64.88 -41.09 77.88
N LEU A 134 -64.00 -41.86 78.52
CA LEU A 134 -64.03 -41.96 79.98
C LEU A 134 -63.79 -40.61 80.64
N ILE A 135 -62.87 -39.81 80.10
CA ILE A 135 -62.54 -38.54 80.74
C ILE A 135 -63.76 -37.64 80.80
N GLU A 136 -64.53 -37.55 79.71
CA GLU A 136 -65.67 -36.65 79.73
C GLU A 136 -66.85 -37.21 80.51
N GLU A 137 -67.01 -38.53 80.54
CA GLU A 137 -68.18 -39.11 81.21
C GLU A 137 -67.89 -39.43 82.68
N SER A 138 -66.83 -40.20 82.94
CA SER A 138 -66.63 -40.80 84.25
C SER A 138 -66.51 -39.75 85.35
N GLN A 139 -65.74 -38.69 85.12
CA GLN A 139 -65.57 -37.66 86.14
C GLN A 139 -66.42 -36.43 85.87
N ILE A 140 -65.91 -35.54 85.01
CA ILE A 140 -66.45 -34.21 84.81
C ILE A 140 -67.94 -34.27 84.48
N GLN A 141 -68.45 -35.44 84.10
CA GLN A 141 -69.89 -35.53 84.04
C GLN A 141 -70.51 -36.28 85.21
N GLN A 142 -69.82 -37.24 85.83
CA GLN A 142 -70.42 -37.73 87.06
C GLN A 142 -70.06 -36.86 88.25
N GLU A 143 -68.79 -36.43 88.34
CA GLU A 143 -68.36 -35.62 89.47
C GLU A 143 -69.11 -34.30 89.54
N LYS A 144 -69.32 -33.67 88.38
CA LYS A 144 -69.95 -32.36 88.31
C LYS A 144 -71.45 -32.45 88.49
N ASN A 145 -72.07 -33.48 87.91
CA ASN A 145 -73.50 -33.67 88.12
C ASN A 145 -73.81 -33.97 89.56
N GLU A 146 -73.03 -34.85 90.19
CA GLU A 146 -73.24 -35.04 91.62
C GLU A 146 -72.88 -33.78 92.39
N GLN A 147 -71.91 -33.01 91.87
CA GLN A 147 -71.53 -31.74 92.48
C GLN A 147 -72.63 -30.70 92.35
N ASP A 148 -73.37 -30.73 91.24
CA ASP A 148 -74.48 -29.80 91.08
C ASP A 148 -75.61 -30.21 92.02
N LEU A 149 -75.88 -31.51 92.14
CA LEU A 149 -76.93 -31.96 93.04
C LEU A 149 -76.55 -31.78 94.51
N LEU A 150 -75.25 -31.60 94.81
CA LEU A 150 -74.83 -31.43 96.19
C LEU A 150 -74.95 -29.97 96.64
N ALA A 151 -74.43 -29.03 95.83
CA ALA A 151 -74.61 -27.62 96.13
C ALA A 151 -76.00 -27.10 95.81
N LEU A 152 -76.67 -27.60 94.77
CA LEU A 152 -78.04 -27.14 94.52
C LEU A 152 -79.02 -27.67 95.54
N ASP A 153 -78.62 -28.71 96.30
CA ASP A 153 -79.45 -29.42 97.30
C ASP A 153 -80.95 -29.13 97.27
N LEU B 12 41.67 7.37 -73.99
CA LEU B 12 41.79 5.93 -74.15
C LEU B 12 40.48 5.35 -74.64
N GLY B 13 39.66 6.19 -75.27
CA GLY B 13 38.35 5.77 -75.73
C GLY B 13 38.41 4.67 -76.79
N ALA B 14 39.38 4.77 -77.71
CA ALA B 14 39.50 3.81 -78.80
C ALA B 14 40.42 2.65 -78.48
N ALA B 15 40.59 2.31 -77.19
CA ALA B 15 41.48 1.23 -76.82
C ALA B 15 40.99 -0.13 -77.29
N GLY B 16 39.68 -0.30 -77.44
CA GLY B 16 39.09 -1.49 -78.01
C GLY B 16 38.69 -1.43 -79.47
N SER B 17 38.98 -0.34 -80.17
CA SER B 17 38.62 -0.24 -81.57
C SER B 17 39.73 -0.82 -82.47
N THR B 18 39.40 -0.95 -83.75
CA THR B 18 40.37 -1.42 -84.73
C THR B 18 41.50 -0.39 -84.86
N MET B 19 42.68 -0.87 -85.28
CA MET B 19 43.83 0.03 -85.35
C MET B 19 43.54 1.22 -86.25
N GLY B 20 42.79 1.02 -87.33
CA GLY B 20 42.45 2.16 -88.16
C GLY B 20 41.54 3.11 -87.41
N ALA B 21 40.56 2.55 -86.70
CA ALA B 21 39.64 3.33 -85.89
C ALA B 21 40.36 3.92 -84.69
N ALA B 22 41.26 3.15 -84.06
CA ALA B 22 41.97 3.63 -82.89
C ALA B 22 42.93 4.75 -83.24
N SER B 23 43.52 4.73 -84.44
CA SER B 23 44.49 5.73 -84.85
C SER B 23 43.86 7.12 -84.94
N ILE B 24 42.54 7.21 -84.74
CA ILE B 24 41.84 8.50 -84.82
C ILE B 24 41.83 9.24 -83.48
N THR B 25 42.49 8.71 -82.45
CA THR B 25 42.54 9.40 -81.17
C THR B 25 43.94 9.31 -80.56
N LEU B 26 44.97 9.69 -81.34
CA LEU B 26 46.29 9.72 -80.72
C LEU B 26 46.49 10.95 -79.85
N THR B 27 45.73 12.03 -80.08
CA THR B 27 45.81 13.18 -79.19
C THR B 27 45.38 12.81 -77.78
N VAL B 28 44.43 11.87 -77.65
CA VAL B 28 43.90 11.47 -76.36
C VAL B 28 44.98 10.82 -75.50
N GLN B 29 45.74 9.90 -76.10
CA GLN B 29 46.85 9.28 -75.38
C GLN B 29 47.99 10.26 -75.15
N ALA B 30 48.09 11.28 -75.99
CA ALA B 30 49.18 12.26 -75.88
C ALA B 30 48.95 13.18 -74.69
N ARG B 31 47.70 13.52 -74.41
CA ARG B 31 47.36 14.43 -73.32
C ARG B 31 47.73 13.86 -71.96
N GLN B 32 47.05 12.78 -71.54
CA GLN B 32 47.24 12.23 -70.20
C GLN B 32 48.51 11.39 -70.10
N LEU B 33 49.62 11.93 -70.56
CA LEU B 33 50.91 11.26 -70.41
C LEU B 33 52.02 12.17 -69.91
N LEU B 34 51.94 13.48 -70.14
CA LEU B 34 52.97 14.46 -69.79
C LEU B 34 52.54 15.45 -68.71
N SER B 35 51.30 15.93 -68.74
CA SER B 35 50.86 16.95 -67.80
C SER B 35 50.28 16.28 -66.57
N GLY B 36 50.98 16.43 -65.44
CA GLY B 36 50.49 16.02 -64.14
C GLY B 36 50.43 17.22 -63.21
N ILE B 37 50.71 18.39 -63.78
CA ILE B 37 50.83 19.61 -62.99
C ILE B 37 49.52 20.38 -62.93
N VAL B 38 48.58 20.10 -63.82
CA VAL B 38 47.21 20.56 -63.58
C VAL B 38 46.60 19.85 -62.39
N GLN B 39 46.85 18.54 -62.25
CA GLN B 39 46.25 17.84 -61.11
C GLN B 39 46.97 18.21 -59.82
N GLN B 40 48.28 18.49 -59.89
CA GLN B 40 49.07 18.85 -58.73
C GLN B 40 50.38 19.52 -59.17
N GLN B 41 50.34 20.79 -59.57
CA GLN B 41 51.60 21.52 -59.75
C GLN B 41 52.42 21.65 -58.47
N SER B 42 51.76 21.75 -57.31
CA SER B 42 52.50 21.67 -56.06
C SER B 42 51.74 20.95 -54.96
N ASN B 43 50.45 21.32 -54.80
CA ASN B 43 49.52 20.96 -53.72
C ASN B 43 49.42 22.14 -52.75
N LEU B 44 49.57 23.36 -53.25
CA LEU B 44 49.50 24.54 -52.40
C LEU B 44 48.11 25.16 -52.44
N ARG B 56 58.12 18.66 -44.10
CA ARG B 56 57.44 18.23 -45.31
C ARG B 56 57.92 16.83 -45.71
N LEU B 57 58.68 16.19 -44.81
CA LEU B 57 59.21 14.86 -45.08
C LEU B 57 58.16 13.76 -44.99
N THR B 58 56.88 14.10 -44.99
CA THR B 58 55.84 13.09 -44.90
C THR B 58 55.96 12.09 -46.05
N VAL B 59 55.47 10.88 -45.84
CA VAL B 59 55.45 9.86 -46.89
C VAL B 59 54.76 10.38 -48.15
N TRP B 60 53.71 11.18 -47.98
CA TRP B 60 52.97 11.68 -49.13
C TRP B 60 53.77 12.67 -49.95
N GLY B 61 54.65 13.47 -49.33
CA GLY B 61 55.43 14.41 -50.08
C GLY B 61 56.42 13.73 -51.00
N ILE B 62 57.12 12.72 -50.48
CA ILE B 62 58.09 11.98 -51.29
C ILE B 62 57.37 11.17 -52.36
N LYS B 63 56.27 10.51 -51.99
CA LYS B 63 55.49 9.75 -52.96
C LYS B 63 55.00 10.63 -54.09
N GLN B 64 54.45 11.80 -53.77
CA GLN B 64 53.98 12.72 -54.81
C GLN B 64 55.13 13.15 -55.72
N LEU B 65 56.23 13.60 -55.13
CA LEU B 65 57.33 14.13 -55.93
C LEU B 65 57.92 13.06 -56.86
N GLN B 66 58.15 11.84 -56.34
CA GLN B 66 58.68 10.77 -57.18
C GLN B 66 57.70 10.38 -58.29
N ALA B 67 56.40 10.45 -58.03
CA ALA B 67 55.43 10.13 -59.07
C ALA B 67 55.40 11.20 -60.15
N ARG B 68 55.44 12.47 -59.76
CA ARG B 68 55.41 13.56 -60.72
C ARG B 68 56.65 13.55 -61.63
N VAL B 69 57.82 13.28 -61.05
CA VAL B 69 59.04 13.19 -61.84
C VAL B 69 58.95 12.04 -62.84
N LEU B 70 58.44 10.89 -62.39
CA LEU B 70 58.37 9.72 -63.26
C LEU B 70 57.44 9.93 -64.45
N ALA B 71 56.37 10.72 -64.27
CA ALA B 71 55.41 10.90 -65.36
C ALA B 71 56.01 11.71 -66.50
N LEU B 72 56.87 12.69 -66.18
CA LEU B 72 57.60 13.38 -67.23
C LEU B 72 58.88 12.65 -67.61
N GLU B 73 59.41 11.84 -66.70
CA GLU B 73 60.57 11.00 -67.01
C GLU B 73 60.25 10.00 -68.10
N ARG B 74 59.06 9.39 -68.04
CA ARG B 74 58.64 8.45 -69.07
C ARG B 74 58.40 9.17 -70.40
N TYR B 75 57.79 10.35 -70.36
CA TYR B 75 57.53 11.10 -71.58
C TYR B 75 58.83 11.44 -72.30
N LEU B 76 59.84 11.87 -71.54
CA LEU B 76 61.10 12.29 -72.14
C LEU B 76 61.88 11.11 -72.74
N LYS B 77 61.66 9.90 -72.26
CA LYS B 77 62.31 8.74 -72.87
C LYS B 77 61.77 8.48 -74.26
N ASP B 78 60.45 8.58 -74.44
CA ASP B 78 59.85 8.27 -75.73
C ASP B 78 60.13 9.36 -76.76
N GLN B 79 60.01 10.64 -76.35
CA GLN B 79 60.39 11.73 -77.24
C GLN B 79 61.87 11.69 -77.57
N GLN B 80 62.69 11.17 -76.65
CA GLN B 80 64.10 10.97 -76.95
C GLN B 80 64.29 9.94 -78.05
N LEU B 81 63.55 8.83 -77.99
CA LEU B 81 63.67 7.81 -79.03
C LEU B 81 63.21 8.35 -80.38
N LEU B 82 62.09 9.08 -80.41
CA LEU B 82 61.65 9.70 -81.66
C LEU B 82 62.68 10.69 -82.19
N GLY B 83 63.42 11.35 -81.31
CA GLY B 83 64.41 12.32 -81.77
C GLY B 83 65.58 11.66 -82.49
N ILE B 84 66.16 10.62 -81.88
CA ILE B 84 67.30 9.92 -82.47
C ILE B 84 66.91 9.06 -83.66
N TRP B 85 65.61 8.91 -83.92
CA TRP B 85 65.07 8.25 -85.10
C TRP B 85 64.63 9.23 -86.18
N GLY B 86 64.91 10.53 -85.99
CA GLY B 86 64.53 11.58 -86.92
C GLY B 86 63.05 11.81 -87.10
N CYS B 87 62.28 11.61 -86.05
CA CYS B 87 60.82 11.76 -86.04
C CYS B 87 60.41 12.68 -84.91
N SER B 88 61.27 13.63 -84.57
CA SER B 88 61.10 14.42 -83.36
C SER B 88 59.80 15.22 -83.37
N GLY B 89 59.53 15.95 -84.45
CA GLY B 89 58.40 16.86 -84.42
C GLY B 89 57.05 16.22 -84.61
N LYS B 90 57.00 14.98 -85.09
CA LYS B 90 55.75 14.38 -85.52
C LYS B 90 55.42 13.19 -84.64
N LEU B 91 54.11 12.93 -84.49
CA LEU B 91 53.64 11.71 -83.84
C LEU B 91 53.52 10.53 -84.80
N ILE B 92 53.30 10.82 -86.09
CA ILE B 92 53.27 9.78 -87.12
C ILE B 92 54.33 10.15 -88.14
N CYS B 93 55.31 9.27 -88.31
CA CYS B 93 56.36 9.43 -89.31
C CYS B 93 56.54 8.12 -90.04
N CYS B 94 56.79 8.21 -91.34
CA CYS B 94 57.09 7.02 -92.12
C CYS B 94 58.60 6.94 -92.28
N THR B 95 59.11 5.73 -92.39
CA THR B 95 60.56 5.57 -92.39
C THR B 95 61.00 4.82 -93.64
N ASN B 96 62.29 4.49 -93.69
CA ASN B 96 62.86 3.71 -94.78
C ASN B 96 63.14 2.27 -94.39
N VAL B 97 63.04 1.93 -93.10
CA VAL B 97 63.39 0.59 -92.65
C VAL B 97 62.34 -0.40 -93.14
N LEU B 98 62.79 -1.47 -93.78
CA LEU B 98 61.90 -2.46 -94.34
C LEU B 98 61.19 -3.24 -93.23
N TRP B 99 59.98 -3.69 -93.54
CA TRP B 99 59.24 -4.61 -92.67
C TRP B 99 59.57 -6.02 -93.13
N ASN B 100 60.41 -6.72 -92.38
CA ASN B 100 60.69 -8.11 -92.69
C ASN B 100 59.46 -8.97 -92.42
N THR B 101 59.11 -9.81 -93.39
CA THR B 101 57.87 -10.59 -93.30
C THR B 101 57.88 -11.57 -92.14
N THR B 102 59.05 -11.92 -91.61
CA THR B 102 59.10 -12.76 -90.42
C THR B 102 58.50 -12.08 -89.21
N TRP B 103 58.37 -10.75 -89.24
CA TRP B 103 57.61 -9.99 -88.24
C TRP B 103 56.10 -10.14 -88.47
N SER B 104 55.70 -11.35 -88.87
CA SER B 104 54.35 -11.86 -89.06
C SER B 104 53.86 -11.44 -90.45
N ASN B 105 53.18 -12.34 -91.14
CA ASN B 105 52.66 -12.08 -92.47
C ASN B 105 51.19 -11.66 -92.38
N LYS B 106 50.90 -10.42 -92.77
CA LYS B 106 49.53 -9.95 -92.84
C LYS B 106 49.44 -8.89 -93.94
N THR B 107 48.23 -8.39 -94.15
CA THR B 107 47.96 -7.35 -95.13
C THR B 107 47.56 -6.06 -94.41
N TYR B 108 47.40 -5.00 -95.20
CA TYR B 108 47.01 -3.70 -94.65
C TYR B 108 45.63 -3.78 -94.01
N ASN B 109 44.67 -4.39 -94.71
CA ASN B 109 43.31 -4.44 -94.20
C ASN B 109 43.16 -5.42 -93.05
N ASP B 110 43.92 -6.52 -93.07
CA ASP B 110 43.87 -7.50 -91.98
C ASP B 110 44.47 -6.95 -90.69
N ILE B 111 45.21 -5.85 -90.75
CA ILE B 111 45.84 -5.27 -89.57
C ILE B 111 45.09 -4.04 -89.08
N TRP B 112 44.79 -3.10 -89.98
CA TRP B 112 44.26 -1.80 -89.58
C TRP B 112 42.74 -1.76 -89.50
N ASP B 113 42.03 -2.76 -90.04
CA ASP B 113 40.57 -2.70 -90.03
C ASP B 113 39.93 -3.96 -89.44
N ASN B 114 40.68 -4.77 -88.70
CA ASN B 114 40.08 -6.00 -88.18
C ASN B 114 40.73 -6.36 -86.84
N MET B 115 41.82 -5.69 -86.49
CA MET B 115 42.57 -5.96 -85.27
C MET B 115 42.71 -4.68 -84.47
N THR B 116 42.82 -4.83 -83.15
CA THR B 116 43.10 -3.73 -82.25
C THR B 116 44.60 -3.65 -81.91
N TRP B 117 45.02 -2.45 -81.51
CA TRP B 117 46.41 -2.19 -81.15
C TRP B 117 46.89 -3.07 -80.00
N LEU B 118 45.99 -3.49 -79.13
CA LEU B 118 46.38 -4.34 -78.01
C LEU B 118 46.92 -5.69 -78.49
N GLN B 119 46.08 -6.46 -79.18
CA GLN B 119 46.52 -7.75 -79.71
C GLN B 119 47.61 -7.61 -80.76
N TRP B 120 47.71 -6.45 -81.41
CA TRP B 120 48.82 -6.19 -82.33
C TRP B 120 50.15 -6.04 -81.58
N ASP B 121 50.18 -5.22 -80.54
CA ASP B 121 51.40 -5.02 -79.75
C ASP B 121 51.90 -6.33 -79.14
N LYS B 122 50.99 -7.25 -78.85
CA LYS B 122 51.38 -8.56 -78.32
C LYS B 122 52.03 -9.41 -79.41
N GLU B 123 51.55 -9.27 -80.65
CA GLU B 123 52.09 -10.04 -81.77
C GLU B 123 53.47 -9.56 -82.19
N ILE B 124 53.79 -8.28 -81.99
CA ILE B 124 55.05 -7.70 -82.47
C ILE B 124 56.03 -7.41 -81.33
N SER B 125 55.64 -7.61 -80.09
CA SER B 125 56.55 -7.45 -78.95
C SER B 125 57.85 -8.23 -79.08
N ASN B 126 57.90 -9.25 -79.96
CA ASN B 126 59.09 -10.07 -80.09
C ASN B 126 60.24 -9.32 -80.76
N TYR B 127 59.95 -8.49 -81.75
CA TYR B 127 60.97 -7.86 -82.57
C TYR B 127 61.08 -6.36 -82.35
N THR B 128 60.40 -5.81 -81.34
CA THR B 128 60.45 -4.37 -81.08
C THR B 128 61.88 -3.91 -80.85
N ASP B 129 62.71 -4.73 -80.19
CA ASP B 129 64.09 -4.33 -79.95
C ASP B 129 64.91 -4.36 -81.24
N ILE B 130 64.75 -5.43 -82.03
CA ILE B 130 65.46 -5.53 -83.31
C ILE B 130 65.09 -4.36 -84.21
N ILE B 131 63.80 -4.05 -84.29
CA ILE B 131 63.35 -2.94 -85.15
C ILE B 131 63.93 -1.63 -84.66
N TYR B 132 63.97 -1.42 -83.34
CA TYR B 132 64.55 -0.19 -82.80
C TYR B 132 66.02 -0.07 -83.14
N GLY B 133 66.75 -1.19 -83.11
CA GLY B 133 68.16 -1.14 -83.47
C GLY B 133 68.37 -0.78 -84.93
N LEU B 134 67.61 -1.42 -85.83
CA LEU B 134 67.63 -1.01 -87.23
C LEU B 134 67.14 0.41 -87.40
N ILE B 135 66.10 0.79 -86.67
CA ILE B 135 65.53 2.13 -86.85
C ILE B 135 66.57 3.20 -86.53
N GLU B 136 67.39 2.99 -85.50
CA GLU B 136 68.36 4.03 -85.18
C GLU B 136 69.62 3.93 -86.03
N GLU B 137 70.02 2.71 -86.41
CA GLU B 137 71.27 2.59 -87.17
C GLU B 137 71.03 2.67 -88.68
N SER B 138 70.14 1.81 -89.18
CA SER B 138 70.02 1.58 -90.61
C SER B 138 69.65 2.84 -91.37
N GLN B 139 68.68 3.60 -90.85
CA GLN B 139 68.25 4.81 -91.54
C GLN B 139 68.82 6.10 -90.95
N ILE B 140 68.32 6.58 -89.80
CA ILE B 140 68.68 7.91 -89.32
C ILE B 140 70.20 8.04 -89.23
N GLN B 141 70.87 7.04 -88.66
CA GLN B 141 72.31 7.20 -88.54
C GLN B 141 73.00 7.05 -89.89
N GLN B 142 72.43 6.29 -90.83
CA GLN B 142 73.04 6.34 -92.16
C GLN B 142 72.52 7.51 -92.98
N GLU B 143 71.20 7.78 -92.94
CA GLU B 143 70.65 8.85 -93.75
C GLU B 143 71.21 10.21 -93.35
N LYS B 144 71.37 10.43 -92.05
CA LYS B 144 71.84 11.71 -91.51
C LYS B 144 73.34 11.88 -91.69
N ASN B 145 74.09 10.80 -91.49
CA ASN B 145 75.52 10.86 -91.72
C ASN B 145 75.84 11.11 -93.17
N GLU B 146 75.17 10.40 -94.08
CA GLU B 146 75.38 10.74 -95.48
C GLU B 146 74.84 12.12 -95.79
N GLN B 147 73.79 12.56 -95.07
CA GLN B 147 73.27 13.90 -95.28
C GLN B 147 74.23 14.96 -94.76
N ASP B 148 74.93 14.67 -93.67
CA ASP B 148 75.92 15.61 -93.18
C ASP B 148 77.15 15.67 -94.08
N LEU B 149 77.65 14.52 -94.54
CA LEU B 149 78.81 14.55 -95.40
C LEU B 149 78.51 15.07 -96.80
N LEU B 150 77.24 15.09 -97.21
CA LEU B 150 76.83 15.57 -98.51
C LEU B 150 76.61 17.08 -98.55
N ALA B 151 75.84 17.61 -97.60
CA ALA B 151 75.67 19.06 -97.48
C ALA B 151 76.88 19.77 -96.90
N LEU B 152 77.64 19.13 -96.02
CA LEU B 152 78.84 19.81 -95.52
C LEU B 152 79.93 19.90 -96.57
N ASP B 153 79.82 19.10 -97.64
CA ASP B 153 80.78 18.98 -98.75
C ASP B 153 82.17 19.57 -98.50
N LEU C 7 -51.52 -45.02 89.05
CA LEU C 7 -51.94 -45.08 87.65
C LEU C 7 -53.20 -44.25 87.42
N TRP C 8 -53.03 -43.04 86.90
CA TRP C 8 -54.14 -42.14 86.63
C TRP C 8 -53.82 -41.34 85.38
N VAL C 9 -54.82 -41.22 84.49
CA VAL C 9 -54.61 -40.46 83.26
C VAL C 9 -54.46 -38.98 83.59
N THR C 10 -53.59 -38.31 82.86
CA THR C 10 -53.34 -36.88 83.06
C THR C 10 -53.19 -36.21 81.70
N VAL C 11 -53.68 -34.97 81.61
CA VAL C 11 -53.67 -34.21 80.37
C VAL C 11 -52.48 -33.25 80.38
N TYR C 12 -51.78 -33.18 79.26
CA TYR C 12 -50.65 -32.27 79.09
C TYR C 12 -50.86 -31.51 77.78
N TYR C 13 -51.39 -30.29 77.87
CA TYR C 13 -51.63 -29.47 76.69
C TYR C 13 -50.34 -28.83 76.22
N GLY C 14 -49.98 -29.07 74.96
CA GLY C 14 -48.77 -28.51 74.40
C GLY C 14 -47.59 -29.45 74.47
N VAL C 15 -47.78 -30.69 74.03
CA VAL C 15 -46.70 -31.67 74.00
C VAL C 15 -46.03 -31.62 72.63
N PRO C 16 -44.71 -31.73 72.56
CA PRO C 16 -44.03 -31.71 71.25
C PRO C 16 -44.35 -32.95 70.42
N VAL C 17 -45.57 -33.01 69.88
CA VAL C 17 -46.03 -34.12 69.06
C VAL C 17 -46.69 -33.58 67.81
N TRP C 18 -46.36 -34.17 66.66
CA TRP C 18 -46.89 -33.74 65.38
C TRP C 18 -47.25 -34.95 64.53
N LYS C 19 -47.97 -34.69 63.45
CA LYS C 19 -48.36 -35.71 62.49
C LYS C 19 -48.23 -35.16 61.08
N ASP C 20 -48.37 -36.05 60.10
CA ASP C 20 -48.25 -35.68 58.69
C ASP C 20 -49.61 -35.22 58.16
N ALA C 21 -49.63 -34.02 57.58
CA ALA C 21 -50.83 -33.47 56.98
C ALA C 21 -50.41 -32.32 56.07
N VAL C 22 -51.38 -31.52 55.64
CA VAL C 22 -51.13 -30.39 54.76
C VAL C 22 -52.28 -29.40 54.92
N THR C 23 -51.97 -28.12 54.95
CA THR C 23 -52.94 -27.06 55.10
C THR C 23 -52.80 -26.06 53.94
N THR C 24 -53.46 -24.92 54.10
CA THR C 24 -53.44 -23.85 53.11
C THR C 24 -52.27 -22.93 53.41
N LEU C 25 -51.15 -23.15 52.71
CA LEU C 25 -50.00 -22.27 52.81
C LEU C 25 -50.32 -20.91 52.21
N PHE C 26 -49.33 -20.03 52.17
CA PHE C 26 -49.54 -18.68 51.63
C PHE C 26 -48.19 -18.07 51.29
N CYS C 27 -48.23 -16.82 50.82
CA CYS C 27 -47.07 -16.10 50.33
C CYS C 27 -46.33 -15.40 51.46
N ALA C 28 -45.07 -15.10 51.20
CA ALA C 28 -44.30 -14.19 52.06
C ALA C 28 -43.13 -13.66 51.24
N SER C 29 -43.16 -12.37 50.93
CA SER C 29 -42.12 -11.72 50.16
C SER C 29 -41.85 -10.34 50.73
N ASP C 30 -40.58 -9.95 50.74
CA ASP C 30 -40.22 -8.64 51.26
C ASP C 30 -40.85 -7.54 50.41
N ALA C 31 -41.38 -6.52 51.08
CA ALA C 31 -42.13 -5.47 50.40
C ALA C 31 -41.17 -4.48 49.77
N LYS C 32 -41.11 -4.48 48.44
CA LYS C 32 -40.38 -3.48 47.68
C LYS C 32 -41.38 -2.50 47.08
N ALA C 33 -41.15 -1.20 47.29
CA ALA C 33 -42.09 -0.19 46.84
C ALA C 33 -42.29 -0.26 45.33
N TYR C 34 -41.20 -0.13 44.56
CA TYR C 34 -41.23 -0.16 43.10
C TYR C 34 -42.24 0.84 42.55
N SER C 35 -42.11 2.10 43.01
CA SER C 35 -43.07 3.13 42.66
C SER C 35 -43.05 3.46 41.17
N THR C 36 -41.99 3.09 40.45
CA THR C 36 -41.90 3.37 39.02
C THR C 36 -42.49 2.25 38.18
N GLU C 37 -42.21 1.00 38.54
CA GLU C 37 -42.74 -0.16 37.81
C GLU C 37 -43.19 -1.20 38.84
N VAL C 38 -44.49 -1.48 38.86
CA VAL C 38 -45.04 -2.40 39.85
C VAL C 38 -45.80 -3.53 39.16
N HIS C 39 -46.53 -4.32 39.95
CA HIS C 39 -47.50 -5.30 39.46
C HIS C 39 -46.86 -6.43 38.66
N ASN C 40 -45.89 -7.11 39.28
CA ASN C 40 -45.48 -8.40 38.75
C ASN C 40 -46.46 -9.47 39.22
N VAL C 41 -46.60 -10.53 38.42
CA VAL C 41 -47.71 -11.47 38.60
C VAL C 41 -47.64 -12.14 39.97
N TRP C 42 -46.44 -12.49 40.43
CA TRP C 42 -46.32 -13.28 41.65
C TRP C 42 -46.53 -12.44 42.90
N ALA C 43 -45.85 -11.30 43.00
CA ALA C 43 -46.04 -10.43 44.16
C ALA C 43 -47.42 -9.80 44.18
N THR C 44 -48.03 -9.62 43.00
CA THR C 44 -49.40 -9.09 42.87
C THR C 44 -49.47 -7.72 43.53
N HIS C 45 -50.65 -7.33 44.02
CA HIS C 45 -50.78 -6.06 44.70
C HIS C 45 -50.24 -6.16 46.13
N ALA C 46 -50.22 -7.35 46.70
CA ALA C 46 -49.80 -7.51 48.09
C ALA C 46 -49.42 -8.97 48.34
N CYS C 47 -48.19 -9.19 48.79
CA CYS C 47 -47.77 -10.44 49.39
C CYS C 47 -47.38 -10.16 50.84
N VAL C 48 -47.66 -11.13 51.71
CA VAL C 48 -47.37 -10.95 53.14
C VAL C 48 -45.89 -10.67 53.32
N PRO C 49 -45.48 -9.73 54.18
CA PRO C 49 -44.06 -9.48 54.38
C PRO C 49 -43.40 -10.62 55.14
N THR C 50 -42.07 -10.64 55.09
CA THR C 50 -41.28 -11.67 55.75
C THR C 50 -40.90 -11.21 57.15
N ASP C 51 -40.23 -12.09 57.89
CA ASP C 51 -39.73 -11.74 59.21
C ASP C 51 -38.34 -11.15 59.08
N PRO C 52 -38.05 -10.03 59.76
CA PRO C 52 -36.71 -9.44 59.65
C PRO C 52 -35.60 -10.36 60.11
N ASN C 53 -35.85 -11.22 61.10
CA ASN C 53 -34.87 -12.19 61.59
C ASN C 53 -35.41 -13.59 61.37
N PRO C 54 -34.96 -14.31 60.34
CA PRO C 54 -35.45 -15.67 60.10
C PRO C 54 -35.06 -16.63 61.22
N GLN C 55 -35.96 -16.84 62.19
CA GLN C 55 -35.68 -17.75 63.29
C GLN C 55 -35.67 -19.18 62.77
N GLU C 56 -34.48 -19.78 62.71
CA GLU C 56 -34.32 -21.17 62.29
C GLU C 56 -33.88 -21.98 63.51
N MET C 57 -34.79 -22.81 64.03
CA MET C 57 -34.51 -23.60 65.21
C MET C 57 -34.11 -25.01 64.81
N PRO C 58 -32.93 -25.48 65.19
CA PRO C 58 -32.55 -26.85 64.89
C PRO C 58 -33.26 -27.84 65.80
N LEU C 59 -33.37 -29.08 65.31
CA LEU C 59 -34.01 -30.16 66.04
C LEU C 59 -33.02 -31.31 66.18
N GLU C 60 -32.76 -31.72 67.42
CA GLU C 60 -31.78 -32.75 67.73
C GLU C 60 -32.47 -34.08 67.97
N ASN C 61 -31.78 -35.16 67.60
CA ASN C 61 -32.28 -36.53 67.75
C ASN C 61 -33.61 -36.75 67.04
N VAL C 62 -33.84 -36.01 65.96
CA VAL C 62 -35.08 -36.11 65.19
C VAL C 62 -34.78 -36.87 63.91
N THR C 63 -35.27 -38.10 63.84
CA THR C 63 -35.12 -38.95 62.66
C THR C 63 -36.45 -38.98 61.92
N GLU C 64 -36.50 -38.33 60.76
CA GLU C 64 -37.73 -38.23 60.00
C GLU C 64 -37.43 -38.43 58.52
N ASN C 65 -38.37 -39.05 57.83
CA ASN C 65 -38.24 -39.35 56.41
C ASN C 65 -38.92 -38.25 55.59
N PHE C 66 -38.15 -37.62 54.70
CA PHE C 66 -38.69 -36.64 53.78
C PHE C 66 -39.07 -37.30 52.46
N ASN C 67 -40.01 -36.67 51.77
CA ASN C 67 -40.49 -37.16 50.48
C ASN C 67 -40.75 -35.97 49.58
N VAL C 68 -39.87 -35.74 48.61
CA VAL C 68 -40.04 -34.65 47.66
C VAL C 68 -40.95 -35.05 46.51
N TRP C 69 -40.86 -36.29 46.04
CA TRP C 69 -41.67 -36.74 44.91
C TRP C 69 -43.14 -36.92 45.28
N LYS C 70 -43.48 -36.91 46.57
CA LYS C 70 -44.87 -36.96 47.01
C LYS C 70 -45.26 -35.76 47.86
N ASN C 71 -44.41 -34.74 47.92
CA ASN C 71 -44.74 -33.52 48.67
C ASN C 71 -45.82 -32.75 47.92
N ASP C 72 -47.00 -32.64 48.52
CA ASP C 72 -48.11 -31.95 47.86
C ASP C 72 -47.89 -30.45 47.75
N MET C 73 -46.87 -29.91 48.41
CA MET C 73 -46.57 -28.49 48.28
C MET C 73 -46.16 -28.14 46.85
N VAL C 74 -45.54 -29.08 46.14
CA VAL C 74 -45.17 -28.83 44.75
C VAL C 74 -46.40 -28.66 43.88
N GLU C 75 -47.42 -29.51 44.08
CA GLU C 75 -48.66 -29.37 43.34
C GLU C 75 -49.37 -28.06 43.69
N GLN C 76 -49.42 -27.74 44.99
CA GLN C 76 -50.10 -26.51 45.41
C GLN C 76 -49.41 -25.27 44.84
N MET C 77 -48.09 -25.30 44.75
CA MET C 77 -47.38 -24.20 44.10
C MET C 77 -47.70 -24.17 42.61
N HIS C 78 -47.65 -25.33 41.95
CA HIS C 78 -47.96 -25.39 40.53
C HIS C 78 -49.38 -24.92 40.24
N GLU C 79 -50.30 -25.16 41.17
CA GLU C 79 -51.66 -24.64 41.01
C GLU C 79 -51.70 -23.13 41.19
N ASP C 80 -51.00 -22.61 42.19
CA ASP C 80 -51.00 -21.17 42.44
C ASP C 80 -50.32 -20.40 41.31
N ILE C 81 -49.29 -21.00 40.69
CA ILE C 81 -48.61 -20.34 39.58
C ILE C 81 -49.57 -20.16 38.41
N ILE C 82 -50.21 -21.25 37.99
CA ILE C 82 -51.16 -21.17 36.88
C ILE C 82 -52.31 -20.23 37.20
N ASN C 83 -52.73 -20.21 38.47
CA ASN C 83 -53.77 -19.28 38.88
C ASN C 83 -53.30 -17.83 38.79
N LEU C 84 -52.11 -17.56 39.35
CA LEU C 84 -51.58 -16.20 39.30
C LEU C 84 -51.42 -15.70 37.87
N TRP C 85 -50.98 -16.59 36.97
CA TRP C 85 -50.87 -16.23 35.55
C TRP C 85 -52.23 -15.83 34.99
N ASP C 86 -53.26 -16.65 35.26
CA ASP C 86 -54.58 -16.38 34.70
C ASP C 86 -55.17 -15.09 35.25
N GLN C 87 -54.83 -14.71 36.48
CA GLN C 87 -55.30 -13.45 37.02
C GLN C 87 -54.67 -12.25 36.33
N SER C 88 -53.51 -12.45 35.68
CA SER C 88 -52.83 -11.37 34.96
C SER C 88 -53.13 -11.36 33.48
N LEU C 89 -53.84 -12.36 32.95
CA LEU C 89 -54.16 -12.42 31.54
C LEU C 89 -55.60 -12.03 31.23
N LYS C 90 -56.50 -12.09 32.22
CA LYS C 90 -57.90 -11.78 31.95
C LYS C 90 -58.12 -10.31 31.62
N PRO C 91 -57.71 -9.34 32.45
CA PRO C 91 -58.10 -7.95 32.18
C PRO C 91 -57.38 -7.32 31.00
N CYS C 92 -56.24 -7.87 30.58
CA CYS C 92 -55.48 -7.27 29.50
C CYS C 92 -56.19 -7.50 28.15
N VAL C 93 -55.56 -7.04 27.09
CA VAL C 93 -56.20 -7.03 25.77
C VAL C 93 -56.40 -8.46 25.28
N LYS C 94 -57.63 -8.79 24.92
CA LYS C 94 -57.95 -10.09 24.33
C LYS C 94 -57.65 -10.02 22.83
N LEU C 95 -56.55 -10.65 22.42
CA LEU C 95 -56.15 -10.59 21.02
C LEU C 95 -57.07 -11.40 20.13
N THR C 96 -58.30 -10.93 19.95
CA THR C 96 -59.22 -11.49 18.97
C THR C 96 -59.27 -10.64 17.70
N PRO C 97 -59.21 -9.25 17.80
CA PRO C 97 -59.08 -8.43 16.59
C PRO C 97 -57.67 -8.42 16.00
N LEU C 98 -57.07 -9.61 15.89
CA LEU C 98 -55.74 -9.75 15.29
C LEU C 98 -55.58 -10.93 14.36
N CYS C 99 -56.48 -11.91 14.39
CA CYS C 99 -56.39 -13.10 13.53
C CYS C 99 -56.89 -12.74 12.13
N VAL C 100 -56.06 -12.02 11.39
CA VAL C 100 -56.39 -11.60 10.04
C VAL C 100 -55.43 -12.29 9.07
N THR C 101 -55.76 -12.22 7.79
CA THR C 101 -54.88 -12.71 6.74
C THR C 101 -53.66 -11.80 6.65
N LEU C 102 -52.47 -12.39 6.78
CA LEU C 102 -51.22 -11.63 6.83
C LEU C 102 -50.47 -11.86 5.53
N ASN C 103 -50.56 -10.89 4.62
CA ASN C 103 -49.83 -10.93 3.35
C ASN C 103 -48.37 -10.56 3.65
N CYS C 104 -47.60 -11.58 4.05
CA CYS C 104 -46.25 -11.37 4.53
C CYS C 104 -45.24 -11.44 3.38
N SER C 105 -44.22 -10.59 3.47
CA SER C 105 -43.08 -10.61 2.58
C SER C 105 -41.82 -10.95 3.37
N ASN C 106 -40.91 -11.67 2.73
CA ASN C 106 -39.67 -12.05 3.38
C ASN C 106 -38.87 -10.82 3.76
N PHE C 107 -38.57 -10.69 5.05
CA PHE C 107 -37.88 -9.51 5.55
C PHE C 107 -36.47 -9.41 4.98
N SER C 108 -36.02 -8.18 4.78
CA SER C 108 -34.69 -7.90 4.24
C SER C 108 -33.60 -8.37 5.20
N GLY C 123 -34.46 -17.60 6.16
CA GLY C 123 -35.02 -16.41 6.76
C GLY C 123 -36.10 -16.68 7.80
N GLU C 124 -35.88 -16.17 9.01
CA GLU C 124 -36.94 -16.18 10.02
C GLU C 124 -37.88 -15.01 9.73
N ILE C 125 -37.98 -14.06 10.67
CA ILE C 125 -38.70 -12.78 10.59
C ILE C 125 -39.36 -12.44 9.25
N LYS C 126 -40.63 -12.00 9.29
CA LYS C 126 -41.38 -11.64 8.09
C LYS C 126 -41.99 -10.24 8.23
N ASN C 127 -41.98 -9.48 7.13
CA ASN C 127 -42.62 -8.16 7.06
C ASN C 127 -43.99 -8.34 6.44
N CYS C 128 -45.04 -8.26 7.26
CA CYS C 128 -46.40 -8.56 6.84
C CYS C 128 -47.23 -7.29 6.66
N SER C 129 -48.30 -7.43 5.89
CA SER C 129 -49.29 -6.38 5.69
C SER C 129 -50.67 -6.97 5.90
N PHE C 130 -51.55 -6.21 6.55
CA PHE C 130 -52.86 -6.74 6.92
C PHE C 130 -53.84 -5.58 7.13
N ASN C 131 -55.10 -5.94 7.32
CA ASN C 131 -56.18 -4.99 7.56
C ASN C 131 -56.78 -5.28 8.93
N VAL C 132 -56.76 -4.27 9.81
CA VAL C 132 -57.33 -4.41 11.14
C VAL C 132 -58.49 -3.44 11.29
N THR C 133 -58.80 -3.07 12.53
CA THR C 133 -59.83 -2.09 12.83
C THR C 133 -59.23 -0.93 13.61
N THR C 134 -59.69 0.28 13.32
CA THR C 134 -59.20 1.47 13.99
C THR C 134 -60.01 1.72 15.26
N GLY C 135 -60.01 2.95 15.76
CA GLY C 135 -60.95 3.31 16.81
C GLY C 135 -62.39 3.18 16.35
N LEU C 136 -62.64 3.41 15.07
CA LEU C 136 -63.93 3.14 14.47
C LEU C 136 -64.03 1.66 14.08
N LYS C 137 -65.24 1.23 13.78
CA LYS C 137 -65.45 -0.15 13.35
C LYS C 137 -65.45 -0.29 11.84
N ASP C 138 -66.21 0.54 11.14
CA ASP C 138 -66.23 0.48 9.68
C ASP C 138 -64.90 0.95 9.11
N LYS C 139 -64.27 1.94 9.73
CA LYS C 139 -62.94 2.38 9.31
C LYS C 139 -61.91 1.33 9.69
N LYS C 140 -61.32 0.68 8.69
CA LYS C 140 -60.33 -0.36 8.89
C LYS C 140 -58.93 0.21 8.82
N GLN C 141 -57.97 -0.55 9.37
CA GLN C 141 -56.60 -0.09 9.55
C GLN C 141 -55.68 -0.93 8.66
N LYS C 142 -55.07 -0.28 7.67
CA LYS C 142 -54.07 -0.92 6.82
C LYS C 142 -52.71 -0.67 7.45
N MET C 143 -52.16 -1.71 8.10
CA MET C 143 -50.93 -1.58 8.87
C MET C 143 -49.98 -2.71 8.56
N ASP C 144 -48.77 -2.60 9.12
CA ASP C 144 -47.71 -3.59 8.98
C ASP C 144 -47.23 -4.00 10.36
N ALA C 145 -46.39 -5.03 10.38
CA ALA C 145 -45.81 -5.53 11.63
C ALA C 145 -44.65 -6.46 11.27
N LEU C 146 -43.99 -6.98 12.31
CA LEU C 146 -42.88 -7.90 12.15
C LEU C 146 -42.96 -8.95 13.24
N PHE C 147 -42.90 -10.22 12.85
CA PHE C 147 -42.96 -11.33 13.79
C PHE C 147 -41.93 -12.37 13.37
N HIS C 148 -41.87 -13.47 14.11
CA HIS C 148 -40.97 -14.57 13.82
C HIS C 148 -41.68 -15.64 13.00
N ARG C 149 -40.89 -16.58 12.49
CA ARG C 149 -41.46 -17.63 11.64
C ARG C 149 -42.35 -18.57 12.44
N ARG C 150 -42.04 -18.79 13.72
CA ARG C 150 -42.85 -19.64 14.57
C ARG C 150 -44.09 -18.94 15.10
N ASP C 151 -44.39 -17.74 14.61
CA ASP C 151 -45.58 -17.00 15.02
C ASP C 151 -46.74 -17.15 14.06
N VAL C 152 -46.46 -17.30 12.76
CA VAL C 152 -47.51 -17.42 11.75
C VAL C 152 -47.16 -18.57 10.80
N VAL C 153 -48.19 -19.09 10.15
CA VAL C 153 -48.04 -20.14 9.14
C VAL C 153 -48.92 -19.78 7.94
N GLN C 154 -48.55 -20.29 6.78
CA GLN C 154 -49.29 -19.97 5.56
C GLN C 154 -50.60 -20.75 5.53
N ILE C 155 -51.48 -20.31 4.63
CA ILE C 155 -52.79 -20.96 4.45
C ILE C 155 -52.94 -21.40 3.01
N ASN C 160 -48.29 -13.70 -3.68
CA ASN C 160 -47.52 -14.35 -2.64
C ASN C 160 -48.43 -15.13 -1.70
N SER C 161 -47.83 -15.88 -0.76
CA SER C 161 -48.59 -16.66 0.18
C SER C 161 -49.13 -15.79 1.31
N TYR C 162 -50.25 -16.21 1.87
CA TYR C 162 -50.91 -15.50 2.96
C TYR C 162 -50.75 -16.28 4.26
N TYR C 163 -50.52 -15.55 5.35
CA TYR C 163 -50.19 -16.17 6.62
C TYR C 163 -51.23 -15.83 7.69
N MET C 164 -51.21 -16.63 8.75
CA MET C 164 -52.11 -16.45 9.88
C MET C 164 -51.38 -16.87 11.15
N LEU C 165 -51.63 -16.15 12.24
CA LEU C 165 -51.04 -16.49 13.53
C LEU C 165 -51.38 -17.93 13.90
N ILE C 166 -50.42 -18.62 14.51
CA ILE C 166 -50.50 -20.08 14.64
C ILE C 166 -51.66 -20.48 15.56
N SER C 167 -51.87 -19.75 16.64
CA SER C 167 -52.84 -20.14 17.65
C SER C 167 -54.26 -19.65 17.35
N CYS C 168 -54.51 -19.16 16.13
CA CYS C 168 -55.83 -18.62 15.81
C CYS C 168 -56.89 -19.70 15.59
N ASN C 169 -56.48 -20.97 15.45
CA ASN C 169 -57.42 -22.06 15.26
C ASN C 169 -57.46 -23.01 16.45
N THR C 170 -56.78 -22.68 17.54
CA THR C 170 -56.71 -23.57 18.69
C THR C 170 -57.16 -22.90 19.98
N SER C 171 -56.36 -21.97 20.50
CA SER C 171 -56.60 -21.34 21.78
C SER C 171 -56.77 -19.84 21.61
N THR C 172 -57.57 -19.25 22.50
CA THR C 172 -57.86 -17.82 22.43
C THR C 172 -56.62 -17.01 22.76
N MET C 173 -56.14 -16.24 21.79
CA MET C 173 -54.96 -15.41 21.98
C MET C 173 -55.34 -14.12 22.72
N ALA C 174 -54.49 -13.73 23.65
CA ALA C 174 -54.74 -12.52 24.45
C ALA C 174 -53.40 -11.91 24.85
N GLN C 175 -53.19 -10.65 24.47
CA GLN C 175 -51.95 -9.97 24.79
C GLN C 175 -51.92 -9.62 26.28
N ALA C 176 -50.76 -9.81 26.89
CA ALA C 176 -50.55 -9.39 28.27
C ALA C 176 -50.27 -7.89 28.32
N CYS C 177 -50.63 -7.28 29.43
CA CYS C 177 -50.40 -5.85 29.59
C CYS C 177 -48.90 -5.57 29.59
N PRO C 178 -48.47 -4.45 28.99
CA PRO C 178 -47.04 -4.12 28.99
C PRO C 178 -46.52 -3.64 30.34
N LYS C 179 -47.35 -3.62 31.38
CA LYS C 179 -46.94 -3.18 32.71
C LYS C 179 -46.56 -4.33 33.64
N ILE C 180 -47.16 -5.50 33.46
CA ILE C 180 -46.86 -6.65 34.32
C ILE C 180 -45.61 -7.33 33.80
N THR C 181 -44.60 -7.45 34.65
CA THR C 181 -43.35 -8.09 34.29
C THR C 181 -43.43 -9.59 34.51
N PHE C 182 -42.48 -10.31 33.89
CA PHE C 182 -42.38 -11.75 34.03
C PHE C 182 -41.11 -12.16 34.75
N GLU C 183 -40.40 -11.22 35.37
CA GLU C 183 -39.17 -11.54 36.07
C GLU C 183 -39.48 -12.30 37.36
N PRO C 184 -38.81 -13.42 37.62
CA PRO C 184 -39.10 -14.18 38.83
C PRO C 184 -38.73 -13.40 40.09
N ILE C 185 -39.53 -13.62 41.13
CA ILE C 185 -39.30 -12.98 42.43
C ILE C 185 -39.30 -14.06 43.50
N PRO C 186 -38.35 -14.04 44.44
CA PRO C 186 -38.29 -15.09 45.47
C PRO C 186 -39.57 -15.12 46.30
N ILE C 187 -40.03 -16.33 46.59
CA ILE C 187 -41.24 -16.57 47.35
C ILE C 187 -40.88 -17.43 48.56
N HIS C 188 -41.34 -17.01 49.73
CA HIS C 188 -41.10 -17.74 50.98
C HIS C 188 -42.43 -18.33 51.45
N TYR C 189 -42.75 -19.53 50.97
CA TYR C 189 -44.00 -20.17 51.37
C TYR C 189 -43.93 -20.55 52.85
N CYS C 190 -44.98 -20.18 53.59
CA CYS C 190 -45.03 -20.37 55.03
C CYS C 190 -46.09 -21.39 55.40
N ALA C 191 -46.46 -21.42 56.68
CA ALA C 191 -47.51 -22.28 57.21
C ALA C 191 -48.03 -21.62 58.48
N PRO C 192 -49.34 -21.67 58.75
CA PRO C 192 -49.88 -20.98 59.93
C PRO C 192 -49.52 -21.69 61.23
N ALA C 193 -49.95 -21.14 62.35
CA ALA C 193 -49.75 -21.81 63.64
C ALA C 193 -50.51 -23.12 63.67
N GLY C 194 -50.00 -24.06 64.46
CA GLY C 194 -50.48 -25.43 64.44
C GLY C 194 -49.86 -26.28 63.36
N PHE C 195 -49.23 -25.67 62.36
CA PHE C 195 -48.49 -26.37 61.33
C PHE C 195 -47.06 -25.84 61.30
N ALA C 196 -46.15 -26.67 60.81
CA ALA C 196 -44.73 -26.30 60.79
C ALA C 196 -44.08 -26.84 59.54
N ILE C 197 -43.01 -26.16 59.10
CA ILE C 197 -42.23 -26.55 57.95
C ILE C 197 -40.91 -27.13 58.47
N LEU C 198 -40.66 -28.39 58.16
CA LEU C 198 -39.44 -29.07 58.57
C LEU C 198 -38.41 -29.00 57.46
N LYS C 199 -37.19 -28.56 57.81
CA LYS C 199 -36.11 -28.41 56.85
C LYS C 199 -35.00 -29.40 57.18
N CYS C 200 -34.68 -30.26 56.21
CA CYS C 200 -33.59 -31.23 56.37
C CYS C 200 -32.30 -30.58 55.88
N LYS C 201 -31.37 -30.36 56.81
CA LYS C 201 -30.10 -29.70 56.51
C LYS C 201 -29.00 -30.68 56.12
N ASP C 202 -29.37 -31.87 55.65
CA ASP C 202 -28.37 -32.84 55.23
C ASP C 202 -27.72 -32.40 53.93
N LYS C 203 -26.38 -32.35 53.92
CA LYS C 203 -25.64 -31.98 52.72
C LYS C 203 -25.75 -33.10 51.69
N GLY C 204 -25.15 -34.25 51.97
CA GLY C 204 -25.28 -35.40 51.11
C GLY C 204 -26.63 -36.07 51.31
N PHE C 205 -27.69 -35.43 50.81
CA PHE C 205 -29.06 -35.88 51.04
C PHE C 205 -29.62 -36.46 49.75
N ASN C 206 -29.82 -37.77 49.74
CA ASN C 206 -30.64 -38.37 48.69
C ASN C 206 -32.05 -37.80 48.79
N GLY C 207 -32.72 -37.71 47.63
CA GLY C 207 -33.96 -36.96 47.55
C GLY C 207 -34.99 -37.33 48.60
N THR C 208 -35.09 -38.61 48.92
CA THR C 208 -36.07 -39.10 49.90
C THR C 208 -35.37 -39.97 50.93
N GLY C 209 -36.09 -40.29 51.99
CA GLY C 209 -35.61 -41.14 53.05
C GLY C 209 -35.34 -40.37 54.33
N SER C 210 -34.74 -41.07 55.28
CA SER C 210 -34.43 -40.48 56.58
C SER C 210 -33.40 -39.37 56.45
N CYS C 211 -33.45 -38.42 57.37
CA CYS C 211 -32.52 -37.30 57.41
C CYS C 211 -32.05 -37.10 58.84
N LYS C 212 -30.74 -37.17 59.03
CA LYS C 212 -30.18 -37.09 60.39
C LYS C 212 -30.29 -35.70 60.97
N ASN C 213 -30.24 -34.67 60.13
CA ASN C 213 -30.22 -33.28 60.57
C ASN C 213 -31.49 -32.59 60.06
N VAL C 214 -32.51 -32.57 60.91
CA VAL C 214 -33.80 -31.95 60.60
C VAL C 214 -33.92 -30.66 61.41
N SER C 215 -34.36 -29.59 60.76
CA SER C 215 -34.60 -28.32 61.42
C SER C 215 -36.02 -27.86 61.10
N THR C 216 -36.54 -26.95 61.92
CA THR C 216 -37.90 -26.45 61.76
C THR C 216 -37.86 -24.95 61.49
N VAL C 217 -38.74 -24.51 60.59
CA VAL C 217 -38.89 -23.11 60.24
C VAL C 217 -40.37 -22.82 59.99
N GLN C 218 -40.72 -21.54 60.09
CA GLN C 218 -42.09 -21.11 59.77
C GLN C 218 -42.26 -20.76 58.30
N CYS C 219 -41.17 -20.47 57.59
CA CYS C 219 -41.22 -20.12 56.18
C CYS C 219 -39.99 -20.69 55.49
N THR C 220 -40.09 -20.80 54.17
CA THR C 220 -38.98 -21.28 53.35
C THR C 220 -38.06 -20.11 52.98
N HIS C 221 -37.05 -20.40 52.18
CA HIS C 221 -36.10 -19.39 51.74
C HIS C 221 -36.55 -18.79 50.41
N GLY C 222 -35.66 -18.05 49.75
CA GLY C 222 -35.98 -17.43 48.48
C GLY C 222 -36.08 -18.42 47.34
N ILE C 223 -37.29 -18.63 46.84
CA ILE C 223 -37.55 -19.56 45.74
C ILE C 223 -38.11 -18.76 44.56
N LYS C 224 -37.38 -18.75 43.46
CA LYS C 224 -37.83 -18.05 42.27
C LYS C 224 -38.63 -18.98 41.38
N PRO C 225 -39.83 -18.59 40.94
CA PRO C 225 -40.59 -19.43 40.01
C PRO C 225 -39.99 -19.43 38.62
N VAL C 226 -38.84 -20.07 38.46
CA VAL C 226 -38.11 -20.06 37.20
C VAL C 226 -38.80 -20.97 36.19
N VAL C 227 -39.69 -20.40 35.37
CA VAL C 227 -40.39 -21.15 34.33
C VAL C 227 -39.39 -21.48 33.22
N THR C 228 -38.77 -22.66 33.32
CA THR C 228 -37.76 -23.06 32.34
C THR C 228 -37.84 -24.56 32.13
N THR C 229 -37.35 -25.01 30.97
CA THR C 229 -37.31 -26.41 30.62
C THR C 229 -35.86 -26.86 30.51
N GLN C 230 -35.63 -28.15 30.75
CA GLN C 230 -34.30 -28.74 30.75
C GLN C 230 -33.38 -28.03 31.74
N LEU C 231 -32.74 -26.96 31.28
CA LEU C 231 -31.75 -26.26 32.11
C LEU C 231 -32.44 -25.44 33.19
N LEU C 232 -32.14 -25.74 34.44
CA LEU C 232 -32.65 -24.98 35.58
C LEU C 232 -31.74 -23.80 35.86
N LEU C 233 -32.31 -22.61 35.90
CA LEU C 233 -31.56 -21.37 36.08
C LEU C 233 -31.94 -20.71 37.39
N ASN C 234 -30.95 -20.10 38.05
CA ASN C 234 -31.15 -19.33 39.27
C ASN C 234 -31.80 -20.17 40.37
N GLY C 235 -31.41 -21.44 40.45
CA GLY C 235 -31.95 -22.35 41.44
C GLY C 235 -31.06 -22.47 42.66
N SER C 236 -31.40 -23.43 43.52
CA SER C 236 -30.62 -23.67 44.72
C SER C 236 -29.31 -24.37 44.38
N THR C 237 -28.35 -24.26 45.30
CA THR C 237 -27.03 -24.83 45.13
C THR C 237 -26.81 -25.92 46.16
N ALA C 238 -26.41 -27.11 45.71
CA ALA C 238 -26.11 -28.19 46.62
C ALA C 238 -24.78 -27.94 47.34
N GLU C 239 -24.47 -28.81 48.29
CA GLU C 239 -23.26 -28.69 49.09
C GLU C 239 -22.32 -29.85 48.79
N GLU C 240 -21.02 -29.55 48.82
CA GLU C 240 -19.97 -30.55 48.60
C GLU C 240 -20.11 -31.21 47.23
N GLU C 241 -20.68 -32.41 47.20
CA GLU C 241 -20.82 -33.16 45.97
C GLU C 241 -22.13 -32.81 45.26
N ILE C 242 -22.09 -32.88 43.93
CA ILE C 242 -23.29 -32.62 43.13
C ILE C 242 -24.33 -33.70 43.41
N VAL C 243 -25.46 -33.29 43.97
CA VAL C 243 -26.48 -34.23 44.42
C VAL C 243 -27.28 -34.72 43.21
N ILE C 244 -27.53 -36.02 43.18
CA ILE C 244 -28.30 -36.67 42.12
C ILE C 244 -29.59 -37.20 42.74
N ARG C 245 -30.73 -36.74 42.22
CA ARG C 245 -32.04 -37.09 42.76
C ARG C 245 -32.95 -37.58 41.65
N SER C 246 -33.46 -38.80 41.78
CA SER C 246 -34.43 -39.33 40.84
C SER C 246 -35.40 -40.23 41.59
N GLU C 247 -36.68 -40.18 41.20
CA GLU C 247 -37.69 -40.99 41.87
C GLU C 247 -37.42 -42.48 41.67
N ASN C 248 -36.96 -42.86 40.48
CA ASN C 248 -36.54 -44.23 40.22
C ASN C 248 -35.49 -44.20 39.12
N ILE C 249 -34.27 -44.64 39.44
CA ILE C 249 -33.17 -44.57 38.48
C ILE C 249 -33.35 -45.60 37.38
N THR C 250 -33.70 -46.83 37.76
CA THR C 250 -33.86 -47.90 36.78
C THR C 250 -35.08 -47.71 35.88
N ASP C 251 -35.96 -46.75 36.20
CA ASP C 251 -37.12 -46.45 35.37
C ASP C 251 -36.78 -45.25 34.50
N ASN C 252 -36.67 -45.46 33.18
CA ASN C 252 -36.37 -44.38 32.27
C ASN C 252 -37.52 -43.37 32.16
N ALA C 253 -38.75 -43.80 32.46
CA ALA C 253 -39.88 -42.88 32.40
C ALA C 253 -39.78 -41.78 33.45
N ARG C 254 -39.12 -42.07 34.57
CA ARG C 254 -38.94 -41.06 35.62
C ARG C 254 -37.86 -40.07 35.21
N THR C 255 -38.13 -38.79 35.39
CA THR C 255 -37.18 -37.75 35.01
C THR C 255 -36.19 -37.52 36.14
N ILE C 256 -34.91 -37.62 35.82
CA ILE C 256 -33.83 -37.43 36.79
C ILE C 256 -33.47 -35.95 36.84
N ILE C 257 -33.40 -35.42 38.05
CA ILE C 257 -33.06 -34.01 38.29
C ILE C 257 -31.78 -33.95 39.11
N VAL C 258 -30.90 -33.04 38.72
CA VAL C 258 -29.59 -32.89 39.38
C VAL C 258 -29.55 -31.50 40.02
N GLN C 259 -28.64 -31.36 41.00
CA GLN C 259 -28.42 -30.09 41.68
C GLN C 259 -26.92 -29.87 41.79
N LEU C 260 -26.39 -28.89 41.05
CA LEU C 260 -24.97 -28.62 41.03
C LEU C 260 -24.53 -27.99 42.35
N THR C 261 -23.21 -27.93 42.53
CA THR C 261 -22.59 -27.25 43.66
C THR C 261 -21.79 -26.03 43.25
N LYS C 262 -21.64 -25.78 41.95
CA LYS C 262 -20.89 -24.63 41.44
C LYS C 262 -21.73 -23.92 40.38
N PRO C 263 -22.16 -22.69 40.64
CA PRO C 263 -22.97 -21.98 39.65
C PRO C 263 -22.12 -21.50 38.48
N ILE C 264 -22.66 -21.67 37.27
CA ILE C 264 -22.00 -21.22 36.07
C ILE C 264 -22.56 -19.86 35.68
N ASN C 265 -21.93 -19.22 34.70
CA ASN C 265 -22.32 -17.89 34.24
C ASN C 265 -22.70 -17.96 32.77
N ILE C 266 -23.99 -18.15 32.51
CA ILE C 266 -24.51 -18.26 31.15
C ILE C 266 -25.08 -16.91 30.74
N ASN C 267 -24.89 -16.54 29.47
CA ASN C 267 -25.31 -15.24 28.96
C ASN C 267 -26.11 -15.43 27.67
N CYS C 268 -27.35 -14.98 27.67
CA CYS C 268 -28.20 -14.99 26.48
C CYS C 268 -28.49 -13.57 26.06
N THR C 269 -28.36 -13.29 24.77
CA THR C 269 -28.56 -11.94 24.24
C THR C 269 -29.39 -12.00 22.96
N ARG C 270 -30.34 -11.06 22.85
CA ARG C 270 -31.02 -10.82 21.59
C ARG C 270 -30.47 -9.54 21.01
N PRO C 271 -29.48 -9.60 20.10
CA PRO C 271 -28.81 -8.37 19.66
C PRO C 271 -29.61 -7.57 18.66
N GLY C 272 -30.92 -7.83 18.56
CA GLY C 272 -31.78 -7.05 17.69
C GLY C 272 -32.34 -5.83 18.39
N ASN C 273 -32.03 -4.64 17.88
CA ASN C 273 -32.49 -3.39 18.47
C ASN C 273 -33.92 -3.13 17.98
N ASN C 274 -34.86 -3.86 18.58
CA ASN C 274 -36.25 -3.80 18.16
C ASN C 274 -36.88 -2.47 18.59
N THR C 275 -38.03 -2.18 17.98
CA THR C 275 -38.82 -1.00 18.29
C THR C 275 -40.28 -1.41 18.48
N ARG C 276 -40.96 -0.70 19.38
CA ARG C 276 -42.34 -0.97 19.71
C ARG C 276 -43.25 0.04 19.04
N LYS C 277 -44.23 -0.45 18.29
CA LYS C 277 -45.20 0.40 17.60
C LYS C 277 -46.57 0.20 18.24
N SER C 278 -47.31 1.29 18.43
CA SER C 278 -48.58 1.27 19.12
C SER C 278 -49.72 1.58 18.14
N VAL C 279 -50.52 0.56 17.85
CA VAL C 279 -51.72 0.73 17.05
C VAL C 279 -52.91 0.82 17.99
N ARG C 280 -54.07 1.22 17.44
CA ARG C 280 -55.27 1.44 18.24
C ARG C 280 -56.42 0.65 17.61
N ILE C 281 -56.57 -0.60 18.03
CA ILE C 281 -57.70 -1.43 17.64
C ILE C 281 -58.78 -1.31 18.71
N GLY C 282 -58.97 -0.09 19.22
CA GLY C 282 -59.81 0.14 20.37
C GLY C 282 -61.29 -0.02 20.09
N PRO C 283 -62.13 0.62 20.93
CA PRO C 283 -61.75 1.51 22.04
C PRO C 283 -61.11 0.80 23.23
N GLY C 284 -60.04 1.39 23.76
CA GLY C 284 -59.37 0.83 24.92
C GLY C 284 -58.43 -0.30 24.61
N GLN C 285 -58.65 -0.97 23.48
CA GLN C 285 -57.84 -2.12 23.09
C GLN C 285 -56.62 -1.60 22.31
N THR C 286 -55.53 -1.39 23.02
CA THR C 286 -54.28 -0.98 22.41
C THR C 286 -53.38 -2.19 22.19
N PHE C 287 -52.68 -2.20 21.06
CA PHE C 287 -51.83 -3.32 20.69
C PHE C 287 -50.45 -2.81 20.35
N TYR C 288 -49.44 -3.38 20.99
CA TYR C 288 -48.04 -3.02 20.77
C TYR C 288 -47.37 -4.13 19.97
N ALA C 289 -46.84 -3.78 18.81
CA ALA C 289 -46.22 -4.74 17.90
C ALA C 289 -44.75 -4.38 17.70
N THR C 290 -44.11 -5.09 16.78
CA THR C 290 -42.70 -4.89 16.46
C THR C 290 -42.58 -4.14 15.15
N GLY C 291 -41.90 -3.01 15.18
CA GLY C 291 -41.65 -2.21 13.99
C GLY C 291 -40.26 -2.45 13.42
N ALA C 292 -39.84 -1.55 12.55
CA ALA C 292 -38.53 -1.65 11.91
C ALA C 292 -37.42 -1.56 12.96
N ILE C 293 -36.72 -2.67 13.18
CA ILE C 293 -35.67 -2.69 14.20
C ILE C 293 -34.46 -1.90 13.73
N ILE C 294 -33.58 -1.57 14.67
CA ILE C 294 -32.35 -0.85 14.37
C ILE C 294 -31.18 -1.78 14.68
N GLY C 295 -29.97 -1.25 14.62
CA GLY C 295 -28.79 -2.05 14.91
C GLY C 295 -28.45 -3.03 13.80
N ASN C 296 -28.54 -4.32 14.10
CA ASN C 296 -28.18 -5.35 13.14
C ASN C 296 -29.18 -6.50 13.24
N ILE C 297 -29.23 -7.30 12.18
CA ILE C 297 -30.13 -8.47 12.12
C ILE C 297 -29.34 -9.64 12.71
N ARG C 298 -29.35 -9.72 14.04
CA ARG C 298 -28.59 -10.72 14.78
C ARG C 298 -29.56 -11.59 15.57
N GLN C 299 -29.53 -12.90 15.31
CA GLN C 299 -30.45 -13.82 15.96
C GLN C 299 -30.07 -14.03 17.42
N ALA C 300 -31.02 -14.58 18.17
CA ALA C 300 -30.79 -14.84 19.60
C ALA C 300 -29.78 -15.97 19.79
N HIS C 301 -29.00 -15.85 20.85
CA HIS C 301 -27.97 -16.85 21.15
C HIS C 301 -27.62 -16.77 22.63
N CYS C 302 -26.91 -17.79 23.09
CA CYS C 302 -26.37 -17.83 24.44
C CYS C 302 -24.92 -18.28 24.40
N ASN C 303 -24.20 -18.04 25.49
CA ASN C 303 -22.79 -18.38 25.59
C ASN C 303 -22.56 -19.28 26.79
N VAL C 304 -21.63 -20.24 26.62
CA VAL C 304 -21.24 -21.16 27.68
C VAL C 304 -19.73 -21.32 27.63
N SER C 305 -19.06 -21.07 28.76
CA SER C 305 -17.62 -21.28 28.84
C SER C 305 -17.29 -22.76 28.67
N LYS C 306 -16.60 -23.09 27.58
CA LYS C 306 -16.33 -24.49 27.27
C LYS C 306 -15.48 -25.16 28.34
N THR C 307 -14.59 -24.39 28.98
CA THR C 307 -13.72 -24.97 30.01
C THR C 307 -14.51 -25.36 31.25
N GLU C 308 -15.29 -24.43 31.80
CA GLU C 308 -16.08 -24.73 32.98
C GLU C 308 -17.18 -25.75 32.68
N TRP C 309 -17.75 -25.71 31.47
CA TRP C 309 -18.74 -26.71 31.08
C TRP C 309 -18.12 -28.10 31.03
N ASN C 310 -16.97 -28.23 30.36
CA ASN C 310 -16.27 -29.50 30.31
C ASN C 310 -15.84 -29.95 31.70
N ASP C 311 -15.41 -28.99 32.53
CA ASP C 311 -15.04 -29.32 33.90
C ASP C 311 -16.24 -29.78 34.72
N THR C 312 -17.40 -29.11 34.53
CA THR C 312 -18.59 -29.50 35.27
C THR C 312 -19.15 -30.82 34.74
N LEU C 313 -19.09 -31.03 33.43
CA LEU C 313 -19.59 -32.28 32.85
C LEU C 313 -18.77 -33.47 33.32
N ARG C 314 -17.46 -33.28 33.50
CA ARG C 314 -16.62 -34.37 34.00
C ARG C 314 -17.01 -34.76 35.42
N GLN C 315 -17.31 -33.77 36.26
CA GLN C 315 -17.79 -34.07 37.60
C GLN C 315 -19.14 -34.78 37.57
N VAL C 316 -19.97 -34.50 36.56
CA VAL C 316 -21.22 -35.22 36.40
C VAL C 316 -20.96 -36.68 36.09
N ALA C 317 -20.03 -36.94 35.15
CA ALA C 317 -19.69 -38.31 34.81
C ALA C 317 -19.09 -39.05 36.00
N GLU C 318 -18.36 -38.34 36.87
CA GLU C 318 -17.85 -38.96 38.08
C GLU C 318 -18.92 -39.21 39.11
N GLN C 319 -20.03 -38.47 39.06
CA GLN C 319 -21.15 -38.69 39.96
C GLN C 319 -22.16 -39.68 39.41
N LEU C 320 -22.29 -39.76 38.08
CA LEU C 320 -23.20 -40.74 37.49
C LEU C 320 -22.68 -42.16 37.66
N SER C 321 -21.36 -42.34 37.76
CA SER C 321 -20.78 -43.65 37.95
C SER C 321 -21.04 -44.23 39.33
N LYS C 322 -21.65 -43.47 40.23
CA LYS C 322 -22.01 -44.00 41.54
C LYS C 322 -23.31 -44.81 41.51
N HIS C 323 -24.12 -44.63 40.47
CA HIS C 323 -25.32 -45.44 40.26
C HIS C 323 -25.16 -46.42 39.11
N PHE C 324 -23.92 -46.69 38.72
CA PHE C 324 -23.62 -47.60 37.61
C PHE C 324 -22.31 -48.30 37.92
N PRO C 325 -21.97 -49.35 37.16
CA PRO C 325 -20.67 -50.01 37.33
C PRO C 325 -19.49 -49.05 37.38
N ASN C 326 -18.38 -49.49 37.97
CA ASN C 326 -17.20 -48.63 38.10
C ASN C 326 -16.62 -48.29 36.73
N ALA C 327 -16.28 -49.30 35.95
CA ALA C 327 -15.71 -49.12 34.61
C ALA C 327 -16.86 -49.20 33.60
N THR C 328 -17.38 -48.04 33.21
CA THR C 328 -18.49 -47.98 32.26
C THR C 328 -18.29 -46.77 31.36
N THR C 329 -19.33 -46.40 30.63
CA THR C 329 -19.28 -45.29 29.69
C THR C 329 -20.57 -44.49 29.81
N ILE C 330 -20.44 -43.17 29.70
CA ILE C 330 -21.58 -42.25 29.75
C ILE C 330 -21.63 -41.49 28.43
N THR C 331 -22.75 -41.62 27.72
CA THR C 331 -22.93 -40.99 26.42
C THR C 331 -23.97 -39.88 26.52
N PHE C 332 -23.70 -38.76 25.86
CA PHE C 332 -24.57 -37.60 25.86
C PHE C 332 -25.03 -37.31 24.43
N ALA C 333 -26.35 -37.16 24.26
CA ALA C 333 -26.92 -36.87 22.95
C ALA C 333 -27.99 -35.81 23.09
N ASN C 334 -28.31 -35.17 21.97
CA ASN C 334 -29.30 -34.10 21.98
C ASN C 334 -30.71 -34.67 22.16
N ALA C 335 -31.70 -33.79 22.10
CA ALA C 335 -33.07 -34.21 22.30
C ALA C 335 -33.57 -35.06 21.15
N SER C 336 -34.42 -36.04 21.47
CA SER C 336 -34.96 -36.95 20.47
C SER C 336 -36.13 -36.30 19.73
N GLY C 337 -37.35 -36.48 20.25
CA GLY C 337 -38.52 -35.92 19.60
C GLY C 337 -39.46 -35.32 20.64
N GLY C 338 -40.38 -34.51 20.14
CA GLY C 338 -41.37 -33.84 20.95
C GLY C 338 -41.55 -32.41 20.50
N ASP C 339 -42.21 -31.63 21.33
CA ASP C 339 -42.44 -30.22 21.03
C ASP C 339 -41.12 -29.45 21.09
N LEU C 340 -41.18 -28.19 20.64
CA LEU C 340 -39.98 -27.36 20.66
C LEU C 340 -39.55 -26.98 22.07
N GLU C 341 -40.46 -27.09 23.05
CA GLU C 341 -40.05 -26.90 24.44
C GLU C 341 -39.32 -28.12 24.99
N ILE C 342 -39.68 -29.31 24.53
CA ILE C 342 -38.99 -30.52 24.97
C ILE C 342 -37.63 -30.64 24.28
N THR C 343 -37.49 -30.10 23.07
CA THR C 343 -36.25 -30.20 22.33
C THR C 343 -35.30 -29.04 22.58
N THR C 344 -35.82 -27.82 22.70
CA THR C 344 -35.01 -26.63 22.90
C THR C 344 -35.17 -26.10 24.32
N HIS C 345 -34.19 -25.31 24.74
CA HIS C 345 -34.16 -24.75 26.09
C HIS C 345 -35.12 -23.57 26.17
N SER C 346 -36.25 -23.77 26.86
CA SER C 346 -37.24 -22.73 27.04
C SER C 346 -36.97 -21.98 28.34
N PHE C 347 -37.01 -20.64 28.27
CA PHE C 347 -36.78 -19.79 29.44
C PHE C 347 -37.13 -18.37 29.06
N ASN C 348 -37.24 -17.52 30.08
CA ASN C 348 -37.54 -16.10 29.89
C ASN C 348 -36.26 -15.28 29.97
N CYS C 349 -36.28 -14.13 29.30
CA CYS C 349 -35.11 -13.26 29.23
C CYS C 349 -35.53 -11.83 28.94
N GLY C 350 -35.89 -11.08 29.98
CA GLY C 350 -36.30 -9.70 29.79
C GLY C 350 -37.66 -9.50 29.17
N GLY C 351 -38.49 -10.55 29.14
CA GLY C 351 -39.81 -10.43 28.55
C GLY C 351 -40.01 -11.36 27.36
N GLU C 352 -38.97 -11.51 26.54
CA GLU C 352 -39.03 -12.41 25.40
C GLU C 352 -38.73 -13.84 25.81
N PHE C 353 -39.32 -14.78 25.09
CA PHE C 353 -39.16 -16.20 25.36
C PHE C 353 -38.12 -16.77 24.38
N PHE C 354 -37.09 -17.39 24.92
CA PHE C 354 -35.97 -17.88 24.14
C PHE C 354 -35.98 -19.40 24.08
N TYR C 355 -35.61 -19.95 22.93
CA TYR C 355 -35.59 -21.40 22.71
C TYR C 355 -34.31 -21.73 21.95
N CYS C 356 -33.36 -22.38 22.63
CA CYS C 356 -32.01 -22.53 22.14
C CYS C 356 -31.73 -23.95 21.67
N ASN C 357 -30.89 -24.06 20.65
CA ASN C 357 -30.47 -25.35 20.10
C ASN C 357 -29.40 -25.93 21.01
N THR C 358 -29.81 -26.80 21.93
CA THR C 358 -28.90 -27.40 22.89
C THR C 358 -28.20 -28.65 22.36
N SER C 359 -28.10 -28.79 21.03
CA SER C 359 -27.46 -29.96 20.46
C SER C 359 -25.94 -29.92 20.64
N LYS C 360 -25.35 -28.71 20.67
CA LYS C 360 -23.91 -28.60 20.82
C LYS C 360 -23.44 -28.90 22.24
N LEU C 361 -24.34 -28.88 23.22
CA LEU C 361 -23.95 -29.20 24.58
C LEU C 361 -23.92 -30.70 24.82
N PHE C 362 -24.89 -31.43 24.26
CA PHE C 362 -25.07 -32.86 24.53
C PHE C 362 -24.62 -33.64 23.30
N SER C 363 -23.31 -33.90 23.22
CA SER C 363 -22.73 -34.69 22.14
C SER C 363 -21.32 -35.12 22.52
N SER C 364 -21.19 -35.87 23.60
CA SER C 364 -19.89 -36.27 24.11
C SER C 364 -19.93 -37.74 24.53
N THR C 365 -18.75 -38.29 24.80
CA THR C 365 -18.60 -39.66 25.24
C THR C 365 -17.51 -39.70 26.31
N TRP C 366 -17.81 -40.33 27.44
CA TRP C 366 -16.90 -40.34 28.59
C TRP C 366 -16.76 -41.77 29.11
N ASP C 367 -15.52 -42.24 29.20
CA ASP C 367 -15.23 -43.55 29.76
C ASP C 367 -15.06 -43.42 31.27
N ASN C 368 -14.39 -44.40 31.90
CA ASN C 368 -14.17 -44.33 33.34
C ASN C 368 -13.09 -43.30 33.68
N SER C 369 -12.09 -43.17 32.82
CA SER C 369 -11.01 -42.21 33.05
C SER C 369 -10.97 -41.15 31.96
N ASN C 384 -9.03 -21.56 25.72
CA ASN C 384 -10.05 -20.95 26.56
C ASN C 384 -11.06 -20.17 25.72
N GLU C 385 -12.00 -20.88 25.11
CA GLU C 385 -13.05 -20.30 24.30
C GLU C 385 -14.41 -20.67 24.89
N THR C 386 -15.46 -20.16 24.25
CA THR C 386 -16.83 -20.39 24.71
C THR C 386 -17.67 -20.93 23.55
N ILE C 387 -18.67 -21.74 23.91
CA ILE C 387 -19.58 -22.33 22.93
C ILE C 387 -20.84 -21.48 22.87
N THR C 388 -21.41 -21.36 21.67
CA THR C 388 -22.64 -20.62 21.46
C THR C 388 -23.75 -21.56 20.99
N LEU C 389 -24.99 -21.19 21.31
CA LEU C 389 -26.16 -21.98 20.96
C LEU C 389 -27.15 -21.10 20.21
N GLN C 390 -27.63 -21.59 19.07
CA GLN C 390 -28.62 -20.86 18.28
C GLN C 390 -29.96 -20.86 19.01
N CYS C 391 -30.47 -19.67 19.32
CA CYS C 391 -31.70 -19.51 20.07
C CYS C 391 -32.77 -18.84 19.22
N LYS C 392 -34.01 -19.26 19.42
CA LYS C 392 -35.16 -18.70 18.74
C LYS C 392 -36.07 -17.98 19.73
N ILE C 393 -36.86 -17.05 19.21
CA ILE C 393 -37.74 -16.22 20.02
C ILE C 393 -39.17 -16.43 19.53
N LYS C 394 -40.08 -16.65 20.48
CA LYS C 394 -41.49 -16.83 20.17
C LYS C 394 -42.32 -15.85 20.99
N GLN C 395 -43.28 -15.20 20.34
CA GLN C 395 -44.13 -14.21 20.99
C GLN C 395 -45.47 -14.76 21.43
N ILE C 396 -46.02 -15.74 20.71
CA ILE C 396 -47.27 -16.39 21.05
C ILE C 396 -46.93 -17.65 21.82
N ILE C 397 -47.15 -17.64 23.13
CA ILE C 397 -46.80 -18.76 23.98
C ILE C 397 -48.05 -19.58 24.30
N ASN C 398 -47.86 -20.90 24.41
CA ASN C 398 -48.92 -21.83 24.79
C ASN C 398 -48.39 -22.82 25.80
N MET C 399 -47.66 -22.33 26.80
CA MET C 399 -47.05 -23.21 27.79
C MET C 399 -48.12 -23.90 28.63
N TRP C 400 -47.72 -25.02 29.25
CA TRP C 400 -48.55 -25.93 30.03
C TRP C 400 -49.60 -26.64 29.17
N GLN C 401 -49.66 -26.36 27.86
CA GLN C 401 -50.54 -27.05 26.92
C GLN C 401 -52.01 -26.94 27.35
N GLN C 402 -52.45 -25.70 27.52
CA GLN C 402 -53.84 -25.39 27.87
C GLN C 402 -54.58 -25.00 26.59
N VAL C 403 -55.32 -25.95 26.01
CA VAL C 403 -56.07 -25.69 24.80
C VAL C 403 -57.28 -24.83 25.14
N GLY C 404 -57.34 -23.63 24.55
CA GLY C 404 -58.44 -22.72 24.81
C GLY C 404 -57.99 -21.32 25.15
N ARG C 405 -56.86 -21.20 25.86
CA ARG C 405 -56.32 -19.91 26.27
C ARG C 405 -54.89 -19.77 25.75
N ALA C 406 -54.50 -18.52 25.50
CA ALA C 406 -53.17 -18.23 24.98
C ALA C 406 -52.75 -16.84 25.43
N MET C 407 -51.44 -16.60 25.39
CA MET C 407 -50.87 -15.31 25.75
C MET C 407 -49.87 -14.87 24.69
N TYR C 408 -49.84 -13.57 24.41
CA TYR C 408 -48.88 -12.98 23.49
C TYR C 408 -47.86 -12.17 24.28
N ALA C 409 -46.59 -12.35 23.95
CA ALA C 409 -45.52 -11.61 24.60
C ALA C 409 -45.35 -10.26 23.92
N PRO C 410 -45.55 -9.14 24.62
CA PRO C 410 -45.34 -7.83 23.98
C PRO C 410 -43.88 -7.61 23.68
N PRO C 411 -43.56 -6.90 22.61
CA PRO C 411 -42.15 -6.67 22.26
C PRO C 411 -41.42 -5.88 23.33
N ILE C 412 -40.11 -6.06 23.37
CA ILE C 412 -39.23 -5.39 24.32
C ILE C 412 -38.24 -4.54 23.54
N GLN C 413 -38.15 -3.27 23.89
CA GLN C 413 -37.30 -2.32 23.17
C GLN C 413 -35.84 -2.46 23.59
N GLY C 414 -34.94 -2.17 22.65
CA GLY C 414 -33.52 -2.27 22.90
C GLY C 414 -33.03 -3.71 22.91
N GLU C 415 -31.72 -3.86 22.73
CA GLU C 415 -31.11 -5.18 22.75
C GLU C 415 -31.21 -5.78 24.15
N ILE C 416 -31.62 -7.04 24.22
CA ILE C 416 -31.84 -7.73 25.48
C ILE C 416 -30.59 -8.53 25.83
N ARG C 417 -30.17 -8.43 27.09
CA ARG C 417 -29.02 -9.19 27.60
C ARG C 417 -29.38 -9.72 28.98
N CYS C 418 -29.38 -11.04 29.14
CA CYS C 418 -29.67 -11.67 30.40
C CYS C 418 -28.56 -12.66 30.76
N GLU C 419 -28.35 -12.83 32.06
CA GLU C 419 -27.34 -13.74 32.58
C GLU C 419 -27.91 -14.47 33.79
N SER C 420 -27.51 -15.73 33.95
CA SER C 420 -28.05 -16.56 35.02
C SER C 420 -27.01 -17.59 35.44
N ASN C 421 -27.34 -18.31 36.50
CA ASN C 421 -26.55 -19.43 37.00
C ASN C 421 -27.36 -20.71 36.81
N ILE C 422 -26.86 -21.61 35.97
CA ILE C 422 -27.51 -22.91 35.79
C ILE C 422 -27.15 -23.80 36.96
N THR C 423 -28.18 -24.33 37.64
CA THR C 423 -28.00 -25.12 38.85
C THR C 423 -28.53 -26.54 38.74
N GLY C 424 -29.49 -26.81 37.85
CA GLY C 424 -30.06 -28.13 37.74
C GLY C 424 -30.30 -28.52 36.29
N LEU C 425 -30.58 -29.80 36.10
CA LEU C 425 -30.84 -30.35 34.78
C LEU C 425 -31.83 -31.50 34.90
N LEU C 426 -32.69 -31.62 33.88
CA LEU C 426 -33.69 -32.68 33.81
C LEU C 426 -33.26 -33.65 32.70
N LEU C 427 -32.57 -34.71 33.09
CA LEU C 427 -32.08 -35.70 32.14
C LEU C 427 -33.13 -36.81 31.98
N THR C 428 -32.85 -37.74 31.06
CA THR C 428 -33.74 -38.87 30.81
C THR C 428 -32.96 -39.95 30.08
N ARG C 429 -33.07 -41.19 30.55
CA ARG C 429 -32.43 -42.30 29.87
C ARG C 429 -33.17 -42.63 28.58
N ASP C 430 -32.56 -43.51 27.78
CA ASP C 430 -33.22 -44.02 26.59
C ASP C 430 -34.06 -45.26 26.89
N GLY C 431 -33.70 -46.02 27.91
CA GLY C 431 -34.50 -47.16 28.33
C GLY C 431 -34.07 -48.51 27.78
N GLY C 432 -34.94 -49.11 26.97
CA GLY C 432 -34.72 -50.45 26.46
C GLY C 432 -33.46 -50.64 25.66
N ALA C 433 -32.50 -51.36 26.24
CA ALA C 433 -31.24 -51.70 25.57
C ALA C 433 -30.58 -52.80 26.38
N ASN C 434 -29.48 -53.33 25.82
CA ASN C 434 -28.70 -54.32 26.54
C ASN C 434 -28.07 -53.69 27.77
N SER C 435 -28.30 -54.29 28.94
CA SER C 435 -27.95 -53.66 30.20
C SER C 435 -26.43 -53.61 30.38
N SER C 436 -25.98 -52.53 31.04
CA SER C 436 -24.60 -52.30 31.46
C SER C 436 -23.62 -52.29 30.29
N THR C 437 -24.09 -52.23 29.05
CA THR C 437 -23.21 -52.10 27.90
C THR C 437 -22.75 -50.66 27.78
N ASN C 438 -23.57 -49.81 27.17
CA ASN C 438 -23.38 -48.38 27.17
C ASN C 438 -24.58 -47.72 27.86
N GLU C 439 -24.37 -46.49 28.33
CA GLU C 439 -25.42 -45.73 28.99
C GLU C 439 -25.53 -44.37 28.33
N THR C 440 -26.75 -44.04 27.88
CA THR C 440 -27.02 -42.79 27.18
C THR C 440 -27.99 -41.94 27.99
N PHE C 441 -27.71 -40.64 28.04
CA PHE C 441 -28.52 -39.69 28.79
C PHE C 441 -28.91 -38.53 27.87
N ARG C 442 -30.21 -38.25 27.81
CA ARG C 442 -30.75 -37.19 26.97
C ARG C 442 -31.56 -36.21 27.82
N PRO C 443 -31.57 -34.93 27.45
CA PRO C 443 -32.32 -33.96 28.24
C PRO C 443 -33.83 -34.10 28.04
N GLY C 444 -34.58 -33.93 29.12
CA GLY C 444 -36.02 -34.02 29.07
C GLY C 444 -36.66 -32.85 29.80
N GLY C 445 -37.98 -32.79 29.68
CA GLY C 445 -38.76 -31.76 30.33
C GLY C 445 -40.24 -32.08 30.31
N GLY C 446 -40.59 -33.31 30.69
CA GLY C 446 -41.97 -33.76 30.55
C GLY C 446 -42.96 -32.97 31.38
N ASP C 447 -42.52 -32.44 32.52
CA ASP C 447 -43.40 -31.71 33.41
C ASP C 447 -42.69 -30.48 33.95
N MET C 448 -43.48 -29.44 34.25
CA MET C 448 -42.95 -28.22 34.84
C MET C 448 -42.80 -28.34 36.36
N ARG C 449 -43.52 -29.28 36.99
CA ARG C 449 -43.39 -29.48 38.43
C ARG C 449 -41.99 -29.88 38.84
N ASP C 450 -41.23 -30.49 37.92
CA ASP C 450 -39.86 -30.89 38.25
C ASP C 450 -38.99 -29.69 38.63
N ASN C 451 -39.33 -28.51 38.13
CA ASN C 451 -38.58 -27.31 38.50
C ASN C 451 -38.87 -26.90 39.93
N TRP C 452 -40.11 -27.08 40.39
CA TRP C 452 -40.44 -26.77 41.77
C TRP C 452 -39.87 -27.81 42.74
N ARG C 453 -39.59 -29.02 42.27
CA ARG C 453 -38.95 -30.02 43.11
C ARG C 453 -37.52 -29.63 43.45
N SER C 454 -36.87 -28.86 42.58
CA SER C 454 -35.49 -28.46 42.81
C SER C 454 -35.34 -27.52 43.99
N GLU C 455 -36.44 -26.92 44.46
CA GLU C 455 -36.40 -26.00 45.59
C GLU C 455 -37.17 -26.52 46.80
N LEU C 456 -37.87 -27.64 46.69
CA LEU C 456 -38.70 -28.17 47.76
C LEU C 456 -38.29 -29.60 48.13
N TYR C 457 -37.02 -29.95 47.88
CA TYR C 457 -36.56 -31.29 48.20
C TYR C 457 -36.29 -31.49 49.69
N LYS C 458 -36.07 -30.41 50.44
CA LYS C 458 -35.74 -30.48 51.85
C LYS C 458 -36.80 -29.83 52.73
N TYR C 459 -38.07 -29.89 52.31
CA TYR C 459 -39.17 -29.26 53.02
C TYR C 459 -40.30 -30.25 53.23
N LYS C 460 -41.06 -30.03 54.30
CA LYS C 460 -42.13 -30.94 54.69
C LYS C 460 -43.02 -30.24 55.69
N VAL C 461 -44.34 -30.33 55.47
CA VAL C 461 -45.33 -29.70 56.34
C VAL C 461 -45.92 -30.75 57.27
N VAL C 462 -45.96 -30.44 58.56
CA VAL C 462 -46.53 -31.31 59.58
C VAL C 462 -47.45 -30.49 60.47
N LYS C 463 -48.50 -31.14 60.98
CA LYS C 463 -49.44 -30.51 61.89
C LYS C 463 -49.13 -30.92 63.33
N ILE C 464 -49.25 -29.97 64.25
CA ILE C 464 -48.89 -30.17 65.64
C ILE C 464 -50.09 -30.76 66.39
N GLU C 465 -49.86 -31.88 67.09
CA GLU C 465 -50.86 -32.46 67.98
C GLU C 465 -50.46 -32.17 69.42
N PRO C 466 -50.97 -31.09 70.02
CA PRO C 466 -50.53 -30.71 71.38
C PRO C 466 -51.21 -31.48 72.49
N LEU C 467 -52.23 -32.29 72.20
CA LEU C 467 -52.93 -33.03 73.23
C LEU C 467 -52.12 -34.26 73.62
N GLY C 468 -51.66 -34.30 74.87
CA GLY C 468 -50.86 -35.42 75.37
C GLY C 468 -51.49 -36.02 76.61
N VAL C 469 -51.52 -37.34 76.66
CA VAL C 469 -52.08 -38.09 77.79
C VAL C 469 -51.03 -39.07 78.27
N ALA C 470 -50.66 -38.98 79.54
CA ALA C 470 -49.66 -39.85 80.14
C ALA C 470 -50.03 -40.17 81.58
N PRO C 471 -49.81 -41.40 82.02
CA PRO C 471 -50.15 -41.76 83.40
C PRO C 471 -49.12 -41.24 84.39
N THR C 472 -49.63 -40.72 85.51
CA THR C 472 -48.79 -40.29 86.62
C THR C 472 -49.40 -40.79 87.91
N ARG C 473 -48.61 -40.77 88.98
CA ARG C 473 -49.13 -41.11 90.30
C ARG C 473 -50.02 -40.03 90.88
N CYS C 474 -50.17 -38.91 90.18
CA CYS C 474 -51.02 -37.81 90.60
C CYS C 474 -52.49 -38.14 90.37
N LYS C 475 -53.35 -37.48 91.15
CA LYS C 475 -54.78 -37.65 91.00
C LYS C 475 -55.49 -36.37 91.43
N ARG C 476 -56.71 -36.20 90.95
CA ARG C 476 -57.50 -35.02 91.25
C ARG C 476 -58.18 -35.17 92.61
N ARG C 477 -58.99 -34.18 92.96
CA ARG C 477 -59.70 -34.17 94.24
C ARG C 477 -61.03 -34.91 94.07
N VAL C 478 -61.95 -34.72 95.01
CA VAL C 478 -63.26 -35.36 94.95
C VAL C 478 -64.37 -34.31 94.83
N GLN D 2 5.43 0.32 -5.27
CA GLN D 2 5.42 1.37 -6.28
C GLN D 2 4.27 1.13 -7.26
N VAL D 3 3.08 0.92 -6.72
CA VAL D 3 1.90 0.64 -7.54
C VAL D 3 1.45 1.93 -8.20
N GLN D 4 1.41 1.92 -9.54
CA GLN D 4 1.01 3.08 -10.32
C GLN D 4 -0.09 2.68 -11.30
N LEU D 5 -1.20 3.39 -11.27
CA LEU D 5 -2.31 3.15 -12.17
C LEU D 5 -2.33 4.22 -13.26
N GLN D 6 -2.41 3.78 -14.51
CA GLN D 6 -2.37 4.68 -15.66
C GLN D 6 -3.64 4.49 -16.47
N GLU D 7 -4.43 5.57 -16.60
CA GLU D 7 -5.64 5.56 -17.41
C GLU D 7 -5.30 5.87 -18.86
N SER D 8 -5.80 5.05 -19.77
CA SER D 8 -5.56 5.24 -21.20
C SER D 8 -6.84 4.92 -21.96
N GLY D 9 -7.28 5.87 -22.79
CA GLY D 9 -8.47 5.69 -23.59
C GLY D 9 -8.44 6.51 -24.86
N PRO D 10 -9.46 6.35 -25.70
CA PRO D 10 -9.49 7.12 -26.95
C PRO D 10 -9.84 8.58 -26.75
N GLY D 11 -10.69 8.90 -25.76
CA GLY D 11 -11.10 10.26 -25.51
C GLY D 11 -12.27 10.75 -26.34
N LEU D 12 -12.65 10.03 -27.38
CA LEU D 12 -13.77 10.42 -28.23
C LEU D 12 -14.38 9.18 -28.85
N VAL D 13 -15.65 8.91 -28.54
CA VAL D 13 -16.39 7.78 -29.08
C VAL D 13 -17.74 8.26 -29.56
N LYS D 14 -18.22 7.65 -30.64
CA LYS D 14 -19.54 7.99 -31.16
C LYS D 14 -20.63 7.42 -30.24
N PRO D 15 -21.80 8.06 -30.19
CA PRO D 15 -22.89 7.53 -29.39
C PRO D 15 -23.32 6.15 -29.88
N SER D 16 -23.81 5.33 -28.95
CA SER D 16 -24.27 3.98 -29.23
C SER D 16 -23.15 3.12 -29.82
N GLU D 17 -21.94 3.26 -29.27
CA GLU D 17 -20.80 2.45 -29.63
C GLU D 17 -20.15 1.90 -28.36
N THR D 18 -19.04 1.18 -28.55
CA THR D 18 -18.32 0.55 -27.45
C THR D 18 -17.19 1.45 -27.00
N LEU D 19 -17.16 1.79 -25.71
CA LEU D 19 -16.11 2.60 -25.11
C LEU D 19 -15.11 1.67 -24.42
N SER D 20 -13.84 1.83 -24.76
CA SER D 20 -12.77 0.98 -24.25
C SER D 20 -11.77 1.81 -23.47
N VAL D 21 -11.62 1.50 -22.19
CA VAL D 21 -10.64 2.16 -21.32
C VAL D 21 -9.71 1.10 -20.75
N THR D 22 -8.43 1.43 -20.64
CA THR D 22 -7.41 0.50 -20.16
C THR D 22 -6.70 1.12 -18.95
N CYS D 23 -6.62 0.35 -17.87
CA CYS D 23 -5.93 0.75 -16.65
C CYS D 23 -4.75 -0.17 -16.45
N SER D 24 -3.55 0.41 -16.38
CA SER D 24 -2.31 -0.34 -16.31
C SER D 24 -1.83 -0.45 -14.87
N VAL D 25 -1.56 -1.68 -14.42
CA VAL D 25 -0.99 -1.92 -13.10
C VAL D 25 0.52 -2.03 -13.23
N SER D 26 1.24 -1.46 -12.26
CA SER D 26 2.69 -1.34 -12.39
C SER D 26 3.44 -2.17 -11.36
N GLY D 27 3.61 -1.62 -10.16
CA GLY D 27 4.54 -2.19 -9.20
C GLY D 27 4.01 -3.28 -8.29
N ASP D 28 3.01 -4.04 -8.75
CA ASP D 28 2.48 -5.16 -7.98
C ASP D 28 1.62 -6.00 -8.91
N SER D 29 1.25 -7.18 -8.42
CA SER D 29 0.38 -8.08 -9.17
C SER D 29 -1.08 -7.66 -9.00
N MET D 30 -1.95 -8.30 -9.78
CA MET D 30 -3.37 -8.01 -9.76
C MET D 30 -4.17 -9.05 -8.99
N ASN D 31 -3.52 -9.95 -8.27
CA ASN D 31 -4.19 -11.02 -7.53
C ASN D 31 -4.19 -10.78 -6.03
N ASN D 32 -3.80 -9.60 -5.57
CA ASN D 32 -3.76 -9.29 -4.15
C ASN D 32 -4.86 -8.35 -3.69
N TYR D 33 -5.31 -7.43 -4.55
CA TYR D 33 -6.35 -6.48 -4.19
C TYR D 33 -7.40 -6.45 -5.30
N TYR D 34 -8.56 -5.88 -4.97
CA TYR D 34 -9.62 -5.70 -5.95
C TYR D 34 -9.40 -4.39 -6.71
N TRP D 35 -10.12 -4.25 -7.82
CA TRP D 35 -9.98 -3.08 -8.69
C TRP D 35 -11.37 -2.57 -9.06
N THR D 36 -11.50 -1.26 -9.18
CA THR D 36 -12.80 -0.64 -9.46
C THR D 36 -12.61 0.55 -10.39
N TRP D 37 -13.71 0.91 -11.07
CA TRP D 37 -13.75 2.04 -11.98
C TRP D 37 -14.64 3.13 -11.41
N ILE D 38 -14.21 4.38 -11.53
CA ILE D 38 -14.96 5.53 -11.03
C ILE D 38 -14.90 6.62 -12.10
N ARG D 39 -16.07 7.19 -12.42
CA ARG D 39 -16.16 8.29 -13.37
C ARG D 39 -16.74 9.52 -12.66
N GLN D 40 -16.41 10.70 -13.20
CA GLN D 40 -16.87 11.97 -12.67
C GLN D 40 -17.36 12.84 -13.82
N SER D 41 -18.68 13.00 -13.93
CA SER D 41 -19.27 13.81 -14.98
C SER D 41 -19.34 15.26 -14.56
N PRO D 42 -19.13 16.20 -15.49
CA PRO D 42 -19.25 17.62 -15.14
C PRO D 42 -20.67 17.97 -14.73
N GLY D 43 -20.79 18.73 -13.64
CA GLY D 43 -22.08 19.06 -13.07
C GLY D 43 -22.61 18.04 -12.08
N LYS D 44 -21.98 16.87 -11.97
CA LYS D 44 -22.38 15.83 -11.03
C LYS D 44 -21.16 15.38 -10.24
N GLY D 45 -21.40 14.57 -9.21
CA GLY D 45 -20.32 14.02 -8.43
C GLY D 45 -19.72 12.78 -9.06
N LEU D 46 -18.65 12.29 -8.43
CA LEU D 46 -18.01 11.07 -8.90
C LEU D 46 -18.90 9.87 -8.65
N GLU D 47 -18.94 8.96 -9.63
CA GLU D 47 -19.87 7.83 -9.62
C GLU D 47 -19.08 6.52 -9.55
N TRP D 48 -19.53 5.62 -8.68
CA TRP D 48 -18.95 4.29 -8.56
C TRP D 48 -19.58 3.38 -9.61
N ILE D 49 -18.75 2.79 -10.46
CA ILE D 49 -19.23 2.01 -11.59
C ILE D 49 -19.31 0.52 -11.26
N GLY D 50 -18.23 -0.05 -10.75
CA GLY D 50 -18.21 -1.46 -10.43
C GLY D 50 -16.81 -1.90 -10.09
N TYR D 51 -16.72 -3.11 -9.54
CA TYR D 51 -15.45 -3.66 -9.09
C TYR D 51 -15.29 -5.08 -9.62
N ILE D 52 -14.06 -5.59 -9.51
CA ILE D 52 -13.70 -6.94 -9.91
C ILE D 52 -12.92 -7.58 -8.77
N SER D 53 -13.33 -8.78 -8.37
CA SER D 53 -12.69 -9.48 -7.27
C SER D 53 -11.47 -10.26 -7.76
N ASP D 54 -10.76 -10.90 -6.82
CA ASP D 54 -9.59 -11.69 -7.18
C ASP D 54 -9.96 -13.00 -7.87
N ARG D 55 -11.19 -13.47 -7.70
CA ARG D 55 -11.66 -14.71 -8.32
C ARG D 55 -12.22 -14.48 -9.72
N GLU D 56 -11.86 -13.37 -10.37
CA GLU D 56 -12.28 -13.07 -11.74
C GLU D 56 -13.80 -12.99 -11.87
N SER D 57 -14.48 -12.58 -10.80
CA SER D 57 -15.93 -12.42 -10.80
C SER D 57 -16.25 -10.94 -10.64
N ALA D 58 -16.66 -10.30 -11.73
CA ALA D 58 -16.89 -8.86 -11.73
C ALA D 58 -18.29 -8.54 -11.23
N THR D 59 -18.41 -7.44 -10.50
CA THR D 59 -19.68 -6.94 -9.99
C THR D 59 -19.85 -5.49 -10.40
N TYR D 60 -21.02 -5.15 -10.95
CA TYR D 60 -21.27 -3.84 -11.50
C TYR D 60 -22.42 -3.17 -10.75
N ASN D 61 -22.48 -1.84 -10.90
CA ASN D 61 -23.58 -1.09 -10.29
C ASN D 61 -24.84 -1.30 -11.11
N PRO D 62 -25.96 -1.67 -10.47
CA PRO D 62 -27.17 -2.01 -11.23
C PRO D 62 -27.80 -0.85 -11.99
N SER D 63 -27.40 0.39 -11.72
CA SER D 63 -27.99 1.55 -12.39
C SER D 63 -27.35 1.84 -13.76
N LEU D 64 -26.74 0.84 -14.39
CA LEU D 64 -26.18 1.01 -15.72
C LEU D 64 -26.86 0.15 -16.77
N ASN D 65 -27.94 -0.57 -16.41
CA ASN D 65 -28.74 -1.35 -17.34
C ASN D 65 -27.90 -2.43 -18.04
N SER D 66 -26.93 -2.99 -17.33
CA SER D 66 -26.09 -4.09 -17.82
C SER D 66 -25.40 -3.71 -19.13
N ARG D 67 -24.74 -2.54 -19.12
CA ARG D 67 -24.00 -2.05 -20.27
C ARG D 67 -22.50 -1.96 -20.02
N VAL D 68 -22.03 -2.26 -18.81
CA VAL D 68 -20.63 -2.15 -18.45
C VAL D 68 -20.05 -3.56 -18.32
N VAL D 69 -18.82 -3.73 -18.81
CA VAL D 69 -18.09 -4.98 -18.71
C VAL D 69 -16.66 -4.66 -18.28
N ILE D 70 -16.23 -5.24 -17.16
CA ILE D 70 -14.89 -5.03 -16.62
C ILE D 70 -14.14 -6.35 -16.67
N SER D 71 -12.95 -6.32 -17.28
CA SER D 71 -12.11 -7.50 -17.39
C SER D 71 -10.68 -7.15 -16.99
N ARG D 72 -9.89 -8.19 -16.73
CA ARG D 72 -8.51 -8.02 -16.30
C ARG D 72 -7.65 -9.12 -16.91
N ASP D 73 -6.43 -8.75 -17.28
CA ASP D 73 -5.47 -9.69 -17.85
C ASP D 73 -4.35 -9.94 -16.86
N THR D 74 -3.89 -11.19 -16.81
CA THR D 74 -2.84 -11.60 -15.88
C THR D 74 -1.44 -11.55 -16.49
N SER D 75 -1.31 -11.75 -17.80
CA SER D 75 0.00 -11.75 -18.43
C SER D 75 0.52 -10.34 -18.70
N LYS D 76 -0.39 -9.38 -18.92
CA LYS D 76 -0.01 -8.01 -19.24
C LYS D 76 -0.26 -7.03 -18.10
N ASN D 77 -0.98 -7.44 -17.05
CA ASN D 77 -1.28 -6.59 -15.90
C ASN D 77 -2.01 -5.32 -16.32
N GLN D 78 -3.17 -5.52 -16.93
CA GLN D 78 -4.01 -4.42 -17.38
C GLN D 78 -5.46 -4.69 -17.01
N LEU D 79 -6.20 -3.61 -16.75
CA LEU D 79 -7.62 -3.68 -16.41
C LEU D 79 -8.41 -2.99 -17.52
N SER D 80 -9.27 -3.74 -18.18
CA SER D 80 -10.05 -3.22 -19.29
C SER D 80 -11.44 -2.81 -18.85
N LEU D 81 -12.03 -1.88 -19.59
CA LEU D 81 -13.37 -1.38 -19.32
C LEU D 81 -14.12 -1.26 -20.64
N LYS D 82 -15.27 -1.90 -20.73
CA LYS D 82 -16.08 -1.89 -21.94
C LYS D 82 -17.48 -1.37 -21.61
N LEU D 83 -17.98 -0.45 -22.42
CA LEU D 83 -19.29 0.15 -22.22
C LEU D 83 -19.98 0.22 -23.58
N ASN D 84 -21.05 -0.56 -23.74
CA ASN D 84 -21.79 -0.61 -24.99
C ASN D 84 -22.98 0.33 -24.96
N SER D 85 -23.39 0.79 -26.14
CA SER D 85 -24.52 1.70 -26.30
C SER D 85 -24.35 2.96 -25.46
N VAL D 86 -23.23 3.64 -25.71
CA VAL D 86 -22.90 4.85 -24.96
C VAL D 86 -23.73 6.02 -25.49
N THR D 87 -23.95 7.00 -24.63
CA THR D 87 -24.69 8.21 -24.93
C THR D 87 -23.83 9.42 -24.62
N PRO D 88 -24.15 10.59 -25.19
CA PRO D 88 -23.37 11.80 -24.86
C PRO D 88 -23.34 12.13 -23.37
N ALA D 89 -24.24 11.57 -22.58
CA ALA D 89 -24.20 11.78 -21.13
C ALA D 89 -23.05 11.03 -20.48
N ASP D 90 -22.47 10.05 -21.17
CA ASP D 90 -21.35 9.29 -20.63
C ASP D 90 -20.04 10.08 -20.63
N THR D 91 -20.05 11.33 -21.09
CA THR D 91 -18.85 12.17 -21.08
C THR D 91 -18.45 12.45 -19.64
N ALA D 92 -17.31 11.93 -19.22
CA ALA D 92 -16.84 12.09 -17.86
C ALA D 92 -15.35 11.82 -17.79
N VAL D 93 -14.73 12.26 -16.70
CA VAL D 93 -13.33 11.97 -16.43
C VAL D 93 -13.25 10.63 -15.72
N TYR D 94 -12.56 9.68 -16.33
CA TYR D 94 -12.52 8.31 -15.84
C TYR D 94 -11.32 8.10 -14.93
N TYR D 95 -11.57 7.55 -13.74
CA TYR D 95 -10.52 7.17 -12.80
C TYR D 95 -10.63 5.68 -12.51
N CYS D 96 -9.49 5.00 -12.50
CA CYS D 96 -9.41 3.61 -12.05
C CYS D 96 -8.62 3.55 -10.75
N ALA D 97 -9.18 2.89 -9.75
CA ALA D 97 -8.58 2.83 -8.42
C ALA D 97 -8.64 1.42 -7.89
N THR D 98 -7.78 1.13 -6.94
CA THR D 98 -7.80 -0.16 -6.25
C THR D 98 -8.97 -0.21 -5.28
N ALA D 99 -9.45 -1.42 -5.00
CA ALA D 99 -10.54 -1.63 -4.07
C ALA D 99 -10.05 -2.49 -2.92
N ARG D 100 -10.04 -1.93 -1.72
CA ARG D 100 -9.55 -2.61 -0.53
C ARG D 100 -10.74 -3.10 0.29
N ARG D 101 -10.78 -4.40 0.54
CA ARG D 101 -11.93 -5.04 1.19
C ARG D 101 -11.72 -5.04 2.70
N GLY D 102 -12.49 -4.22 3.39
CA GLY D 102 -12.48 -4.18 4.85
C GLY D 102 -13.67 -4.93 5.42
N GLN D 103 -13.47 -5.52 6.60
CA GLN D 103 -14.48 -6.35 7.25
C GLN D 103 -14.79 -5.75 8.62
N ARG D 104 -15.91 -5.05 8.73
CA ARG D 104 -16.35 -4.49 10.00
C ARG D 104 -17.09 -5.55 10.80
N ILE D 105 -16.52 -5.94 11.94
CA ILE D 105 -17.09 -6.99 12.78
C ILE D 105 -17.63 -6.33 14.05
N TYR D 106 -18.90 -6.60 14.34
CA TYR D 106 -19.55 -6.07 15.54
C TYR D 106 -20.06 -7.15 16.49
N GLY D 107 -20.34 -8.35 15.99
CA GLY D 107 -20.81 -9.42 16.83
C GLY D 107 -20.12 -10.74 16.53
N VAL D 108 -20.76 -11.85 16.88
CA VAL D 108 -20.17 -13.17 16.66
C VAL D 108 -20.08 -13.44 15.17
N VAL D 109 -18.92 -13.97 14.75
CA VAL D 109 -18.70 -14.25 13.33
C VAL D 109 -19.49 -15.46 12.86
N SER D 110 -19.99 -16.28 13.79
CA SER D 110 -20.69 -17.51 13.40
C SER D 110 -22.00 -17.21 12.69
N PHE D 111 -22.70 -16.15 13.10
CA PHE D 111 -23.99 -15.80 12.53
C PHE D 111 -23.88 -14.82 11.37
N GLY D 112 -22.68 -14.60 10.85
CA GLY D 112 -22.51 -13.62 9.79
C GLY D 112 -22.73 -12.20 10.24
N GLU D 113 -22.51 -11.91 11.52
CA GLU D 113 -22.74 -10.58 12.08
C GLU D 113 -21.57 -9.65 11.75
N PHE D 114 -21.38 -9.44 10.45
CA PHE D 114 -20.32 -8.59 9.95
C PHE D 114 -20.65 -8.22 8.51
N PHE D 115 -20.28 -7.00 8.11
CA PHE D 115 -20.51 -6.53 6.76
C PHE D 115 -19.19 -6.00 6.20
N TYR D 116 -18.97 -6.25 4.91
CA TYR D 116 -17.76 -5.80 4.24
C TYR D 116 -17.95 -4.40 3.67
N TYR D 117 -16.90 -3.59 3.77
CA TYR D 117 -16.87 -2.25 3.21
C TYR D 117 -15.62 -2.09 2.38
N TYR D 118 -15.73 -1.39 1.26
CA TYR D 118 -14.64 -1.21 0.32
C TYR D 118 -14.17 0.24 0.31
N SER D 119 -12.86 0.43 0.34
CA SER D 119 -12.24 1.74 0.29
C SER D 119 -11.16 1.75 -0.79
N MET D 120 -11.03 2.88 -1.49
CA MET D 120 -10.09 3.01 -2.59
C MET D 120 -8.88 3.80 -2.11
N ASP D 121 -7.82 3.08 -1.74
CA ASP D 121 -6.62 3.72 -1.19
C ASP D 121 -5.76 4.33 -2.29
N VAL D 122 -5.55 3.60 -3.38
CA VAL D 122 -4.68 4.04 -4.48
C VAL D 122 -5.56 4.40 -5.67
N TRP D 123 -5.34 5.58 -6.23
CA TRP D 123 -6.09 6.07 -7.39
C TRP D 123 -5.13 6.35 -8.54
N GLY D 124 -5.71 6.53 -9.72
CA GLY D 124 -4.95 6.89 -10.90
C GLY D 124 -5.04 8.37 -11.22
N LYS D 125 -4.22 8.79 -12.18
CA LYS D 125 -4.20 10.20 -12.58
C LYS D 125 -5.53 10.62 -13.20
N GLY D 126 -6.10 9.78 -14.06
CA GLY D 126 -7.39 10.05 -14.64
C GLY D 126 -7.32 10.58 -16.07
N THR D 127 -8.11 9.99 -16.95
CA THR D 127 -8.20 10.42 -18.34
C THR D 127 -9.56 11.05 -18.60
N THR D 128 -9.60 11.90 -19.64
CA THR D 128 -10.82 12.61 -20.02
C THR D 128 -11.40 11.96 -21.27
N VAL D 129 -12.67 11.55 -21.19
CA VAL D 129 -13.36 10.90 -22.29
C VAL D 129 -14.61 11.72 -22.61
N THR D 130 -14.79 12.04 -23.88
CA THR D 130 -15.94 12.81 -24.36
C THR D 130 -16.72 11.98 -25.37
N VAL D 131 -18.02 11.91 -25.19
CA VAL D 131 -18.91 11.15 -26.07
C VAL D 131 -19.70 12.16 -26.90
N SER D 132 -19.39 12.24 -28.19
CA SER D 132 -20.08 13.16 -29.09
C SER D 132 -19.92 12.67 -30.51
N SER D 133 -20.85 13.08 -31.37
CA SER D 133 -20.81 12.71 -32.78
C SER D 133 -19.89 13.61 -33.60
N ALA D 134 -19.33 14.65 -33.00
CA ALA D 134 -18.43 15.54 -33.73
C ALA D 134 -17.11 14.85 -34.01
N SER D 135 -16.45 15.27 -35.09
CA SER D 135 -15.19 14.68 -35.49
C SER D 135 -14.04 15.29 -34.69
N THR D 136 -12.84 14.74 -34.90
CA THR D 136 -11.64 15.21 -34.22
C THR D 136 -10.96 16.31 -35.02
N LYS D 137 -10.08 17.04 -34.36
CA LYS D 137 -9.35 18.13 -34.99
C LYS D 137 -8.02 18.32 -34.28
N GLY D 138 -6.94 18.28 -35.05
CA GLY D 138 -5.60 18.38 -34.50
C GLY D 138 -5.26 19.78 -34.03
N PRO D 139 -4.32 19.88 -33.09
CA PRO D 139 -3.91 21.19 -32.57
C PRO D 139 -2.90 21.86 -33.48
N SER D 140 -2.72 23.16 -33.25
CA SER D 140 -1.74 23.97 -33.97
C SER D 140 -0.79 24.58 -32.95
N VAL D 141 0.46 24.13 -32.96
CA VAL D 141 1.47 24.56 -32.00
C VAL D 141 2.27 25.69 -32.63
N PHE D 142 2.24 26.86 -31.99
CA PHE D 142 2.96 28.03 -32.46
C PHE D 142 3.88 28.54 -31.35
N PRO D 143 5.18 28.70 -31.63
CA PRO D 143 6.13 29.08 -30.58
C PRO D 143 6.07 30.58 -30.29
N LEU D 144 5.57 30.92 -29.11
CA LEU D 144 5.54 32.32 -28.67
C LEU D 144 6.96 32.75 -28.36
N ALA D 145 7.54 33.58 -29.22
CA ALA D 145 8.92 33.98 -29.05
C ALA D 145 9.08 34.90 -27.84
N PRO D 146 10.17 34.79 -27.10
CA PRO D 146 10.37 35.68 -25.95
C PRO D 146 10.66 37.10 -26.39
N SER D 147 10.30 38.05 -25.53
CA SER D 147 10.51 39.46 -25.82
C SER D 147 12.00 39.80 -25.71
N SER D 148 12.42 40.82 -26.47
CA SER D 148 13.81 41.23 -26.45
C SER D 148 14.16 41.96 -25.16
N LYS D 149 13.22 42.73 -24.63
CA LYS D 149 13.45 43.46 -23.39
C LYS D 149 13.47 42.52 -22.19
N THR D 155 13.92 39.05 -15.57
CA THR D 155 13.78 37.70 -16.12
C THR D 155 12.85 37.71 -17.33
N ALA D 156 13.34 37.19 -18.45
CA ALA D 156 12.55 37.11 -19.66
C ALA D 156 11.52 35.98 -19.55
N ALA D 157 10.60 35.94 -20.52
CA ALA D 157 9.53 34.96 -20.53
C ALA D 157 9.25 34.51 -21.96
N LEU D 158 9.10 33.21 -22.14
CA LEU D 158 8.75 32.61 -23.42
C LEU D 158 7.64 31.59 -23.20
N GLY D 159 7.09 31.10 -24.31
CA GLY D 159 6.00 30.13 -24.20
C GLY D 159 5.66 29.54 -25.53
N CYS D 160 4.64 28.68 -25.52
CA CYS D 160 4.10 28.04 -26.71
C CYS D 160 2.59 28.16 -26.71
N LEU D 161 2.02 28.38 -27.89
CA LEU D 161 0.59 28.59 -28.04
C LEU D 161 -0.02 27.43 -28.81
N VAL D 162 -0.95 26.73 -28.19
CA VAL D 162 -1.70 25.65 -28.81
C VAL D 162 -3.07 26.21 -29.18
N LYS D 163 -3.35 26.33 -30.48
CA LYS D 163 -4.58 26.96 -30.93
C LYS D 163 -5.75 25.98 -30.91
N ASP D 164 -6.65 26.11 -31.88
CA ASP D 164 -7.89 25.34 -31.85
C ASP D 164 -7.65 23.86 -32.06
N TYR D 165 -8.32 23.05 -31.25
CA TYR D 165 -8.24 21.60 -31.35
C TYR D 165 -9.52 21.01 -30.77
N PHE D 166 -9.63 19.68 -30.82
CA PHE D 166 -10.75 18.95 -30.25
C PHE D 166 -10.46 17.47 -30.18
N PRO D 167 -10.71 16.81 -29.04
CA PRO D 167 -11.16 17.44 -27.80
C PRO D 167 -10.04 17.57 -26.76
N GLU D 168 -10.43 17.82 -25.50
CA GLU D 168 -9.48 17.86 -24.41
C GLU D 168 -9.01 16.45 -24.08
N PRO D 169 -7.84 16.30 -23.44
CA PRO D 169 -6.89 17.35 -23.03
C PRO D 169 -5.66 17.44 -23.94
N VAL D 170 -4.74 18.33 -23.56
CA VAL D 170 -3.46 18.49 -24.27
C VAL D 170 -2.36 18.55 -23.22
N THR D 171 -1.42 17.61 -23.31
CA THR D 171 -0.29 17.56 -22.40
C THR D 171 0.87 18.37 -22.96
N VAL D 172 1.41 19.28 -22.15
CA VAL D 172 2.50 20.16 -22.56
C VAL D 172 3.66 19.97 -21.59
N SER D 173 4.84 19.69 -22.14
CA SER D 173 6.07 19.59 -21.36
C SER D 173 7.14 20.46 -22.00
N TRP D 174 8.20 20.70 -21.26
CA TRP D 174 9.30 21.56 -21.69
C TRP D 174 10.60 20.77 -21.67
N ASN D 175 11.30 20.75 -22.81
CA ASN D 175 12.57 20.03 -22.96
C ASN D 175 12.41 18.55 -22.62
N SER D 176 11.28 17.98 -23.03
CA SER D 176 10.95 16.58 -22.75
C SER D 176 10.97 16.28 -21.26
N GLY D 177 10.54 17.26 -20.46
CA GLY D 177 10.50 17.11 -19.03
C GLY D 177 11.79 17.45 -18.30
N ALA D 178 12.69 18.21 -18.93
CA ALA D 178 13.96 18.57 -18.30
C ALA D 178 13.86 19.87 -17.51
N LEU D 179 12.82 20.66 -17.72
CA LEU D 179 12.65 21.94 -17.02
C LEU D 179 11.25 21.97 -16.41
N THR D 180 11.19 21.98 -15.08
CA THR D 180 9.93 21.98 -14.35
C THR D 180 9.70 23.22 -13.52
N SER D 181 10.73 24.02 -13.24
CA SER D 181 10.57 25.21 -12.42
C SER D 181 10.05 26.37 -13.26
N GLY D 182 9.10 27.11 -12.69
CA GLY D 182 8.53 28.26 -13.37
C GLY D 182 7.54 27.93 -14.47
N VAL D 183 7.16 26.66 -14.63
CA VAL D 183 6.22 26.26 -15.66
C VAL D 183 4.80 26.58 -15.19
N HIS D 184 4.03 27.25 -16.04
CA HIS D 184 2.65 27.62 -15.74
C HIS D 184 1.82 27.41 -17.00
N THR D 185 1.04 26.32 -17.01
CA THR D 185 0.17 26.00 -18.14
C THR D 185 -1.23 26.52 -17.83
N PHE D 186 -1.64 27.58 -18.53
CA PHE D 186 -2.94 28.19 -18.31
C PHE D 186 -4.04 27.37 -18.97
N PRO D 187 -5.25 27.38 -18.39
CA PRO D 187 -6.34 26.59 -18.98
C PRO D 187 -6.78 27.13 -20.33
N ALA D 188 -7.33 26.24 -21.14
CA ALA D 188 -7.78 26.60 -22.48
C ALA D 188 -9.08 27.40 -22.42
N VAL D 189 -9.44 27.98 -23.56
CA VAL D 189 -10.67 28.74 -23.69
C VAL D 189 -11.59 28.02 -24.66
N LEU D 190 -12.88 28.11 -24.41
CA LEU D 190 -13.90 27.50 -25.27
C LEU D 190 -14.48 28.60 -26.14
N GLN D 191 -13.97 28.70 -27.37
CA GLN D 191 -14.46 29.70 -28.30
C GLN D 191 -15.87 29.36 -28.77
N SER D 192 -16.47 30.31 -29.49
CA SER D 192 -17.82 30.09 -30.02
C SER D 192 -17.84 29.02 -31.11
N SER D 193 -16.70 28.68 -31.69
CA SER D 193 -16.62 27.64 -32.70
C SER D 193 -16.61 26.23 -32.11
N GLY D 194 -16.45 26.11 -30.80
CA GLY D 194 -16.43 24.80 -30.17
C GLY D 194 -15.07 24.14 -30.12
N LEU D 195 -14.00 24.92 -30.10
CA LEU D 195 -12.64 24.39 -30.07
C LEU D 195 -11.84 25.05 -28.96
N TYR D 196 -10.94 24.29 -28.36
CA TYR D 196 -10.14 24.76 -27.23
C TYR D 196 -8.81 25.31 -27.70
N SER D 197 -8.27 26.25 -26.92
CA SER D 197 -6.98 26.86 -27.21
C SER D 197 -6.33 27.27 -25.91
N LEU D 198 -5.20 26.64 -25.57
CA LEU D 198 -4.51 26.87 -24.31
C LEU D 198 -3.16 27.54 -24.57
N SER D 199 -2.45 27.83 -23.48
CA SER D 199 -1.13 28.42 -23.53
C SER D 199 -0.28 27.84 -22.41
N SER D 200 1.03 27.87 -22.60
CA SER D 200 1.97 27.34 -21.62
C SER D 200 3.24 28.17 -21.66
N VAL D 201 3.64 28.71 -20.51
CA VAL D 201 4.83 29.53 -20.40
C VAL D 201 5.73 28.97 -19.31
N VAL D 202 7.00 29.37 -19.36
CA VAL D 202 8.00 28.94 -18.39
C VAL D 202 8.92 30.13 -18.08
N THR D 203 9.28 30.27 -16.81
CA THR D 203 10.12 31.38 -16.36
C THR D 203 11.57 30.94 -16.37
N VAL D 204 12.37 31.56 -17.23
CA VAL D 204 13.80 31.25 -17.33
C VAL D 204 14.60 32.54 -17.21
N PRO D 205 15.86 32.49 -16.77
CA PRO D 205 16.66 33.70 -16.70
C PRO D 205 16.99 34.24 -18.08
N SER D 206 17.33 35.53 -18.12
CA SER D 206 17.61 36.18 -19.40
C SER D 206 18.94 35.73 -19.99
N SER D 207 19.91 35.34 -19.14
CA SER D 207 21.20 34.87 -19.65
C SER D 207 21.07 33.54 -20.38
N SER D 208 20.01 32.79 -20.13
CA SER D 208 19.82 31.52 -20.82
C SER D 208 19.41 31.70 -22.27
N LEU D 209 18.96 32.89 -22.65
CA LEU D 209 18.56 33.16 -24.03
C LEU D 209 19.82 33.21 -24.90
N GLY D 210 19.85 32.36 -25.93
CA GLY D 210 21.01 32.26 -26.80
C GLY D 210 21.96 31.13 -26.48
N THR D 211 21.72 30.38 -25.40
CA THR D 211 22.55 29.26 -25.02
C THR D 211 21.78 27.97 -24.85
N GLN D 212 20.60 28.02 -24.25
CA GLN D 212 19.77 26.84 -24.03
C GLN D 212 18.84 26.62 -25.22
N THR D 213 18.61 25.35 -25.54
CA THR D 213 17.72 24.96 -26.62
C THR D 213 16.36 24.60 -26.01
N TYR D 214 15.51 25.61 -25.87
CA TYR D 214 14.18 25.42 -25.29
C TYR D 214 13.23 24.86 -26.35
N ILE D 215 12.63 23.71 -26.05
CA ILE D 215 11.70 23.04 -26.96
C ILE D 215 10.49 22.58 -26.16
N CYS D 216 9.30 23.04 -26.55
CA CYS D 216 8.07 22.63 -25.90
C CYS D 216 7.48 21.42 -26.63
N ASN D 217 7.00 20.46 -25.85
CA ASN D 217 6.44 19.22 -26.39
C ASN D 217 4.93 19.22 -26.16
N VAL D 218 4.18 19.06 -27.25
CA VAL D 218 2.72 19.05 -27.21
C VAL D 218 2.23 17.70 -27.72
N ASN D 219 1.39 17.04 -26.92
CA ASN D 219 0.85 15.73 -27.28
C ASN D 219 -0.66 15.77 -27.11
N HIS D 220 -1.38 15.30 -28.13
CA HIS D 220 -2.84 15.19 -28.10
C HIS D 220 -3.21 13.78 -28.52
N LYS D 221 -3.59 12.96 -27.54
CA LYS D 221 -3.87 11.55 -27.82
C LYS D 221 -5.04 11.32 -28.77
N PRO D 222 -6.18 12.02 -28.66
CA PRO D 222 -7.26 11.76 -29.63
C PRO D 222 -6.88 12.03 -31.08
N SER D 223 -5.97 12.98 -31.33
CA SER D 223 -5.53 13.27 -32.69
C SER D 223 -4.32 12.45 -33.11
N ASN D 224 -3.71 11.70 -32.19
CA ASN D 224 -2.54 10.87 -32.48
C ASN D 224 -1.41 11.71 -33.07
N THR D 225 -1.17 12.88 -32.48
CA THR D 225 -0.18 13.83 -32.98
C THR D 225 0.64 14.36 -31.82
N LYS D 226 1.95 14.19 -31.90
CA LYS D 226 2.90 14.74 -30.93
C LYS D 226 3.78 15.74 -31.64
N VAL D 227 3.75 16.99 -31.19
CA VAL D 227 4.45 18.09 -31.85
C VAL D 227 5.56 18.59 -30.93
N ASP D 228 6.76 18.74 -31.50
CA ASP D 228 7.90 19.34 -30.80
C ASP D 228 8.28 20.62 -31.52
N LYS D 229 8.23 21.74 -30.81
CA LYS D 229 8.47 23.05 -31.38
C LYS D 229 9.65 23.72 -30.70
N ARG D 230 10.55 24.27 -31.49
CA ARG D 230 11.75 24.94 -30.98
C ARG D 230 11.46 26.42 -30.82
N VAL D 231 11.46 26.89 -29.57
CA VAL D 231 11.16 28.29 -29.27
C VAL D 231 12.46 29.09 -29.37
N GLU D 232 12.47 30.07 -30.27
CA GLU D 232 13.62 30.94 -30.45
C GLU D 232 13.15 32.39 -30.55
N PRO D 233 13.97 33.34 -30.10
CA PRO D 233 13.56 34.74 -30.11
C PRO D 233 13.43 35.28 -31.54
N LYS D 234 12.92 36.51 -31.62
CA LYS D 234 12.72 37.15 -32.91
C LYS D 234 14.05 37.53 -33.53
N SER D 235 14.03 37.78 -34.84
CA SER D 235 15.24 38.11 -35.58
C SER D 235 15.75 39.51 -35.31
N CYS D 236 15.00 40.34 -34.59
CA CYS D 236 15.44 41.70 -34.28
C CYS D 236 16.21 41.75 -32.97
N VAL E 4 -24.90 19.86 -4.06
CA VAL E 4 -23.67 20.17 -3.36
C VAL E 4 -23.94 21.17 -2.22
N ARG E 5 -23.42 20.86 -1.03
CA ARG E 5 -23.59 21.71 0.14
C ARG E 5 -22.40 22.62 0.30
N PRO E 6 -22.61 23.93 0.45
CA PRO E 6 -21.49 24.86 0.59
C PRO E 6 -21.07 25.08 2.03
N LEU E 7 -19.79 25.45 2.19
CA LEU E 7 -19.22 25.69 3.49
C LEU E 7 -18.06 26.67 3.35
N SER E 8 -18.01 27.66 4.24
CA SER E 8 -16.98 28.68 4.22
C SER E 8 -16.38 28.81 5.62
N VAL E 9 -15.07 28.59 5.72
CA VAL E 9 -14.35 28.62 7.00
C VAL E 9 -13.15 29.54 6.87
N ALA E 10 -12.86 30.28 7.92
CA ALA E 10 -11.71 31.16 7.94
C ALA E 10 -10.42 30.36 8.15
N LEU E 11 -9.29 31.05 8.06
CA LEU E 11 -7.99 30.42 8.21
C LEU E 11 -7.66 30.17 9.67
N GLY E 12 -7.07 29.01 9.95
CA GLY E 12 -6.59 28.67 11.27
C GLY E 12 -7.63 28.19 12.25
N GLU E 13 -8.92 28.27 11.92
CA GLU E 13 -9.98 27.84 12.82
C GLU E 13 -10.34 26.39 12.57
N THR E 14 -10.66 25.68 13.64
CA THR E 14 -11.02 24.26 13.56
C THR E 14 -12.40 24.12 12.95
N ALA E 15 -12.46 23.54 11.75
CA ALA E 15 -13.72 23.31 11.06
C ALA E 15 -14.13 21.85 11.17
N ARG E 16 -15.44 21.61 11.11
CA ARG E 16 -16.00 20.27 11.20
C ARG E 16 -16.99 20.09 10.05
N ILE E 17 -16.66 19.21 9.12
CA ILE E 17 -17.50 18.94 7.96
C ILE E 17 -18.52 17.89 8.34
N SER E 18 -19.80 18.25 8.30
CA SER E 18 -20.86 17.33 8.66
C SER E 18 -21.11 16.32 7.54
N CYS E 19 -21.76 15.22 7.90
CA CYS E 19 -22.09 14.16 6.97
C CYS E 19 -23.56 14.24 6.60
N GLY E 20 -23.86 13.92 5.34
CA GLY E 20 -25.22 13.96 4.85
C GLY E 20 -26.11 12.90 5.48
N ARG E 21 -26.05 11.67 4.97
CA ARG E 21 -26.86 10.59 5.50
C ARG E 21 -26.37 10.18 6.89
N GLN E 22 -27.29 9.63 7.68
CA GLN E 22 -26.99 9.20 9.03
C GLN E 22 -26.78 7.68 9.08
N ALA E 23 -26.32 7.21 10.24
CA ALA E 23 -26.00 5.81 10.43
C ALA E 23 -27.23 5.00 10.81
N LEU E 24 -27.16 3.69 10.53
CA LEU E 24 -28.23 2.74 10.87
C LEU E 24 -27.55 1.46 11.37
N GLY E 25 -27.17 1.45 12.64
CA GLY E 25 -26.48 0.33 13.24
C GLY E 25 -24.99 0.55 13.32
N SER E 26 -24.27 -0.56 13.37
CA SER E 26 -22.81 -0.52 13.37
C SER E 26 -22.31 0.03 12.05
N ARG E 27 -21.51 1.10 12.11
CA ARG E 27 -21.11 1.84 10.92
C ARG E 27 -19.60 1.77 10.73
N ALA E 28 -19.19 2.02 9.49
CA ALA E 28 -17.77 2.15 9.12
C ALA E 28 -17.70 3.26 8.07
N VAL E 29 -17.41 4.47 8.52
CA VAL E 29 -17.53 5.65 7.68
C VAL E 29 -16.19 5.93 6.99
N GLN E 30 -16.27 6.39 5.74
CA GLN E 30 -15.09 6.80 4.97
C GLN E 30 -15.29 8.24 4.49
N TRP E 31 -14.31 9.09 4.78
CA TRP E 31 -14.32 10.48 4.33
C TRP E 31 -13.31 10.64 3.21
N TYR E 32 -13.76 11.17 2.08
CA TYR E 32 -12.94 11.35 0.90
C TYR E 32 -12.76 12.84 0.60
N GLN E 33 -11.54 13.21 0.20
CA GLN E 33 -11.22 14.56 -0.23
C GLN E 33 -10.90 14.54 -1.71
N HIS E 34 -11.65 15.31 -2.50
CA HIS E 34 -11.49 15.34 -3.94
C HIS E 34 -11.16 16.76 -4.39
N ARG E 35 -10.06 16.91 -5.11
CA ARG E 35 -9.61 18.15 -5.74
C ARG E 35 -10.02 18.16 -7.20
N PRO E 36 -10.48 19.30 -7.72
CA PRO E 36 -10.93 19.36 -9.12
C PRO E 36 -9.76 19.14 -10.07
N GLY E 37 -9.84 18.08 -10.87
CA GLY E 37 -8.81 17.74 -11.82
C GLY E 37 -7.77 16.77 -11.32
N GLN E 38 -7.75 16.47 -10.02
CA GLN E 38 -6.78 15.56 -9.43
C GLN E 38 -7.47 14.29 -8.96
N ALA E 39 -6.66 13.34 -8.50
CA ALA E 39 -7.18 12.06 -8.05
C ALA E 39 -7.80 12.20 -6.67
N PRO E 40 -8.97 11.59 -6.45
CA PRO E 40 -9.58 11.63 -5.12
C PRO E 40 -8.72 10.90 -4.10
N ILE E 41 -8.65 11.47 -2.90
CA ILE E 41 -7.85 10.91 -1.81
C ILE E 41 -8.73 10.83 -0.57
N LEU E 42 -8.89 9.62 -0.03
CA LEU E 42 -9.65 9.46 1.21
C LEU E 42 -8.81 9.92 2.39
N LEU E 43 -9.45 10.64 3.31
CA LEU E 43 -8.77 11.15 4.49
C LEU E 43 -8.93 10.24 5.70
N ILE E 44 -10.15 9.76 5.96
CA ILE E 44 -10.44 8.92 7.11
C ILE E 44 -11.25 7.72 6.63
N TYR E 45 -10.79 6.53 6.98
CA TYR E 45 -11.52 5.30 6.74
C TYR E 45 -11.87 4.64 8.06
N ASN E 46 -13.03 4.00 8.10
CA ASN E 46 -13.50 3.30 9.31
C ASN E 46 -13.54 4.24 10.50
N ASN E 47 -14.59 5.06 10.59
CA ASN E 47 -14.81 5.95 11.72
C ASN E 47 -13.69 6.97 11.89
N GLN E 48 -12.56 6.56 12.48
CA GLN E 48 -11.45 7.47 12.72
C GLN E 48 -10.11 6.98 12.20
N ASP E 49 -10.00 5.74 11.73
CA ASP E 49 -8.71 5.21 11.30
C ASP E 49 -8.15 6.04 10.15
N ARG E 50 -6.87 6.39 10.26
CA ARG E 50 -6.24 7.31 9.34
C ARG E 50 -5.14 6.61 8.56
N PRO E 51 -5.15 6.66 7.24
CA PRO E 51 -4.10 6.00 6.46
C PRO E 51 -2.79 6.75 6.55
N SER E 52 -1.73 6.10 6.07
CA SER E 52 -0.40 6.69 6.11
C SER E 52 -0.30 7.86 5.16
N GLY E 53 0.26 8.98 5.65
CA GLY E 53 0.42 10.19 4.87
C GLY E 53 -0.51 11.31 5.27
N ILE E 54 -1.68 10.98 5.80
CA ILE E 54 -2.65 12.01 6.18
C ILE E 54 -2.20 12.67 7.47
N PRO E 55 -2.18 14.01 7.54
CA PRO E 55 -1.75 14.67 8.77
C PRO E 55 -2.73 14.43 9.91
N GLU E 56 -2.25 14.70 11.12
CA GLU E 56 -3.03 14.49 12.34
C GLU E 56 -4.09 15.55 12.56
N ARG E 57 -4.19 16.55 11.68
CA ARG E 57 -5.19 17.60 11.85
C ARG E 57 -6.60 17.07 11.59
N PHE E 58 -6.72 16.01 10.79
CA PHE E 58 -8.02 15.42 10.49
C PHE E 58 -8.33 14.31 11.48
N SER E 59 -9.59 14.23 11.89
CA SER E 59 -10.04 13.21 12.83
C SER E 59 -11.46 12.81 12.51
N GLY E 60 -11.84 11.62 12.99
CA GLY E 60 -13.15 11.08 12.77
C GLY E 60 -13.99 11.01 14.03
N THR E 61 -15.09 10.27 13.94
CA THR E 61 -16.02 10.10 15.04
C THR E 61 -15.97 8.69 15.57
N PRO E 62 -15.85 8.49 16.88
CA PRO E 62 -15.78 7.13 17.42
C PRO E 62 -17.12 6.41 17.36
N ASP E 63 -17.05 5.11 17.13
CA ASP E 63 -18.23 4.25 17.08
C ASP E 63 -18.41 3.62 18.46
N ILE E 64 -18.99 4.40 19.37
CA ILE E 64 -19.24 3.94 20.73
C ILE E 64 -20.69 3.46 20.81
N ASN E 65 -21.08 2.60 19.87
CA ASN E 65 -22.43 2.05 19.79
C ASN E 65 -23.47 3.17 19.75
N PHE E 66 -23.53 3.81 18.58
CA PHE E 66 -24.46 4.91 18.31
C PHE E 66 -24.25 6.09 19.26
N GLY E 67 -25.19 7.02 19.27
CA GLY E 67 -25.11 8.20 20.10
C GLY E 67 -24.28 9.33 19.52
N THR E 68 -23.44 9.06 18.52
CA THR E 68 -22.60 10.07 17.91
C THR E 68 -22.81 10.07 16.41
N ARG E 69 -22.60 11.24 15.80
CA ARG E 69 -22.76 11.41 14.35
C ARG E 69 -21.39 11.48 13.70
N ALA E 70 -21.22 10.74 12.60
CA ALA E 70 -19.96 10.73 11.86
C ALA E 70 -19.61 12.12 11.34
N THR E 71 -18.55 12.71 11.87
CA THR E 71 -18.16 14.06 11.52
C THR E 71 -16.65 14.11 11.31
N LEU E 72 -16.22 14.87 10.31
CA LEU E 72 -14.81 15.06 9.99
C LEU E 72 -14.34 16.38 10.59
N THR E 73 -13.56 16.29 11.67
CA THR E 73 -13.03 17.47 12.34
C THR E 73 -11.67 17.83 11.73
N ILE E 74 -11.56 19.07 11.25
CA ILE E 74 -10.34 19.56 10.62
C ILE E 74 -9.82 20.72 11.47
N SER E 75 -8.70 20.50 12.15
CA SER E 75 -8.09 21.52 12.98
C SER E 75 -7.02 22.25 12.20
N GLY E 76 -6.96 23.57 12.37
CA GLY E 76 -6.01 24.40 11.65
C GLY E 76 -6.27 24.42 10.16
N VAL E 77 -7.44 24.91 9.76
CA VAL E 77 -7.82 24.95 8.36
C VAL E 77 -6.96 25.98 7.64
N GLU E 78 -6.22 25.54 6.63
CA GLU E 78 -5.38 26.40 5.82
C GLU E 78 -5.97 26.54 4.42
N ALA E 79 -5.20 27.12 3.50
CA ALA E 79 -5.71 27.35 2.16
C ALA E 79 -5.82 26.06 1.35
N GLY E 80 -4.96 25.08 1.63
CA GLY E 80 -4.98 23.84 0.88
C GLY E 80 -6.16 22.93 1.17
N ASP E 81 -6.96 23.26 2.19
CA ASP E 81 -8.11 22.44 2.54
C ASP E 81 -9.33 22.71 1.66
N GLU E 82 -9.28 23.71 0.79
CA GLU E 82 -10.39 24.04 -0.08
C GLU E 82 -10.56 22.94 -1.13
N ALA E 83 -11.61 22.13 -0.98
CA ALA E 83 -11.89 21.03 -1.90
C ALA E 83 -13.33 20.58 -1.68
N ASP E 84 -13.70 19.48 -2.33
CA ASP E 84 -15.01 18.86 -2.16
C ASP E 84 -14.84 17.60 -1.33
N TYR E 85 -15.70 17.42 -0.34
CA TYR E 85 -15.60 16.32 0.61
C TYR E 85 -16.87 15.48 0.57
N TYR E 86 -16.70 14.16 0.48
CA TYR E 86 -17.81 13.23 0.45
C TYR E 86 -17.80 12.35 1.69
N CYS E 87 -18.99 11.96 2.13
CA CYS E 87 -19.17 11.11 3.29
C CYS E 87 -19.72 9.77 2.82
N HIS E 88 -18.91 8.71 2.94
CA HIS E 88 -19.29 7.37 2.50
C HIS E 88 -19.65 6.56 3.74
N MET E 89 -20.94 6.37 3.96
CA MET E 89 -21.45 5.63 5.11
C MET E 89 -21.62 4.16 4.76
N TRP E 90 -21.23 3.29 5.68
CA TRP E 90 -21.36 1.84 5.51
C TRP E 90 -22.01 1.27 6.77
N ASP E 91 -23.31 1.04 6.72
CA ASP E 91 -24.04 0.43 7.83
C ASP E 91 -24.67 -0.87 7.37
N SER E 92 -25.09 -1.69 8.34
CA SER E 92 -25.68 -2.98 8.03
C SER E 92 -27.09 -2.88 7.49
N ARG E 93 -27.85 -1.86 7.91
CA ARG E 93 -29.22 -1.71 7.46
C ARG E 93 -29.28 -1.29 5.99
N SER E 94 -28.55 -0.23 5.64
CA SER E 94 -28.54 0.23 4.26
C SER E 94 -27.89 -0.76 3.31
N GLY E 95 -27.07 -1.66 3.83
CA GLY E 95 -26.43 -2.65 2.98
C GLY E 95 -25.34 -2.03 2.12
N PHE E 96 -25.34 -2.37 0.84
CA PHE E 96 -24.34 -1.84 -0.08
C PHE E 96 -24.64 -0.37 -0.38
N SER E 97 -23.69 0.50 -0.05
CA SER E 97 -23.81 1.94 -0.29
C SER E 97 -23.05 2.29 -1.55
N TRP E 98 -23.77 2.63 -2.61
CA TRP E 98 -23.15 2.99 -3.88
C TRP E 98 -22.92 4.49 -4.01
N SER E 99 -23.91 5.31 -3.63
CA SER E 99 -23.74 6.75 -3.71
C SER E 99 -22.80 7.24 -2.61
N PHE E 100 -22.01 8.26 -2.93
CA PHE E 100 -21.06 8.84 -1.99
C PHE E 100 -21.67 9.98 -1.19
N GLY E 101 -22.99 10.11 -1.17
CA GLY E 101 -23.64 11.18 -0.44
C GLY E 101 -23.53 12.52 -1.15
N GLY E 102 -24.19 13.51 -0.55
CA GLY E 102 -24.14 14.85 -1.11
C GLY E 102 -22.76 15.47 -0.95
N ALA E 103 -22.31 16.12 -2.02
CA ALA E 103 -20.99 16.75 -2.01
C ALA E 103 -20.98 17.95 -1.06
N THR E 104 -19.85 18.14 -0.39
CA THR E 104 -19.66 19.27 0.54
C THR E 104 -18.46 20.07 0.03
N ARG E 105 -18.75 21.20 -0.63
CA ARG E 105 -17.71 22.04 -1.20
C ARG E 105 -17.19 23.01 -0.13
N LEU E 106 -15.97 22.76 0.32
CA LEU E 106 -15.34 23.61 1.34
C LEU E 106 -14.57 24.74 0.67
N THR E 107 -14.81 25.96 1.15
CA THR E 107 -14.14 27.15 0.62
C THR E 107 -13.48 27.89 1.78
N VAL E 108 -12.22 28.27 1.58
CA VAL E 108 -11.43 28.95 2.61
C VAL E 108 -11.49 30.45 2.35
N LEU E 109 -11.82 31.22 3.38
CA LEU E 109 -11.91 32.66 3.29
C LEU E 109 -10.77 33.32 4.06
N GLY E 110 -10.62 34.62 3.85
CA GLY E 110 -9.62 35.39 4.57
C GLY E 110 -8.20 35.21 4.09
N GLN E 111 -8.00 34.70 2.87
CA GLN E 111 -6.65 34.53 2.36
C GLN E 111 -6.03 35.89 2.03
N PRO E 112 -4.72 36.04 2.24
CA PRO E 112 -4.06 37.30 1.88
C PRO E 112 -4.09 37.52 0.38
N LYS E 113 -4.43 38.75 -0.02
CA LYS E 113 -4.52 39.05 -1.44
C LYS E 113 -3.13 39.16 -2.05
N ALA E 114 -3.07 38.98 -3.37
CA ALA E 114 -1.82 39.03 -4.12
C ALA E 114 -2.02 39.82 -5.40
N ALA E 115 -1.00 40.59 -5.77
CA ALA E 115 -1.07 41.37 -7.00
C ALA E 115 -0.97 40.46 -8.20
N PRO E 116 -1.82 40.62 -9.21
CA PRO E 116 -1.76 39.72 -10.37
C PRO E 116 -0.53 40.00 -11.23
N SER E 117 0.03 38.93 -11.77
CA SER E 117 1.20 39.02 -12.66
C SER E 117 0.70 38.87 -14.09
N VAL E 118 0.58 40.00 -14.77
CA VAL E 118 0.05 40.04 -16.14
C VAL E 118 1.21 39.98 -17.12
N THR E 119 1.02 39.21 -18.20
CA THR E 119 2.04 39.09 -19.24
C THR E 119 1.33 38.93 -20.57
N LEU E 120 1.34 39.99 -21.38
CA LEU E 120 0.70 39.97 -22.68
C LEU E 120 1.70 39.54 -23.75
N PHE E 121 1.31 38.56 -24.56
CA PHE E 121 2.16 38.01 -25.60
C PHE E 121 1.59 38.30 -26.97
N PRO E 122 2.37 38.82 -27.90
CA PRO E 122 1.87 39.07 -29.25
C PRO E 122 1.81 37.78 -30.06
N PRO E 123 1.08 37.76 -31.17
CA PRO E 123 1.06 36.57 -32.01
C PRO E 123 2.44 36.25 -32.56
N SER E 124 2.76 34.96 -32.61
CA SER E 124 4.08 34.54 -33.06
C SER E 124 4.24 34.76 -34.56
N SER E 125 5.50 34.73 -35.02
CA SER E 125 5.78 34.92 -36.43
C SER E 125 5.27 33.74 -37.26
N GLU E 126 5.36 32.53 -36.72
CA GLU E 126 4.84 31.37 -37.44
C GLU E 126 3.32 31.39 -37.51
N GLU E 127 2.66 31.97 -36.51
CA GLU E 127 1.21 32.12 -36.56
C GLU E 127 0.80 33.14 -37.62
N LEU E 128 1.60 34.20 -37.78
CA LEU E 128 1.33 35.17 -38.84
C LEU E 128 1.50 34.53 -40.22
N GLN E 129 2.39 33.54 -40.34
CA GLN E 129 2.53 32.81 -41.59
C GLN E 129 1.32 31.91 -41.88
N ALA E 130 0.58 31.53 -40.84
CA ALA E 130 -0.62 30.72 -40.99
C ALA E 130 -1.87 31.58 -41.24
N ASN E 131 -1.69 32.85 -41.57
CA ASN E 131 -2.80 33.77 -41.85
C ASN E 131 -3.76 33.88 -40.67
N LYS E 132 -3.19 33.91 -39.47
CA LYS E 132 -3.98 34.03 -38.24
C LYS E 132 -3.20 34.86 -37.23
N ALA E 133 -3.91 35.29 -36.18
CA ALA E 133 -3.31 36.08 -35.12
C ALA E 133 -4.13 35.90 -33.85
N THR E 134 -3.45 35.89 -32.70
CA THR E 134 -4.11 35.71 -31.42
C THR E 134 -3.29 36.40 -30.34
N LEU E 135 -3.94 37.28 -29.59
CA LEU E 135 -3.29 37.97 -28.47
C LEU E 135 -3.55 37.20 -27.19
N VAL E 136 -2.47 36.81 -26.51
CA VAL E 136 -2.55 36.00 -25.30
C VAL E 136 -2.17 36.88 -24.11
N CYS E 137 -3.13 37.09 -23.21
CA CYS E 137 -2.92 37.87 -22.00
C CYS E 137 -3.13 36.95 -20.80
N LEU E 138 -2.04 36.64 -20.10
CA LEU E 138 -2.07 35.68 -19.00
C LEU E 138 -2.04 36.41 -17.66
N ILE E 139 -2.87 35.94 -16.73
CA ILE E 139 -2.98 36.51 -15.39
C ILE E 139 -2.72 35.38 -14.39
N SER E 140 -1.68 35.55 -13.57
CA SER E 140 -1.28 34.53 -12.62
C SER E 140 -1.11 35.14 -11.23
N ASP E 141 -1.39 34.32 -10.22
CA ASP E 141 -1.20 34.68 -8.82
C ASP E 141 -2.00 35.94 -8.44
N PHE E 142 -3.29 35.76 -8.15
CA PHE E 142 -4.11 36.87 -7.69
C PHE E 142 -5.25 36.33 -6.84
N TYR E 143 -5.59 37.07 -5.78
CA TYR E 143 -6.67 36.74 -4.87
C TYR E 143 -7.32 38.04 -4.43
N PRO E 144 -8.66 38.09 -4.30
CA PRO E 144 -9.62 37.02 -4.57
C PRO E 144 -9.84 36.78 -6.06
N GLY E 145 -10.59 35.73 -6.38
CA GLY E 145 -10.87 35.38 -7.76
C GLY E 145 -11.95 36.25 -8.39
N ALA E 146 -11.65 37.53 -8.59
CA ALA E 146 -12.60 38.46 -9.21
C ALA E 146 -11.78 39.45 -10.04
N VAL E 147 -11.69 39.20 -11.33
CA VAL E 147 -10.90 40.02 -12.24
C VAL E 147 -11.70 40.25 -13.52
N THR E 148 -11.80 41.51 -13.94
CA THR E 148 -12.47 41.88 -15.17
C THR E 148 -11.41 42.22 -16.22
N VAL E 149 -11.45 41.51 -17.35
CA VAL E 149 -10.50 41.70 -18.43
C VAL E 149 -11.15 42.53 -19.52
N ALA E 150 -10.44 43.57 -19.99
CA ALA E 150 -10.96 44.45 -21.03
C ALA E 150 -9.86 44.70 -22.04
N TRP E 151 -10.06 44.25 -23.27
CA TRP E 151 -9.10 44.49 -24.34
C TRP E 151 -9.30 45.88 -24.93
N LYS E 152 -8.19 46.49 -25.34
CA LYS E 152 -8.22 47.85 -25.90
C LYS E 152 -7.36 47.90 -27.15
N ALA E 153 -7.94 48.36 -28.25
CA ALA E 153 -7.20 48.68 -29.47
C ALA E 153 -6.93 50.18 -29.46
N ASP E 154 -5.65 50.54 -29.39
CA ASP E 154 -5.23 51.93 -29.21
C ASP E 154 -5.84 52.50 -27.94
N SER E 155 -6.89 53.30 -28.08
CA SER E 155 -7.62 53.85 -26.94
C SER E 155 -9.05 53.36 -26.84
N SER E 156 -9.59 52.74 -27.89
CA SER E 156 -10.98 52.28 -27.90
C SER E 156 -11.04 50.81 -27.53
N PRO E 157 -11.95 50.41 -26.65
CA PRO E 157 -12.08 48.98 -26.31
C PRO E 157 -12.79 48.21 -27.42
N VAL E 158 -12.47 46.93 -27.50
CA VAL E 158 -13.02 46.03 -28.52
C VAL E 158 -13.74 44.89 -27.83
N LYS E 159 -15.01 44.68 -28.18
CA LYS E 159 -15.80 43.58 -27.65
C LYS E 159 -15.88 42.40 -28.61
N ALA E 160 -15.36 42.53 -29.82
CA ALA E 160 -15.42 41.47 -30.81
C ALA E 160 -14.18 40.59 -30.74
N GLY E 161 -14.37 39.28 -30.87
CA GLY E 161 -13.25 38.36 -30.82
C GLY E 161 -12.61 38.22 -29.47
N VAL E 162 -13.36 38.46 -28.39
CA VAL E 162 -12.84 38.38 -27.03
C VAL E 162 -13.23 37.03 -26.44
N GLU E 163 -12.22 36.24 -26.08
CA GLU E 163 -12.42 34.93 -25.47
C GLU E 163 -11.74 34.94 -24.10
N THR E 164 -12.55 34.95 -23.04
CA THR E 164 -12.05 35.05 -21.67
C THR E 164 -12.37 33.77 -20.91
N THR E 165 -11.41 33.33 -20.10
CA THR E 165 -11.57 32.14 -19.28
C THR E 165 -11.94 32.52 -17.85
N THR E 166 -12.62 31.61 -17.18
CA THR E 166 -12.97 31.82 -15.77
C THR E 166 -11.72 31.62 -14.92
N PRO E 167 -11.45 32.51 -13.96
CA PRO E 167 -10.27 32.34 -13.11
C PRO E 167 -10.31 31.02 -12.35
N SER E 168 -9.17 30.33 -12.34
CA SER E 168 -9.06 29.01 -11.72
C SER E 168 -7.91 29.00 -10.73
N LYS E 169 -8.07 28.22 -9.68
CA LYS E 169 -7.03 28.06 -8.68
C LYS E 169 -5.91 27.17 -9.21
N GLN E 170 -4.66 27.53 -8.88
CA GLN E 170 -3.51 26.72 -9.19
C GLN E 170 -2.91 26.18 -7.89
N SER E 171 -1.64 25.78 -7.94
CA SER E 171 -1.02 25.10 -6.81
C SER E 171 -0.69 26.03 -5.66
N ASN E 172 -0.52 27.33 -5.93
CA ASN E 172 -0.15 28.29 -4.90
C ASN E 172 -1.35 28.87 -4.18
N ASN E 173 -2.53 28.24 -4.29
CA ASN E 173 -3.77 28.70 -3.66
C ASN E 173 -4.15 30.11 -4.11
N LYS E 174 -3.64 30.55 -5.25
CA LYS E 174 -4.03 31.81 -5.86
C LYS E 174 -4.68 31.52 -7.21
N TYR E 175 -5.52 32.45 -7.65
CA TYR E 175 -6.25 32.24 -8.90
C TYR E 175 -5.37 32.55 -10.10
N ALA E 176 -5.77 31.99 -11.25
CA ALA E 176 -5.05 32.20 -12.49
C ALA E 176 -6.05 32.22 -13.64
N ALA E 177 -6.00 33.29 -14.44
CA ALA E 177 -6.92 33.47 -15.55
C ALA E 177 -6.13 33.74 -16.83
N SER E 178 -6.81 33.58 -17.96
CA SER E 178 -6.20 33.80 -19.27
C SER E 178 -7.25 34.37 -20.22
N SER E 179 -6.82 35.32 -21.05
CA SER E 179 -7.69 35.96 -22.02
C SER E 179 -7.12 35.77 -23.42
N TYR E 180 -8.00 35.59 -24.40
CA TYR E 180 -7.61 35.34 -25.79
C TYR E 180 -8.35 36.31 -26.70
N LEU E 181 -7.59 37.01 -27.54
CA LEU E 181 -8.14 37.96 -28.50
C LEU E 181 -7.85 37.44 -29.90
N SER E 182 -8.86 36.88 -30.56
CA SER E 182 -8.69 36.35 -31.91
C SER E 182 -8.80 37.48 -32.92
N LEU E 183 -7.76 37.67 -33.73
CA LEU E 183 -7.73 38.71 -34.72
C LEU E 183 -7.11 38.17 -36.01
N THR E 184 -7.13 38.99 -37.05
CA THR E 184 -6.50 38.68 -38.32
C THR E 184 -5.13 39.32 -38.40
N PRO E 185 -4.22 38.77 -39.21
CA PRO E 185 -2.87 39.38 -39.32
C PRO E 185 -2.90 40.82 -39.80
N GLU E 186 -3.87 41.20 -40.64
CA GLU E 186 -3.94 42.58 -41.09
C GLU E 186 -4.36 43.51 -39.97
N GLN E 187 -5.28 43.07 -39.11
CA GLN E 187 -5.71 43.90 -37.99
C GLN E 187 -4.63 44.01 -36.92
N TRP E 188 -3.77 43.00 -36.80
CA TRP E 188 -2.69 43.05 -35.81
C TRP E 188 -1.57 44.00 -36.24
N LYS E 189 -1.29 44.06 -37.55
CA LYS E 189 -0.24 44.91 -38.07
C LYS E 189 -0.72 46.32 -38.37
N SER E 190 -2.02 46.59 -38.30
CA SER E 190 -2.57 47.90 -38.65
C SER E 190 -2.56 48.86 -37.47
N HIS E 191 -3.07 48.43 -36.32
CA HIS E 191 -3.14 49.30 -35.16
C HIS E 191 -1.75 49.67 -34.66
N ARG E 192 -1.67 50.82 -33.99
CA ARG E 192 -0.38 51.29 -33.48
C ARG E 192 0.12 50.42 -32.33
N SER E 193 -0.77 50.07 -31.41
CA SER E 193 -0.40 49.23 -30.27
C SER E 193 -1.67 48.66 -29.66
N TYR E 194 -1.54 47.47 -29.08
CA TYR E 194 -2.62 46.81 -28.37
C TYR E 194 -2.31 46.73 -26.89
N SER E 195 -3.37 46.77 -26.07
CA SER E 195 -3.22 46.79 -24.63
C SER E 195 -4.21 45.83 -23.99
N CYS E 196 -3.77 45.16 -22.93
CA CYS E 196 -4.60 44.26 -22.14
C CYS E 196 -4.79 44.88 -20.76
N GLN E 197 -6.01 45.33 -20.48
CA GLN E 197 -6.34 45.97 -19.22
C GLN E 197 -6.91 44.93 -18.25
N VAL E 198 -6.31 44.82 -17.07
CA VAL E 198 -6.69 43.85 -16.06
C VAL E 198 -7.04 44.61 -14.79
N THR E 199 -8.28 44.46 -14.32
CA THR E 199 -8.75 45.11 -13.11
C THR E 199 -8.92 44.07 -12.01
N HIS E 200 -8.32 44.34 -10.85
CA HIS E 200 -8.36 43.44 -9.71
C HIS E 200 -8.45 44.24 -8.43
N GLU E 201 -9.56 44.09 -7.72
CA GLU E 201 -9.78 44.76 -6.43
C GLU E 201 -9.63 46.27 -6.57
N GLY E 202 -10.18 46.83 -7.64
CA GLY E 202 -10.09 48.26 -7.85
C GLY E 202 -8.84 48.65 -8.58
N SER E 203 -7.72 47.98 -8.29
CA SER E 203 -6.47 48.25 -8.95
C SER E 203 -6.53 47.80 -10.41
N THR E 204 -5.59 48.32 -11.21
CA THR E 204 -5.55 48.04 -12.64
C THR E 204 -4.11 47.92 -13.09
N VAL E 205 -3.78 46.79 -13.71
CA VAL E 205 -2.48 46.55 -14.31
C VAL E 205 -2.67 46.34 -15.81
N GLU E 206 -1.88 47.04 -16.62
CA GLU E 206 -2.06 47.03 -18.07
C GLU E 206 -0.73 46.71 -18.74
N LYS E 207 -0.75 45.77 -19.67
CA LYS E 207 0.39 45.42 -20.50
C LYS E 207 0.11 45.84 -21.94
N THR E 208 1.13 46.37 -22.60
CA THR E 208 0.99 46.91 -23.95
C THR E 208 2.08 46.36 -24.84
N VAL E 209 1.69 45.87 -26.03
CA VAL E 209 2.62 45.41 -27.05
C VAL E 209 2.30 46.13 -28.35
N ALA E 210 3.34 46.36 -29.15
CA ALA E 210 3.20 47.09 -30.41
C ALA E 210 4.01 46.40 -31.51
N PRO E 211 3.51 46.40 -32.74
CA PRO E 211 4.27 45.78 -33.84
C PRO E 211 5.53 46.56 -34.20
N THR E 212 5.58 47.86 -33.93
CA THR E 212 6.72 48.69 -34.28
C THR E 212 7.83 48.65 -33.24
N GLU E 213 7.79 47.71 -32.30
CA GLU E 213 8.81 47.58 -31.27
C GLU E 213 9.31 46.14 -31.25
N CYS E 214 10.62 45.98 -31.12
CA CYS E 214 11.23 44.66 -31.08
C CYS E 214 10.99 44.00 -29.73
N LEU F 7 55.67 -2.88 -97.65
CA LEU F 7 56.10 -3.40 -96.35
C LEU F 7 57.20 -2.53 -95.76
N TRP F 8 56.81 -1.56 -94.93
CA TRP F 8 57.75 -0.63 -94.31
C TRP F 8 57.30 -0.35 -92.89
N VAL F 9 58.27 -0.33 -91.96
CA VAL F 9 57.93 -0.06 -90.57
C VAL F 9 57.53 1.41 -90.42
N THR F 10 56.65 1.67 -89.44
CA THR F 10 56.18 3.02 -89.16
C THR F 10 55.97 3.16 -87.67
N VAL F 11 56.30 4.34 -87.14
CA VAL F 11 56.24 4.61 -85.72
C VAL F 11 54.90 5.25 -85.38
N TYR F 12 54.30 4.83 -84.27
CA TYR F 12 53.02 5.36 -83.80
C TYR F 12 53.12 5.58 -82.30
N TYR F 13 53.41 6.81 -81.89
CA TYR F 13 53.44 7.16 -80.48
C TYR F 13 52.04 7.44 -79.99
N GLY F 14 51.74 6.98 -78.77
CA GLY F 14 50.43 7.18 -78.19
C GLY F 14 49.41 6.15 -78.62
N VAL F 15 49.81 4.88 -78.72
CA VAL F 15 48.89 3.81 -79.07
C VAL F 15 48.29 3.24 -77.79
N PRO F 16 47.00 2.90 -77.78
CA PRO F 16 46.41 2.33 -76.56
C PRO F 16 46.99 0.97 -76.22
N VAL F 17 48.18 0.97 -75.61
CA VAL F 17 48.90 -0.25 -75.27
C VAL F 17 49.45 -0.10 -73.86
N TRP F 18 49.29 -1.13 -73.03
CA TRP F 18 49.77 -1.10 -71.67
C TRP F 18 50.35 -2.47 -71.31
N LYS F 19 51.11 -2.50 -70.21
CA LYS F 19 51.66 -3.73 -69.67
C LYS F 19 51.50 -3.72 -68.15
N ASP F 20 51.79 -4.85 -67.53
CA ASP F 20 51.65 -5.02 -66.09
C ASP F 20 52.92 -4.55 -65.39
N ALA F 21 52.77 -3.62 -64.45
CA ALA F 21 53.89 -3.11 -63.65
C ALA F 21 53.31 -2.42 -62.43
N VAL F 22 54.16 -1.74 -61.67
CA VAL F 22 53.74 -1.02 -60.48
C VAL F 22 54.73 0.13 -60.25
N THR F 23 54.21 1.25 -59.79
CA THR F 23 55.03 2.43 -59.53
C THR F 23 54.79 2.91 -58.11
N THR F 24 55.19 4.15 -57.82
CA THR F 24 55.01 4.75 -56.50
C THR F 24 53.70 5.51 -56.51
N LEU F 25 52.64 4.84 -56.03
CA LEU F 25 51.35 5.49 -55.86
C LEU F 25 51.44 6.56 -54.78
N PHE F 26 50.38 7.35 -54.64
CA PHE F 26 50.40 8.47 -53.70
C PHE F 26 48.98 8.77 -53.24
N CYS F 27 48.86 9.74 -52.34
CA CYS F 27 47.61 10.08 -51.68
C CYS F 27 46.75 11.00 -52.54
N ALA F 28 45.46 11.01 -52.22
CA ALA F 28 44.55 12.04 -52.72
C ALA F 28 43.35 12.08 -51.78
N SER F 29 43.22 13.17 -51.03
CA SER F 29 42.13 13.33 -50.09
C SER F 29 41.63 14.77 -50.16
N ASP F 30 40.31 14.93 -50.08
CA ASP F 30 39.72 16.26 -50.12
C ASP F 30 40.19 17.09 -48.93
N ALA F 31 40.56 18.34 -49.19
CA ALA F 31 41.15 19.20 -48.18
C ALA F 31 40.07 19.75 -47.26
N LYS F 32 40.04 19.27 -46.02
CA LYS F 32 39.18 19.83 -44.98
C LYS F 32 40.04 20.67 -44.06
N ALA F 33 39.60 21.91 -43.80
CA ALA F 33 40.38 22.84 -43.00
C ALA F 33 40.62 22.28 -41.60
N TYR F 34 39.54 21.97 -40.88
CA TYR F 34 39.62 21.45 -39.52
C TYR F 34 40.48 22.36 -38.63
N SER F 35 40.16 23.66 -38.65
CA SER F 35 40.95 24.65 -37.93
C SER F 35 40.92 24.47 -36.41
N THR F 36 39.96 23.69 -35.88
CA THR F 36 39.88 23.44 -34.45
C THR F 36 40.59 22.16 -34.01
N GLU F 37 40.47 21.08 -34.79
CA GLU F 37 41.13 19.81 -34.48
C GLU F 37 41.73 19.26 -35.76
N VAL F 38 43.07 19.25 -35.84
CA VAL F 38 43.75 18.84 -37.06
C VAL F 38 44.69 17.68 -36.78
N HIS F 39 45.51 17.35 -37.78
CA HIS F 39 46.66 16.45 -37.63
C HIS F 39 46.23 15.02 -37.31
N ASN F 40 45.37 14.46 -38.14
CA ASN F 40 45.16 13.02 -38.13
C ASN F 40 46.30 12.35 -38.91
N VAL F 41 46.62 11.13 -38.50
CA VAL F 41 47.87 10.50 -38.95
C VAL F 41 47.89 10.32 -40.46
N TRP F 42 46.75 9.97 -41.06
CA TRP F 42 46.73 9.63 -42.48
C TRP F 42 46.77 10.87 -43.36
N ALA F 43 45.90 11.85 -43.12
CA ALA F 43 45.93 13.08 -43.91
C ALA F 43 47.18 13.89 -43.62
N THR F 44 47.71 13.80 -42.40
CA THR F 44 48.95 14.46 -41.97
C THR F 44 48.80 15.97 -42.21
N HIS F 45 49.90 16.65 -42.49
CA HIS F 45 49.85 18.08 -42.76
C HIS F 45 49.32 18.38 -44.17
N ALA F 46 49.51 17.45 -45.11
CA ALA F 46 49.10 17.69 -46.48
C ALA F 46 48.93 16.37 -47.22
N CYS F 47 47.73 16.13 -47.73
CA CYS F 47 47.49 15.11 -48.74
C CYS F 47 47.05 15.81 -50.02
N VAL F 48 47.39 15.21 -51.16
CA VAL F 48 47.04 15.81 -52.45
C VAL F 48 45.53 15.93 -52.54
N PRO F 49 44.98 17.02 -53.09
CA PRO F 49 43.53 17.11 -53.23
C PRO F 49 43.01 16.25 -54.37
N THR F 50 41.73 15.90 -54.28
CA THR F 50 41.10 15.07 -55.30
C THR F 50 40.62 15.93 -56.46
N ASP F 51 40.08 15.28 -57.48
CA ASP F 51 39.51 15.99 -58.61
C ASP F 51 38.04 16.29 -58.33
N PRO F 52 37.57 17.52 -58.61
CA PRO F 52 36.16 17.83 -58.34
C PRO F 52 35.19 16.95 -59.11
N ASN F 53 35.54 16.55 -60.34
CA ASN F 53 34.72 15.66 -61.15
C ASN F 53 35.48 14.37 -61.41
N PRO F 54 35.19 13.29 -60.70
CA PRO F 54 35.90 12.03 -60.94
C PRO F 54 35.62 11.46 -62.33
N GLN F 55 36.50 11.73 -63.28
CA GLN F 55 36.35 11.23 -64.64
C GLN F 55 36.57 9.72 -64.65
N GLU F 56 35.50 8.96 -64.85
CA GLU F 56 35.56 7.50 -64.94
C GLU F 56 35.23 7.11 -66.37
N MET F 57 36.25 6.62 -67.09
CA MET F 57 36.08 6.25 -68.48
C MET F 57 35.91 4.74 -68.61
N PRO F 58 34.84 4.26 -69.21
CA PRO F 58 34.68 2.81 -69.42
C PRO F 58 35.54 2.34 -70.60
N LEU F 59 35.76 1.03 -70.62
CA LEU F 59 36.55 0.38 -71.66
C LEU F 59 35.71 -0.72 -72.30
N GLU F 60 35.49 -0.61 -73.61
CA GLU F 60 34.67 -1.55 -74.35
C GLU F 60 35.54 -2.56 -75.08
N ASN F 61 35.01 -3.79 -75.21
CA ASN F 61 35.73 -4.89 -75.87
C ASN F 61 37.08 -5.15 -75.20
N VAL F 62 37.11 -5.08 -73.88
CA VAL F 62 38.34 -5.24 -73.10
C VAL F 62 38.16 -6.42 -72.16
N THR F 63 39.06 -7.40 -72.27
CA THR F 63 39.07 -8.57 -71.41
C THR F 63 40.41 -8.62 -70.69
N GLU F 64 40.38 -8.56 -69.36
CA GLU F 64 41.60 -8.53 -68.57
C GLU F 64 41.37 -9.24 -67.25
N ASN F 65 42.40 -9.91 -66.77
CA ASN F 65 42.35 -10.67 -65.52
C ASN F 65 42.91 -9.82 -64.39
N PHE F 66 42.13 -9.68 -63.33
CA PHE F 66 42.57 -8.99 -62.13
C PHE F 66 43.16 -9.98 -61.14
N ASN F 67 43.81 -9.44 -60.09
CA ASN F 67 44.42 -10.28 -59.07
C ASN F 67 44.55 -9.45 -57.81
N VAL F 68 43.73 -9.75 -56.80
CA VAL F 68 43.79 -9.03 -55.54
C VAL F 68 44.77 -9.69 -54.58
N TRP F 69 44.85 -11.03 -54.58
CA TRP F 69 45.74 -11.73 -53.67
C TRP F 69 47.20 -11.57 -54.06
N LYS F 70 47.49 -11.06 -55.26
CA LYS F 70 48.86 -10.73 -55.67
C LYS F 70 49.02 -9.28 -56.04
N ASN F 71 48.03 -8.43 -55.76
CA ASN F 71 48.13 -7.00 -56.02
C ASN F 71 49.10 -6.38 -55.03
N ASP F 72 50.24 -5.88 -55.52
CA ASP F 72 51.24 -5.30 -54.65
C ASP F 72 50.78 -3.98 -54.03
N MET F 73 49.66 -3.42 -54.48
CA MET F 73 49.14 -2.20 -53.87
C MET F 73 48.74 -2.42 -52.42
N VAL F 74 48.30 -3.64 -52.08
CA VAL F 74 47.95 -3.94 -50.70
C VAL F 74 49.18 -3.89 -49.81
N GLU F 75 50.30 -4.46 -50.28
CA GLU F 75 51.55 -4.39 -49.52
C GLU F 75 52.03 -2.95 -49.39
N GLN F 76 51.99 -2.19 -50.49
CA GLN F 76 52.45 -0.81 -50.46
C GLN F 76 51.62 0.04 -49.50
N MET F 77 50.30 -0.19 -49.47
CA MET F 77 49.47 0.50 -48.50
C MET F 77 49.80 0.06 -47.08
N HIS F 78 49.95 -1.25 -46.86
CA HIS F 78 50.28 -1.74 -45.53
C HIS F 78 51.62 -1.19 -45.04
N GLU F 79 52.56 -0.95 -45.95
CA GLU F 79 53.83 -0.34 -45.56
C GLU F 79 53.62 1.12 -45.15
N ASP F 80 52.81 1.85 -45.90
CA ASP F 80 52.61 3.27 -45.60
C ASP F 80 51.82 3.49 -44.32
N ILE F 81 50.89 2.58 -44.01
CA ILE F 81 50.13 2.70 -42.77
C ILE F 81 51.05 2.55 -41.57
N ILE F 82 51.95 1.58 -41.61
CA ILE F 82 52.90 1.39 -40.52
C ILE F 82 53.87 2.57 -40.46
N ASN F 83 54.26 3.10 -41.62
CA ASN F 83 55.15 4.25 -41.64
C ASN F 83 54.46 5.49 -41.05
N LEU F 84 53.25 5.79 -41.52
CA LEU F 84 52.50 6.91 -40.96
C LEU F 84 52.33 6.77 -39.46
N TRP F 85 52.11 5.54 -38.98
CA TRP F 85 51.95 5.31 -37.56
C TRP F 85 53.22 5.66 -36.79
N ASP F 86 54.38 5.36 -37.38
CA ASP F 86 55.65 5.68 -36.72
C ASP F 86 55.96 7.18 -36.78
N GLN F 87 55.51 7.87 -37.83
CA GLN F 87 55.75 9.30 -37.92
C GLN F 87 54.97 10.07 -36.86
N SER F 88 53.83 9.54 -36.43
CA SER F 88 53.00 10.18 -35.42
C SER F 88 53.32 9.70 -34.01
N LEU F 89 54.23 8.74 -33.85
CA LEU F 89 54.58 8.19 -32.56
C LEU F 89 55.91 8.70 -32.03
N LYS F 90 56.86 9.01 -32.91
CA LYS F 90 58.19 9.43 -32.48
C LYS F 90 58.18 10.72 -31.68
N PRO F 91 57.60 11.84 -32.15
CA PRO F 91 57.77 13.11 -31.42
C PRO F 91 57.00 13.18 -30.13
N CYS F 92 55.95 12.37 -29.95
CA CYS F 92 55.13 12.46 -28.75
C CYS F 92 55.88 11.91 -27.55
N VAL F 93 55.19 11.85 -26.40
CA VAL F 93 55.83 11.52 -25.14
C VAL F 93 56.29 10.06 -25.17
N LYS F 94 57.57 9.86 -24.87
CA LYS F 94 58.15 8.52 -24.79
C LYS F 94 57.92 8.00 -23.38
N LEU F 95 56.95 7.09 -23.23
CA LEU F 95 56.58 6.59 -21.91
C LEU F 95 57.65 5.66 -21.34
N THR F 96 58.78 6.22 -20.94
CA THR F 96 59.80 5.50 -20.20
C THR F 96 59.76 5.87 -18.72
N PRO F 97 59.49 7.18 -18.33
CA PRO F 97 59.24 7.50 -16.92
C PRO F 97 57.85 7.12 -16.44
N LEU F 98 57.46 5.86 -16.68
CA LEU F 98 56.18 5.36 -16.23
C LEU F 98 56.21 3.92 -15.74
N CYS F 99 57.20 3.10 -16.15
CA CYS F 99 57.31 1.72 -15.70
C CYS F 99 57.83 1.70 -14.26
N VAL F 100 56.90 1.88 -13.32
CA VAL F 100 57.23 1.87 -11.90
C VAL F 100 56.46 0.72 -11.24
N THR F 101 56.82 0.46 -9.99
CA THR F 101 56.07 -0.50 -9.19
C THR F 101 54.73 0.08 -8.82
N LEU F 102 53.66 -0.59 -9.24
CA LEU F 102 52.29 -0.08 -9.07
C LEU F 102 51.62 -0.86 -7.95
N ASN F 103 51.52 -0.24 -6.77
CA ASN F 103 50.83 -0.83 -5.63
C ASN F 103 49.34 -0.64 -5.84
N CYS F 104 48.73 -1.57 -6.56
CA CYS F 104 47.35 -1.43 -6.98
C CYS F 104 46.39 -2.02 -5.95
N SER F 105 45.22 -1.38 -5.84
CA SER F 105 44.12 -1.87 -5.03
C SER F 105 42.92 -2.12 -5.93
N ASN F 106 42.14 -3.14 -5.59
CA ASN F 106 40.96 -3.47 -6.37
C ASN F 106 39.97 -2.32 -6.34
N PHE F 107 39.62 -1.80 -7.52
CA PHE F 107 38.76 -0.64 -7.61
C PHE F 107 37.37 -0.94 -7.06
N SER F 108 36.75 0.07 -6.49
CA SER F 108 35.41 -0.06 -5.91
C SER F 108 34.37 -0.34 -6.99
N GLY F 123 37.13 -7.70 -11.56
CA GLY F 123 37.21 -6.25 -11.38
C GLY F 123 37.42 -5.50 -12.68
N GLU F 124 38.39 -5.94 -13.46
CA GLU F 124 38.75 -5.37 -14.76
C GLU F 124 39.20 -3.91 -14.66
N ILE F 125 39.50 -3.43 -13.46
CA ILE F 125 39.99 -2.06 -13.26
C ILE F 125 40.69 -1.99 -11.91
N LYS F 126 41.86 -1.36 -11.88
CA LYS F 126 42.69 -1.31 -10.69
C LYS F 126 43.03 0.13 -10.34
N ASN F 127 42.89 0.49 -9.07
CA ASN F 127 43.30 1.80 -8.56
C ASN F 127 44.70 1.65 -7.95
N CYS F 128 45.69 2.19 -8.64
CA CYS F 128 47.08 1.98 -8.28
C CYS F 128 47.70 3.25 -7.71
N SER F 129 48.73 3.07 -6.88
CA SER F 129 49.56 4.15 -6.37
C SER F 129 51.01 3.88 -6.76
N PHE F 130 51.72 4.94 -7.15
CA PHE F 130 53.06 4.78 -7.70
C PHE F 130 53.87 6.04 -7.42
N ASN F 131 55.13 6.01 -7.84
CA ASN F 131 56.06 7.13 -7.68
C ASN F 131 56.63 7.48 -9.04
N VAL F 132 56.41 8.72 -9.47
CA VAL F 132 56.98 9.22 -10.73
C VAL F 132 57.85 10.42 -10.43
N THR F 133 58.29 11.11 -11.47
CA THR F 133 59.10 12.32 -11.33
C THR F 133 58.25 13.56 -11.61
N THR F 134 58.55 14.63 -10.88
CA THR F 134 57.84 15.89 -11.04
C THR F 134 58.55 16.71 -12.12
N GLY F 135 58.33 18.03 -12.11
CA GLY F 135 59.14 18.89 -12.96
C GLY F 135 60.61 18.84 -12.59
N LEU F 136 60.90 18.57 -11.32
CA LEU F 136 62.25 18.32 -10.85
C LEU F 136 62.61 16.85 -11.02
N LYS F 137 63.89 16.54 -10.82
CA LYS F 137 64.35 15.16 -10.90
C LYS F 137 64.38 14.50 -9.53
N ASP F 138 65.04 15.13 -8.55
CA ASP F 138 65.08 14.57 -7.21
C ASP F 138 63.71 14.58 -6.55
N LYS F 139 62.90 15.60 -6.83
CA LYS F 139 61.54 15.65 -6.32
C LYS F 139 60.68 14.65 -7.06
N LYS F 140 60.27 13.59 -6.39
CA LYS F 140 59.44 12.55 -6.99
C LYS F 140 57.96 12.87 -6.76
N GLN F 141 57.11 12.16 -7.51
CA GLN F 141 55.68 12.43 -7.55
C GLN F 141 54.91 11.21 -7.05
N LYS F 142 54.24 11.36 -5.91
CA LYS F 142 53.37 10.32 -5.38
C LYS F 142 51.96 10.56 -5.92
N MET F 143 51.55 9.73 -6.88
CA MET F 143 50.29 9.95 -7.58
C MET F 143 49.53 8.63 -7.71
N ASP F 144 48.33 8.72 -8.27
CA ASP F 144 47.46 7.59 -8.51
C ASP F 144 46.97 7.62 -9.95
N ALA F 145 46.32 6.55 -10.36
CA ALA F 145 45.75 6.44 -11.71
C ALA F 145 44.82 5.25 -11.75
N LEU F 146 44.12 5.10 -12.88
CA LEU F 146 43.22 3.99 -13.13
C LEU F 146 43.54 3.38 -14.47
N PHE F 147 43.60 2.05 -14.52
CA PHE F 147 43.86 1.32 -15.76
C PHE F 147 42.99 0.07 -15.78
N HIS F 148 43.13 -0.71 -16.85
CA HIS F 148 42.41 -1.97 -17.00
C HIS F 148 43.30 -3.12 -16.56
N ARG F 149 42.69 -4.30 -16.41
CA ARG F 149 43.43 -5.46 -15.95
C ARG F 149 44.44 -5.93 -16.99
N ARG F 150 44.14 -5.75 -18.27
CA ARG F 150 45.05 -6.12 -19.34
C ARG F 150 46.16 -5.09 -19.55
N ASP F 151 46.27 -4.09 -18.69
CA ASP F 151 47.31 -3.08 -18.79
C ASP F 151 48.51 -3.37 -17.90
N VAL F 152 48.30 -4.00 -16.74
CA VAL F 152 49.37 -4.29 -15.80
C VAL F 152 49.24 -5.74 -15.31
N VAL F 153 50.36 -6.28 -14.84
CA VAL F 153 50.41 -7.61 -14.25
C VAL F 153 51.25 -7.55 -12.98
N GLN F 154 50.98 -8.47 -12.06
CA GLN F 154 51.71 -8.48 -10.80
C GLN F 154 53.13 -9.02 -10.99
N ILE F 155 53.96 -8.77 -9.98
CA ILE F 155 55.33 -9.24 -10.00
C ILE F 155 55.61 -10.09 -8.76
N ASN F 160 50.00 -5.78 -0.06
CA ASN F 160 49.33 -6.39 -1.19
C ASN F 160 50.32 -6.65 -2.33
N SER F 161 49.79 -7.08 -3.48
CA SER F 161 50.63 -7.38 -4.62
C SER F 161 50.99 -6.09 -5.37
N TYR F 162 52.16 -6.11 -6.00
CA TYR F 162 52.67 -4.98 -6.76
C TYR F 162 52.60 -5.29 -8.25
N TYR F 163 52.24 -4.29 -9.05
CA TYR F 163 51.98 -4.48 -10.46
C TYR F 163 52.92 -3.65 -11.31
N MET F 164 52.99 -4.01 -12.59
CA MET F 164 53.83 -3.33 -13.57
C MET F 164 53.13 -3.40 -14.92
N LEU F 165 53.25 -2.33 -15.70
CA LEU F 165 52.68 -2.31 -17.04
C LEU F 165 53.25 -3.46 -17.87
N ILE F 166 52.41 -4.03 -18.73
CA ILE F 166 52.73 -5.31 -19.35
C ILE F 166 53.90 -5.18 -20.31
N SER F 167 53.97 -4.08 -21.05
CA SER F 167 54.96 -3.91 -22.11
C SER F 167 56.29 -3.36 -21.62
N CYS F 168 56.51 -3.32 -20.30
CA CYS F 168 57.74 -2.75 -19.77
C CYS F 168 58.95 -3.65 -19.95
N ASN F 169 58.76 -4.92 -20.30
CA ASN F 169 59.86 -5.84 -20.52
C ASN F 169 60.03 -6.24 -21.97
N THR F 170 59.17 -5.76 -22.87
CA THR F 170 59.20 -6.17 -24.26
C THR F 170 59.50 -4.99 -25.19
N SER F 171 58.54 -4.08 -25.38
CA SER F 171 58.67 -3.00 -26.34
C SER F 171 58.66 -1.65 -25.64
N THR F 172 59.25 -0.65 -26.29
CA THR F 172 59.34 0.69 -25.73
C THR F 172 57.97 1.35 -25.76
N MET F 173 57.40 1.62 -24.59
CA MET F 173 56.11 2.27 -24.49
C MET F 173 56.27 3.76 -24.71
N ALA F 174 55.33 4.35 -25.46
CA ALA F 174 55.38 5.76 -25.79
C ALA F 174 53.97 6.28 -26.03
N GLN F 175 53.54 7.25 -25.21
CA GLN F 175 52.21 7.81 -25.36
C GLN F 175 52.11 8.65 -26.62
N ALA F 176 50.99 8.54 -27.31
CA ALA F 176 50.72 9.41 -28.45
C ALA F 176 50.21 10.76 -27.98
N CYS F 177 50.42 11.77 -28.81
CA CYS F 177 49.95 13.11 -28.48
C CYS F 177 48.42 13.11 -28.42
N PRO F 178 47.81 13.85 -27.48
CA PRO F 178 46.35 13.91 -27.42
C PRO F 178 45.73 14.72 -28.55
N LYS F 179 46.51 15.23 -29.50
CA LYS F 179 46.01 16.02 -30.61
C LYS F 179 45.79 15.21 -31.88
N ILE F 180 46.58 14.17 -32.10
CA ILE F 180 46.44 13.34 -33.30
C ILE F 180 45.33 12.33 -33.08
N THR F 181 44.34 12.35 -33.97
CA THR F 181 43.21 11.43 -33.88
C THR F 181 43.53 10.13 -34.61
N PHE F 182 42.74 9.10 -34.28
CA PHE F 182 42.85 7.79 -34.92
C PHE F 182 41.64 7.48 -35.79
N GLU F 183 40.81 8.48 -36.08
CA GLU F 183 39.61 8.24 -36.88
C GLU F 183 40.00 8.03 -38.34
N PRO F 184 39.55 6.96 -38.98
CA PRO F 184 39.92 6.72 -40.37
C PRO F 184 39.36 7.78 -41.29
N ILE F 185 40.13 8.08 -42.34
CA ILE F 185 39.74 9.07 -43.34
C ILE F 185 39.89 8.45 -44.72
N PRO F 186 38.91 8.62 -45.61
CA PRO F 186 39.00 8.00 -46.94
C PRO F 186 40.25 8.42 -47.69
N ILE F 187 40.87 7.46 -48.36
CA ILE F 187 42.10 7.66 -49.12
C ILE F 187 41.85 7.25 -50.56
N HIS F 188 42.12 8.15 -51.49
CA HIS F 188 41.96 7.89 -52.93
C HIS F 188 43.36 7.74 -53.52
N TYR F 189 43.88 6.52 -53.50
CA TYR F 189 45.19 6.26 -54.06
C TYR F 189 45.15 6.42 -55.58
N CYS F 190 46.11 7.18 -56.11
CA CYS F 190 46.18 7.49 -57.53
C CYS F 190 47.42 6.85 -58.16
N ALA F 191 47.70 7.23 -59.40
CA ALA F 191 48.87 6.80 -60.14
C ALA F 191 49.24 7.93 -61.10
N PRO F 192 50.53 8.21 -61.26
CA PRO F 192 50.93 9.32 -62.14
C PRO F 192 50.70 9.01 -63.61
N ALA F 193 50.99 9.98 -64.48
CA ALA F 193 50.89 9.74 -65.91
C ALA F 193 51.88 8.67 -66.34
N GLY F 194 51.54 7.95 -67.40
CA GLY F 194 52.26 6.76 -67.79
C GLY F 194 51.78 5.50 -67.10
N PHE F 195 51.03 5.65 -66.01
CA PHE F 195 50.41 4.54 -65.31
C PHE F 195 48.92 4.80 -65.17
N ALA F 196 48.15 3.74 -65.00
CA ALA F 196 46.70 3.86 -64.91
C ALA F 196 46.16 2.82 -63.94
N ILE F 197 45.01 3.14 -63.35
CA ILE F 197 44.31 2.25 -62.43
C ILE F 197 43.10 1.68 -63.14
N LEU F 198 43.07 0.36 -63.30
CA LEU F 198 41.95 -0.31 -63.96
C LEU F 198 40.94 -0.77 -62.91
N LYS F 199 39.66 -0.47 -63.15
CA LYS F 199 38.59 -0.80 -62.23
C LYS F 199 37.64 -1.77 -62.91
N CYS F 200 37.44 -2.94 -62.29
CA CYS F 200 36.49 -3.93 -62.78
C CYS F 200 35.14 -3.67 -62.16
N LYS F 201 34.15 -3.35 -62.99
CA LYS F 201 32.80 -3.03 -62.54
C LYS F 201 31.86 -4.22 -62.57
N ASP F 202 32.40 -5.44 -62.65
CA ASP F 202 31.57 -6.64 -62.68
C ASP F 202 30.97 -6.88 -61.29
N LYS F 203 29.64 -7.04 -61.25
CA LYS F 203 28.98 -7.34 -59.98
C LYS F 203 29.34 -8.73 -59.49
N GLY F 204 29.01 -9.76 -60.28
CA GLY F 204 29.44 -11.11 -59.99
C GLY F 204 30.91 -11.30 -60.30
N PHE F 205 31.75 -11.17 -59.28
CA PHE F 205 33.20 -11.12 -59.44
C PHE F 205 33.85 -12.25 -58.66
N ASN F 206 34.85 -12.88 -59.28
CA ASN F 206 35.67 -13.88 -58.61
C ASN F 206 36.99 -13.24 -58.21
N GLY F 207 37.49 -13.62 -57.04
CA GLY F 207 38.69 -13.05 -56.45
C GLY F 207 39.78 -12.64 -57.41
N THR F 208 40.21 -13.57 -58.28
CA THR F 208 41.23 -13.31 -59.29
C THR F 208 40.77 -13.98 -60.59
N GLY F 209 39.91 -13.29 -61.34
CA GLY F 209 39.35 -13.85 -62.55
C GLY F 209 39.22 -12.81 -63.65
N SER F 210 38.83 -13.30 -64.82
CA SER F 210 38.61 -12.41 -65.97
C SER F 210 37.36 -11.57 -65.75
N CYS F 211 37.48 -10.28 -66.06
CA CYS F 211 36.39 -9.33 -65.86
C CYS F 211 35.93 -8.80 -67.21
N LYS F 212 34.64 -8.96 -67.49
CA LYS F 212 34.10 -8.55 -68.79
C LYS F 212 33.94 -7.05 -68.89
N ASN F 213 33.65 -6.37 -67.78
CA ASN F 213 33.42 -4.93 -67.77
C ASN F 213 34.54 -4.26 -66.97
N VAL F 214 35.57 -3.79 -67.68
CA VAL F 214 36.71 -3.14 -67.09
C VAL F 214 36.64 -1.65 -67.40
N SER F 215 36.91 -0.82 -66.39
CA SER F 215 36.96 0.62 -66.55
C SER F 215 38.30 1.14 -66.05
N THR F 216 38.64 2.35 -66.46
CA THR F 216 39.91 2.96 -66.09
C THR F 216 39.66 4.26 -65.32
N VAL F 217 40.48 4.50 -64.30
CA VAL F 217 40.40 5.70 -63.48
C VAL F 217 41.82 6.12 -63.12
N GLN F 218 41.99 7.40 -62.80
CA GLN F 218 43.26 7.91 -62.31
C GLN F 218 43.42 7.77 -60.81
N CYS F 219 42.33 7.61 -60.07
CA CYS F 219 42.36 7.47 -58.62
C CYS F 219 41.28 6.50 -58.19
N THR F 220 41.43 5.97 -56.98
CA THR F 220 40.44 5.07 -56.41
C THR F 220 39.36 5.88 -55.69
N HIS F 221 38.43 5.17 -55.07
CA HIS F 221 37.34 5.80 -54.35
C HIS F 221 37.71 5.97 -52.87
N GLY F 222 36.72 6.29 -52.04
CA GLY F 222 36.96 6.47 -50.62
C GLY F 222 37.25 5.18 -49.89
N ILE F 223 38.50 5.00 -49.45
CA ILE F 223 38.93 3.81 -48.74
C ILE F 223 39.40 4.22 -47.35
N LYS F 224 38.69 3.77 -46.33
CA LYS F 224 39.06 4.09 -44.95
C LYS F 224 40.03 3.04 -44.42
N PRO F 225 41.14 3.45 -43.83
CA PRO F 225 42.05 2.48 -43.21
C PRO F 225 41.48 1.91 -41.92
N VAL F 226 40.46 1.07 -42.05
CA VAL F 226 39.75 0.53 -40.89
C VAL F 226 40.61 -0.52 -40.21
N VAL F 227 41.37 -0.10 -39.19
CA VAL F 227 42.22 -1.00 -38.42
C VAL F 227 41.32 -1.87 -37.55
N THR F 228 40.92 -3.03 -38.06
CA THR F 228 40.02 -3.92 -37.33
C THR F 228 40.38 -5.36 -37.66
N THR F 229 39.96 -6.25 -36.75
CA THR F 229 40.17 -7.68 -36.91
C THR F 229 38.83 -8.38 -36.99
N GLN F 230 38.81 -9.52 -37.70
CA GLN F 230 37.59 -10.28 -37.94
C GLN F 230 36.52 -9.44 -38.62
N LEU F 231 35.74 -8.71 -37.83
CA LEU F 231 34.63 -7.94 -38.37
C LEU F 231 35.14 -6.69 -39.08
N LEU F 232 34.85 -6.59 -40.38
CA LEU F 232 35.20 -5.42 -41.16
C LEU F 232 34.09 -4.38 -41.06
N LEU F 233 34.48 -3.13 -40.82
CA LEU F 233 33.54 -2.05 -40.60
C LEU F 233 33.75 -0.95 -41.63
N ASN F 234 32.65 -0.31 -42.05
CA ASN F 234 32.67 0.81 -42.98
C ASN F 234 33.41 0.47 -44.28
N GLY F 235 33.27 -0.77 -44.73
CA GLY F 235 33.93 -1.23 -45.93
C GLY F 235 33.07 -1.05 -47.17
N SER F 236 33.57 -1.58 -48.28
CA SER F 236 32.85 -1.50 -49.54
C SER F 236 31.65 -2.45 -49.53
N THR F 237 30.61 -2.06 -50.27
CA THR F 237 29.38 -2.84 -50.35
C THR F 237 29.31 -3.55 -51.69
N ALA F 238 29.12 -4.87 -51.64
CA ALA F 238 28.97 -5.65 -52.86
C ALA F 238 27.59 -5.39 -53.47
N GLU F 239 27.41 -5.87 -54.69
CA GLU F 239 26.17 -5.70 -55.43
C GLU F 239 25.43 -7.02 -55.57
N GLU F 240 24.10 -6.94 -55.53
CA GLU F 240 23.22 -8.09 -55.69
C GLU F 240 23.50 -9.15 -54.63
N GLU F 241 24.24 -10.19 -55.01
CA GLU F 241 24.54 -11.28 -54.09
C GLU F 241 25.79 -10.99 -53.28
N ILE F 242 25.81 -11.51 -52.06
CA ILE F 242 26.97 -11.36 -51.18
C ILE F 242 28.15 -12.12 -51.78
N VAL F 243 29.19 -11.38 -52.15
CA VAL F 243 30.33 -11.98 -52.84
C VAL F 243 31.22 -12.71 -51.85
N ILE F 244 31.69 -13.88 -52.24
CA ILE F 244 32.56 -14.73 -51.43
C ILE F 244 33.90 -14.82 -52.13
N ARG F 245 34.96 -14.40 -51.44
CA ARG F 245 36.29 -14.28 -52.04
C ARG F 245 37.31 -14.98 -51.16
N SER F 246 38.00 -15.97 -51.74
CA SER F 246 39.09 -16.65 -51.05
C SER F 246 40.17 -17.00 -52.07
N GLU F 247 41.43 -16.95 -51.61
CA GLU F 247 42.54 -17.31 -52.49
C GLU F 247 42.49 -18.79 -52.85
N ASN F 248 42.07 -19.64 -51.91
CA ASN F 248 41.84 -21.04 -52.20
C ASN F 248 40.85 -21.58 -51.18
N ILE F 249 39.78 -22.22 -51.67
CA ILE F 249 38.71 -22.66 -50.79
C ILE F 249 39.14 -23.91 -50.01
N THR F 250 39.61 -24.93 -50.72
CA THR F 250 39.97 -26.19 -50.08
C THR F 250 41.19 -26.08 -49.18
N ASP F 251 41.91 -24.95 -49.22
CA ASP F 251 43.05 -24.71 -48.36
C ASP F 251 42.58 -23.93 -47.14
N ASN F 252 42.54 -24.61 -45.98
CA ASN F 252 42.07 -23.96 -44.76
C ASN F 252 43.05 -22.89 -44.26
N ALA F 253 44.33 -22.99 -44.63
CA ALA F 253 45.30 -21.99 -44.20
C ALA F 253 44.99 -20.62 -44.81
N ARG F 254 44.34 -20.59 -45.97
CA ARG F 254 43.95 -19.33 -46.58
C ARG F 254 42.74 -18.76 -45.87
N THR F 255 42.79 -17.45 -45.62
CA THR F 255 41.71 -16.75 -44.93
C THR F 255 40.67 -16.30 -45.94
N ILE F 256 39.43 -16.74 -45.74
CA ILE F 256 38.32 -16.39 -46.63
C ILE F 256 37.71 -15.08 -46.16
N ILE F 257 37.53 -14.16 -47.10
CA ILE F 257 36.97 -12.84 -46.82
C ILE F 257 35.66 -12.69 -47.58
N VAL F 258 34.68 -12.06 -46.94
CA VAL F 258 33.35 -11.90 -47.51
C VAL F 258 33.07 -10.40 -47.65
N GLN F 259 32.15 -10.08 -48.56
CA GLN F 259 31.70 -8.70 -48.76
C GLN F 259 30.18 -8.71 -48.84
N LEU F 260 29.53 -8.15 -47.82
CA LEU F 260 28.08 -8.14 -47.77
C LEU F 260 27.50 -7.17 -48.81
N THR F 261 26.18 -7.25 -48.97
CA THR F 261 25.44 -6.33 -49.83
C THR F 261 24.47 -5.45 -49.05
N LYS F 262 24.24 -5.73 -47.77
CA LYS F 262 23.34 -4.95 -46.94
C LYS F 262 24.11 -4.50 -45.69
N PRO F 263 24.29 -3.19 -45.49
CA PRO F 263 25.05 -2.72 -44.32
C PRO F 263 24.27 -2.95 -43.04
N ILE F 264 24.81 -3.79 -42.17
CA ILE F 264 24.18 -4.10 -40.88
C ILE F 264 24.79 -3.21 -39.82
N ASN F 265 23.97 -2.83 -38.84
CA ASN F 265 24.38 -1.88 -37.83
C ASN F 265 24.94 -2.58 -36.60
N ILE F 266 25.98 -1.97 -36.01
CA ILE F 266 26.55 -2.41 -34.75
C ILE F 266 26.98 -1.18 -33.97
N ASN F 267 26.51 -1.06 -32.74
CA ASN F 267 26.75 0.11 -31.90
C ASN F 267 27.52 -0.31 -30.66
N CYS F 268 28.70 0.26 -30.48
CA CYS F 268 29.58 -0.08 -29.37
C CYS F 268 29.75 1.14 -28.47
N THR F 269 29.51 0.95 -27.17
CA THR F 269 29.51 2.05 -26.22
C THR F 269 30.36 1.71 -25.00
N ARG F 270 31.14 2.68 -24.54
CA ARG F 270 31.81 2.60 -23.24
C ARG F 270 31.05 3.49 -22.28
N PRO F 271 30.13 2.97 -21.49
CA PRO F 271 29.27 3.85 -20.67
C PRO F 271 29.96 4.38 -19.43
N GLY F 272 31.28 4.35 -19.41
CA GLY F 272 32.04 4.93 -18.32
C GLY F 272 32.37 6.39 -18.55
N ASN F 273 31.90 7.27 -17.67
CA ASN F 273 32.14 8.71 -17.79
C ASN F 273 33.52 9.01 -17.23
N ASN F 274 34.55 8.67 -18.01
CA ASN F 274 35.92 8.80 -17.56
C ASN F 274 36.33 10.28 -17.47
N THR F 275 37.42 10.51 -16.75
CA THR F 275 38.01 11.84 -16.61
C THR F 275 39.50 11.76 -16.87
N ARG F 276 40.04 12.83 -17.44
CA ARG F 276 41.45 12.91 -17.81
C ARG F 276 42.20 13.76 -16.79
N LYS F 277 43.27 13.19 -16.24
CA LYS F 277 44.11 13.89 -15.27
C LYS F 277 45.48 14.13 -15.89
N SER F 278 46.04 15.31 -15.64
CA SER F 278 47.29 15.75 -16.25
C SER F 278 48.38 15.85 -15.18
N VAL F 279 49.32 14.90 -15.23
CA VAL F 279 50.50 14.97 -14.39
C VAL F 279 51.64 15.56 -15.21
N ARG F 280 52.72 15.96 -14.53
CA ARG F 280 53.85 16.63 -15.16
C ARG F 280 55.12 15.86 -14.82
N ILE F 281 55.47 14.87 -15.65
CA ILE F 281 56.75 14.18 -15.54
C ILE F 281 57.73 14.88 -16.47
N GLY F 282 57.74 16.21 -16.42
CA GLY F 282 58.47 17.01 -17.37
C GLY F 282 59.99 16.96 -17.20
N PRO F 283 60.69 17.95 -17.76
CA PRO F 283 60.13 19.13 -18.45
C PRO F 283 59.53 18.81 -19.82
N GLY F 284 58.35 19.37 -20.07
CA GLY F 284 57.66 19.16 -21.33
C GLY F 284 56.88 17.86 -21.40
N GLN F 285 57.49 16.79 -20.91
CA GLN F 285 56.85 15.47 -20.94
C GLN F 285 55.61 15.46 -20.06
N THR F 286 54.45 15.70 -20.65
CA THR F 286 53.19 15.67 -19.94
C THR F 286 52.49 14.32 -20.17
N PHE F 287 51.81 13.83 -19.15
CA PHE F 287 51.15 12.52 -19.21
C PHE F 287 49.71 12.66 -18.76
N TYR F 288 48.79 12.16 -19.57
CA TYR F 288 47.37 12.20 -19.30
C TYR F 288 46.89 10.79 -18.95
N ALA F 289 46.32 10.62 -17.76
CA ALA F 289 45.87 9.34 -17.27
C ALA F 289 44.38 9.36 -17.00
N THR F 290 43.87 8.30 -16.38
CA THR F 290 42.46 8.17 -16.06
C THR F 290 42.24 8.43 -14.58
N GLY F 291 41.35 9.36 -14.28
CA GLY F 291 41.00 9.75 -12.92
C GLY F 291 39.73 9.08 -12.45
N ALA F 292 39.07 9.72 -11.47
CA ALA F 292 37.84 9.19 -10.91
C ALA F 292 36.73 9.24 -11.96
N ILE F 293 36.23 8.07 -12.34
CA ILE F 293 35.20 7.97 -13.37
C ILE F 293 33.85 8.35 -12.79
N ILE F 294 33.11 9.19 -13.50
CA ILE F 294 31.78 9.61 -13.06
C ILE F 294 30.75 8.65 -13.65
N GLY F 295 29.48 8.86 -13.33
CA GLY F 295 28.42 8.03 -13.87
C GLY F 295 28.29 6.69 -13.18
N ASN F 296 28.42 5.61 -13.94
CA ASN F 296 28.27 4.26 -13.41
C ASN F 296 29.38 3.38 -13.96
N ILE F 297 29.77 2.38 -13.17
CA ILE F 297 30.81 1.44 -13.57
C ILE F 297 30.21 0.44 -14.56
N ARG F 298 30.12 0.83 -15.82
CA ARG F 298 29.51 0.02 -16.86
C ARG F 298 30.57 -0.37 -17.88
N GLN F 299 30.72 -1.67 -18.12
CA GLN F 299 31.74 -2.16 -19.03
C GLN F 299 31.36 -1.91 -20.48
N ALA F 300 32.35 -2.00 -21.36
CA ALA F 300 32.15 -1.77 -22.77
C ALA F 300 31.34 -2.90 -23.39
N HIS F 301 30.57 -2.57 -24.43
CA HIS F 301 29.74 -3.55 -25.10
C HIS F 301 29.33 -3.02 -26.47
N CYS F 302 29.04 -3.95 -27.38
CA CYS F 302 28.45 -3.64 -28.68
C CYS F 302 27.03 -4.19 -28.73
N ASN F 303 26.37 -3.95 -29.86
CA ASN F 303 25.02 -4.44 -30.08
C ASN F 303 24.89 -5.00 -31.49
N VAL F 304 23.90 -5.87 -31.65
CA VAL F 304 23.60 -6.50 -32.93
C VAL F 304 22.12 -6.83 -32.96
N SER F 305 21.43 -6.40 -34.02
CA SER F 305 20.02 -6.74 -34.20
C SER F 305 19.90 -8.23 -34.48
N LYS F 306 19.30 -8.97 -33.53
CA LYS F 306 19.23 -10.42 -33.67
C LYS F 306 18.46 -10.83 -34.92
N THR F 307 17.45 -10.05 -35.31
CA THR F 307 16.66 -10.40 -36.49
C THR F 307 17.46 -10.20 -37.77
N GLU F 308 18.13 -9.05 -37.90
CA GLU F 308 18.91 -8.78 -39.11
C GLU F 308 20.15 -9.67 -39.19
N TRP F 309 20.82 -9.88 -38.05
CA TRP F 309 21.95 -10.79 -38.03
C TRP F 309 21.53 -12.21 -38.40
N ASN F 310 20.41 -12.66 -37.83
CA ASN F 310 19.87 -13.97 -38.18
C ASN F 310 19.55 -14.05 -39.67
N ASP F 311 18.94 -13.01 -40.21
CA ASP F 311 18.65 -12.96 -41.64
C ASP F 311 19.93 -12.97 -42.46
N THR F 312 20.86 -12.07 -42.15
CA THR F 312 22.11 -11.98 -42.89
C THR F 312 22.91 -13.28 -42.79
N LEU F 313 22.83 -13.97 -41.65
CA LEU F 313 23.55 -15.23 -41.50
C LEU F 313 22.99 -16.30 -42.42
N ARG F 314 21.68 -16.30 -42.66
CA ARG F 314 21.10 -17.27 -43.59
C ARG F 314 21.57 -17.01 -45.01
N GLN F 315 21.57 -15.75 -45.44
CA GLN F 315 22.10 -15.41 -46.76
C GLN F 315 23.55 -15.84 -46.90
N VAL F 316 24.32 -15.80 -45.81
CA VAL F 316 25.66 -16.35 -45.84
C VAL F 316 25.61 -17.86 -46.06
N ALA F 317 24.77 -18.56 -45.28
CA ALA F 317 24.64 -20.00 -45.44
C ALA F 317 24.12 -20.37 -46.83
N GLU F 318 23.27 -19.53 -47.42
CA GLU F 318 22.79 -19.79 -48.78
C GLU F 318 23.88 -19.52 -49.81
N GLN F 319 24.86 -18.68 -49.49
CA GLN F 319 25.98 -18.44 -50.40
C GLN F 319 27.13 -19.40 -50.17
N LEU F 320 27.29 -19.90 -48.95
CA LEU F 320 28.34 -20.88 -48.68
C LEU F 320 28.04 -22.21 -49.35
N SER F 321 26.76 -22.56 -49.49
CA SER F 321 26.37 -23.82 -50.13
C SER F 321 26.66 -23.83 -51.63
N LYS F 322 27.11 -22.72 -52.21
CA LYS F 322 27.50 -22.70 -53.61
C LYS F 322 28.90 -23.27 -53.83
N HIS F 323 29.72 -23.31 -52.79
CA HIS F 323 31.04 -23.94 -52.86
C HIS F 323 31.07 -25.27 -52.13
N PHE F 324 29.91 -25.86 -51.89
CA PHE F 324 29.79 -27.12 -51.17
C PHE F 324 28.59 -27.87 -51.71
N PRO F 325 28.44 -29.16 -51.37
CA PRO F 325 27.24 -29.90 -51.78
C PRO F 325 25.93 -29.18 -51.52
N ASN F 326 24.88 -29.56 -52.25
CA ASN F 326 23.58 -28.91 -52.11
C ASN F 326 22.99 -29.15 -50.73
N ALA F 327 22.88 -30.41 -50.33
CA ALA F 327 22.35 -30.78 -49.02
C ALA F 327 23.52 -31.02 -48.08
N THR F 328 23.87 -30.01 -47.29
CA THR F 328 24.98 -30.09 -46.35
C THR F 328 24.59 -29.35 -45.08
N THR F 329 25.57 -29.12 -44.22
CA THR F 329 25.35 -28.43 -42.95
C THR F 329 26.52 -27.48 -42.68
N ILE F 330 26.19 -26.25 -42.32
CA ILE F 330 27.19 -25.23 -42.02
C ILE F 330 27.14 -24.94 -40.53
N THR F 331 28.26 -25.18 -39.84
CA THR F 331 28.36 -24.98 -38.41
C THR F 331 29.20 -23.73 -38.13
N PHE F 332 28.71 -22.87 -37.24
CA PHE F 332 29.38 -21.62 -36.90
C PHE F 332 29.90 -21.74 -35.47
N ALA F 333 31.22 -21.61 -35.32
CA ALA F 333 31.88 -21.71 -34.03
C ALA F 333 32.70 -20.46 -33.76
N ASN F 334 32.95 -20.21 -32.48
CA ASN F 334 33.69 -19.03 -32.05
C ASN F 334 35.18 -19.22 -32.33
N ALA F 335 36.02 -18.37 -31.76
CA ALA F 335 37.46 -18.46 -31.96
C ALA F 335 38.04 -19.60 -31.14
N SER F 336 39.11 -20.21 -31.68
CA SER F 336 39.77 -21.31 -31.01
C SER F 336 40.85 -20.81 -30.05
N GLY F 337 42.07 -20.61 -30.57
CA GLY F 337 43.16 -20.14 -29.76
C GLY F 337 43.98 -19.09 -30.49
N GLY F 338 44.76 -18.35 -29.71
CA GLY F 338 45.61 -17.31 -30.22
C GLY F 338 45.59 -16.11 -29.30
N ASP F 339 46.09 -14.99 -29.81
CA ASP F 339 46.11 -13.76 -29.04
C ASP F 339 44.69 -13.23 -28.87
N LEU F 340 44.56 -12.20 -28.02
CA LEU F 340 43.25 -11.61 -27.78
C LEU F 340 42.73 -10.85 -28.99
N GLU F 341 43.61 -10.47 -29.92
CA GLU F 341 43.15 -9.87 -31.17
C GLU F 341 42.61 -10.92 -32.13
N ILE F 342 43.15 -12.14 -32.09
CA ILE F 342 42.64 -13.21 -32.95
C ILE F 342 41.35 -13.78 -32.38
N THR F 343 41.17 -13.72 -31.06
CA THR F 343 39.98 -14.27 -30.43
C THR F 343 38.85 -13.26 -30.29
N THR F 344 39.17 -12.00 -30.01
CA THR F 344 38.17 -10.96 -29.81
C THR F 344 38.22 -9.95 -30.95
N HIS F 345 37.11 -9.23 -31.11
CA HIS F 345 36.96 -8.24 -32.18
C HIS F 345 37.71 -6.97 -31.81
N SER F 346 38.84 -6.74 -32.47
CA SER F 346 39.65 -5.55 -32.23
C SER F 346 39.24 -4.45 -33.21
N PHE F 347 39.06 -3.24 -32.68
CA PHE F 347 38.69 -2.08 -33.49
C PHE F 347 38.82 -0.83 -32.63
N ASN F 348 38.78 0.31 -33.29
CA ASN F 348 38.83 1.61 -32.63
C ASN F 348 37.43 2.18 -32.47
N CYS F 349 37.26 3.03 -31.44
CA CYS F 349 35.95 3.58 -31.13
C CYS F 349 36.18 4.91 -30.38
N GLY F 350 36.32 5.98 -31.14
CA GLY F 350 36.51 7.30 -30.55
C GLY F 350 37.83 7.49 -29.85
N GLY F 351 38.82 6.64 -30.12
CA GLY F 351 40.12 6.76 -29.47
C GLY F 351 40.49 5.54 -28.68
N GLU F 352 39.55 5.01 -27.91
CA GLU F 352 39.79 3.80 -27.13
C GLU F 352 39.72 2.57 -28.01
N PHE F 353 40.50 1.56 -27.66
CA PHE F 353 40.56 0.30 -28.39
C PHE F 353 39.66 -0.72 -27.71
N PHE F 354 38.75 -1.31 -28.47
CA PHE F 354 37.73 -2.21 -27.93
C PHE F 354 38.00 -3.63 -28.41
N TYR F 355 37.76 -4.59 -27.52
CA TYR F 355 37.97 -6.01 -27.82
C TYR F 355 36.76 -6.77 -27.28
N CYS F 356 35.92 -7.27 -28.18
CA CYS F 356 34.61 -7.80 -27.84
C CYS F 356 34.57 -9.32 -27.97
N ASN F 357 33.79 -9.94 -27.09
CA ASN F 357 33.61 -11.39 -27.09
C ASN F 357 32.59 -11.75 -28.17
N THR F 358 33.08 -12.28 -29.29
CA THR F 358 32.23 -12.62 -30.43
C THR F 358 31.73 -14.07 -30.38
N SER F 359 31.75 -14.69 -29.20
CA SER F 359 31.31 -16.08 -29.10
C SER F 359 29.79 -16.19 -29.23
N LYS F 360 29.05 -15.18 -28.79
CA LYS F 360 27.60 -15.22 -28.89
C LYS F 360 27.12 -15.08 -30.33
N LEU F 361 27.97 -14.60 -31.23
CA LEU F 361 27.57 -14.48 -32.63
C LEU F 361 27.82 -15.77 -33.39
N PHE F 362 28.84 -16.54 -33.02
CA PHE F 362 29.28 -17.72 -33.75
C PHE F 362 28.99 -18.95 -32.90
N SER F 363 27.73 -19.38 -32.89
CA SER F 363 27.31 -20.57 -32.16
C SER F 363 25.98 -21.06 -32.69
N SER F 364 25.93 -21.43 -33.97
CA SER F 364 24.69 -21.84 -34.62
C SER F 364 24.96 -23.05 -35.50
N THR F 365 23.87 -23.64 -35.99
CA THR F 365 23.93 -24.79 -36.88
C THR F 365 22.82 -24.65 -37.91
N TRP F 366 23.18 -24.77 -39.19
CA TRP F 366 22.25 -24.54 -40.29
C TRP F 366 22.32 -25.70 -41.28
N ASP F 367 21.16 -26.28 -41.59
CA ASP F 367 21.08 -27.35 -42.58
C ASP F 367 20.85 -26.74 -43.96
N ASN F 368 20.35 -27.54 -44.91
CA ASN F 368 20.07 -27.03 -46.24
C ASN F 368 18.84 -26.12 -46.23
N SER F 369 17.85 -26.43 -45.40
CA SER F 369 16.64 -25.64 -45.32
C SER F 369 16.45 -25.04 -43.93
N ASN F 384 11.49 -9.44 -31.75
CA ASN F 384 12.42 -8.49 -32.32
C ASN F 384 13.28 -7.83 -31.24
N GLU F 385 14.35 -8.51 -30.84
CA GLU F 385 15.27 -8.02 -29.83
C GLU F 385 16.67 -7.93 -30.43
N THR F 386 17.65 -7.61 -29.58
CA THR F 386 19.03 -7.45 -30.00
C THR F 386 19.95 -8.24 -29.08
N ILE F 387 21.16 -8.50 -29.57
CA ILE F 387 22.18 -9.22 -28.82
C ILE F 387 23.31 -8.27 -28.48
N THR F 388 23.90 -8.46 -27.31
CA THR F 388 25.02 -7.66 -26.85
C THR F 388 26.25 -8.54 -26.67
N LEU F 389 27.43 -7.93 -26.80
CA LEU F 389 28.69 -8.63 -26.67
C LEU F 389 29.57 -7.92 -25.63
N GLN F 390 30.19 -8.72 -24.76
CA GLN F 390 31.08 -8.16 -23.74
C GLN F 390 32.36 -7.68 -24.40
N CYS F 391 32.65 -6.38 -24.26
CA CYS F 391 33.81 -5.76 -24.86
C CYS F 391 34.80 -5.31 -23.80
N LYS F 392 36.09 -5.46 -24.08
CA LYS F 392 37.16 -5.01 -23.20
C LYS F 392 37.90 -3.85 -23.84
N ILE F 393 38.58 -3.07 -23.00
CA ILE F 393 39.30 -1.88 -23.42
C ILE F 393 40.76 -2.02 -23.00
N LYS F 394 41.66 -1.73 -23.93
CA LYS F 394 43.10 -1.79 -23.67
C LYS F 394 43.72 -0.46 -24.08
N GLN F 395 44.58 0.06 -23.23
CA GLN F 395 45.24 1.34 -23.47
C GLN F 395 46.65 1.20 -24.03
N ILE F 396 47.36 0.13 -23.67
CA ILE F 396 48.69 -0.15 -24.19
C ILE F 396 48.54 -1.13 -25.35
N ILE F 397 48.71 -0.65 -26.57
CA ILE F 397 48.52 -1.48 -27.75
C ILE F 397 49.87 -1.93 -28.29
N ASN F 398 49.89 -3.12 -28.88
CA ASN F 398 51.07 -3.69 -29.52
C ASN F 398 50.68 -4.35 -30.82
N MET F 399 49.85 -3.66 -31.61
CA MET F 399 49.36 -4.23 -32.86
C MET F 399 50.51 -4.42 -33.84
N TRP F 400 50.27 -5.31 -34.82
CA TRP F 400 51.22 -5.76 -35.83
C TRP F 400 52.38 -6.55 -35.23
N GLN F 401 52.43 -6.73 -33.91
CA GLN F 401 53.43 -7.55 -33.24
C GLN F 401 54.85 -7.06 -33.55
N GLN F 402 55.09 -5.78 -33.30
CA GLN F 402 56.40 -5.16 -33.48
C GLN F 402 57.10 -5.11 -32.13
N VAL F 403 58.00 -6.06 -31.89
CA VAL F 403 58.73 -6.11 -30.63
C VAL F 403 59.78 -5.01 -30.62
N GLY F 404 59.65 -4.08 -29.68
CA GLY F 404 60.60 -2.98 -29.57
C GLY F 404 59.93 -1.63 -29.47
N ARG F 405 58.76 -1.49 -30.09
CA ARG F 405 58.02 -0.24 -30.10
C ARG F 405 56.60 -0.47 -29.61
N ALA F 406 56.06 0.50 -28.88
CA ALA F 406 54.71 0.41 -28.34
C ALA F 406 54.12 1.80 -28.25
N MET F 407 52.78 1.86 -28.21
CA MET F 407 52.05 3.10 -28.04
C MET F 407 50.98 2.93 -26.98
N TYR F 408 50.74 4.00 -26.24
CA TYR F 408 49.70 4.04 -25.22
C TYR F 408 48.55 4.93 -25.68
N ALA F 409 47.34 4.44 -25.52
CA ALA F 409 46.16 5.20 -25.92
C ALA F 409 45.79 6.18 -24.81
N PRO F 410 45.81 7.49 -25.07
CA PRO F 410 45.41 8.44 -24.03
C PRO F 410 43.93 8.32 -23.75
N PRO F 411 43.52 8.55 -22.50
CA PRO F 411 42.10 8.42 -22.16
C PRO F 411 41.24 9.46 -22.88
N ILE F 412 39.97 9.13 -23.06
CA ILE F 412 39.01 9.98 -23.73
C ILE F 412 37.90 10.32 -22.75
N GLN F 413 37.58 11.61 -22.65
CA GLN F 413 36.59 12.08 -21.68
C GLN F 413 35.17 11.85 -22.20
N GLY F 414 34.25 11.67 -21.27
CA GLY F 414 32.86 11.43 -21.59
C GLY F 414 32.61 10.02 -22.09
N GLU F 415 31.35 9.59 -21.99
CA GLU F 415 30.97 8.27 -22.47
C GLU F 415 31.12 8.19 -23.98
N ILE F 416 31.83 7.17 -24.45
CA ILE F 416 32.10 6.98 -25.86
C ILE F 416 31.00 6.12 -26.47
N ARG F 417 30.47 6.54 -27.61
CA ARG F 417 29.47 5.78 -28.35
C ARG F 417 29.80 5.85 -29.83
N CYS F 418 30.00 4.68 -30.44
CA CYS F 418 30.33 4.60 -31.86
C CYS F 418 29.39 3.61 -32.55
N GLU F 419 29.10 3.89 -33.82
CA GLU F 419 28.26 3.04 -34.65
C GLU F 419 28.88 2.94 -36.04
N SER F 420 28.65 1.82 -36.70
CA SER F 420 29.25 1.58 -38.01
C SER F 420 28.41 0.55 -38.76
N ASN F 421 28.74 0.38 -40.04
CA ASN F 421 28.16 -0.65 -40.88
C ASN F 421 29.19 -1.77 -41.05
N ILE F 422 28.82 -2.98 -40.65
CA ILE F 422 29.67 -4.14 -40.88
C ILE F 422 29.47 -4.61 -42.32
N THR F 423 30.57 -4.86 -43.02
CA THR F 423 30.51 -5.16 -44.45
C THR F 423 31.23 -6.45 -44.79
N GLY F 424 32.27 -6.80 -44.02
CA GLY F 424 33.07 -7.96 -44.33
C GLY F 424 33.38 -8.78 -43.10
N LEU F 425 33.91 -9.97 -43.35
CA LEU F 425 34.29 -10.89 -42.29
C LEU F 425 35.46 -11.74 -42.76
N LEU F 426 36.35 -12.09 -41.83
CA LEU F 426 37.51 -12.93 -42.09
C LEU F 426 37.25 -14.29 -41.47
N LEU F 427 36.75 -15.22 -42.28
CA LEU F 427 36.46 -16.57 -41.82
C LEU F 427 37.67 -17.48 -42.04
N THR F 428 37.58 -18.70 -41.49
CA THR F 428 38.64 -19.68 -41.63
C THR F 428 38.07 -21.06 -41.33
N ARG F 429 38.37 -22.03 -42.20
CA ARG F 429 37.94 -23.39 -41.95
C ARG F 429 38.77 -24.03 -40.85
N ASP F 430 38.34 -25.21 -40.42
CA ASP F 430 39.14 -25.99 -39.48
C ASP F 430 40.11 -26.93 -40.18
N GLY F 431 39.80 -27.35 -41.41
CA GLY F 431 40.72 -28.14 -42.20
C GLY F 431 40.55 -29.64 -42.13
N GLY F 432 41.55 -30.31 -41.56
CA GLY F 432 41.60 -31.76 -41.54
C GLY F 432 40.40 -32.43 -40.89
N ALA F 433 39.56 -33.04 -41.72
CA ALA F 433 38.40 -33.78 -41.26
C ALA F 433 37.90 -34.63 -42.42
N ASN F 434 36.92 -35.48 -42.14
CA ASN F 434 36.29 -36.27 -43.19
C ASN F 434 35.53 -35.36 -44.14
N SER F 435 35.82 -35.47 -45.43
CA SER F 435 35.33 -34.52 -46.41
C SER F 435 33.83 -34.65 -46.61
N SER F 436 33.19 -33.50 -46.87
CA SER F 436 31.79 -33.38 -47.26
C SER F 436 30.83 -33.87 -46.17
N THR F 437 31.35 -34.22 -44.99
CA THR F 437 30.47 -34.63 -43.89
C THR F 437 29.83 -33.39 -43.27
N ASN F 438 30.63 -32.58 -42.58
CA ASN F 438 30.18 -31.30 -42.06
C ASN F 438 31.28 -30.27 -42.30
N GLU F 439 30.90 -29.00 -42.30
CA GLU F 439 31.84 -27.91 -42.54
C GLU F 439 31.68 -26.87 -41.44
N THR F 440 32.77 -26.55 -40.77
CA THR F 440 32.79 -25.58 -39.68
C THR F 440 33.59 -24.36 -40.09
N PHE F 441 33.06 -23.18 -39.79
CA PHE F 441 33.68 -21.92 -40.16
C PHE F 441 33.91 -21.09 -38.90
N ARG F 442 35.17 -20.74 -38.65
CA ARG F 442 35.57 -19.97 -37.49
C ARG F 442 36.18 -18.63 -37.94
N PRO F 443 35.99 -17.57 -37.15
CA PRO F 443 36.55 -16.27 -37.54
C PRO F 443 38.05 -16.23 -37.35
N GLY F 444 38.75 -15.60 -38.30
CA GLY F 444 40.18 -15.47 -38.25
C GLY F 444 40.62 -14.02 -38.40
N GLY F 445 41.93 -13.83 -38.38
CA GLY F 445 42.51 -12.52 -38.52
C GLY F 445 44.03 -12.58 -38.55
N GLY F 446 44.56 -13.52 -39.34
CA GLY F 446 45.99 -13.75 -39.34
C GLY F 446 46.81 -12.57 -39.82
N ASP F 447 46.25 -11.74 -40.69
CA ASP F 447 46.98 -10.61 -41.24
C ASP F 447 46.05 -9.39 -41.33
N MET F 448 46.65 -8.21 -41.28
CA MET F 448 45.91 -6.97 -41.43
C MET F 448 45.74 -6.59 -42.90
N ARG F 449 46.56 -7.13 -43.79
CA ARG F 449 46.42 -6.84 -45.21
C ARG F 449 45.09 -7.33 -45.77
N ASP F 450 44.45 -8.29 -45.09
CA ASP F 450 43.15 -8.76 -45.54
C ASP F 450 42.13 -7.63 -45.56
N ASN F 451 42.26 -6.66 -44.65
CA ASN F 451 41.33 -5.53 -44.64
C ASN F 451 41.54 -4.62 -45.83
N TRP F 452 42.79 -4.46 -46.29
CA TRP F 452 43.03 -3.68 -47.49
C TRP F 452 42.63 -4.41 -48.76
N ARG F 453 42.58 -5.75 -48.71
CA ARG F 453 42.08 -6.52 -49.84
C ARG F 453 40.60 -6.28 -50.06
N SER F 454 39.86 -5.96 -48.99
CA SER F 454 38.41 -5.74 -49.10
C SER F 454 38.08 -4.50 -49.90
N GLU F 455 39.04 -3.60 -50.12
CA GLU F 455 38.82 -2.38 -50.88
C GLU F 455 39.62 -2.33 -52.16
N LEU F 456 40.52 -3.28 -52.40
CA LEU F 456 41.38 -3.29 -53.57
C LEU F 456 41.17 -4.54 -54.41
N TYR F 457 39.99 -5.16 -54.33
CA TYR F 457 39.71 -6.36 -55.10
C TYR F 457 39.44 -6.07 -56.57
N LYS F 458 39.06 -4.83 -56.90
CA LYS F 458 38.71 -4.46 -58.26
C LYS F 458 39.63 -3.38 -58.81
N TYR F 459 40.90 -3.40 -58.41
CA TYR F 459 41.86 -2.39 -58.83
C TYR F 459 43.12 -3.08 -59.35
N LYS F 460 43.80 -2.40 -60.28
CA LYS F 460 44.99 -2.95 -60.91
C LYS F 460 45.76 -1.81 -61.58
N VAL F 461 47.08 -1.79 -61.39
CA VAL F 461 47.94 -0.75 -61.94
C VAL F 461 48.65 -1.30 -63.17
N VAL F 462 48.61 -0.55 -64.27
CA VAL F 462 49.28 -0.91 -65.51
C VAL F 462 50.05 0.29 -66.02
N LYS F 463 51.18 0.03 -66.68
CA LYS F 463 52.00 1.07 -67.28
C LYS F 463 51.74 1.12 -68.78
N ILE F 464 51.75 2.33 -69.33
CA ILE F 464 51.39 2.55 -70.73
C ILE F 464 52.64 2.45 -71.59
N GLU F 465 52.57 1.64 -72.65
CA GLU F 465 53.61 1.57 -73.68
C GLU F 465 53.10 2.26 -74.94
N PRO F 466 53.32 3.57 -75.08
CA PRO F 466 52.76 4.29 -76.24
C PRO F 466 53.54 4.08 -77.54
N LEU F 467 54.71 3.44 -77.49
CA LEU F 467 55.52 3.23 -78.68
C LEU F 467 54.93 2.06 -79.48
N GLY F 468 54.41 2.36 -80.66
CA GLY F 468 53.82 1.34 -81.52
C GLY F 468 54.52 1.31 -82.87
N VAL F 469 54.65 0.10 -83.42
CA VAL F 469 55.29 -0.11 -84.71
C VAL F 469 54.42 -1.05 -85.53
N ALA F 470 54.02 -0.62 -86.73
CA ALA F 470 53.15 -1.40 -87.58
C ALA F 470 53.51 -1.16 -89.03
N PRO F 471 53.45 -2.19 -89.88
CA PRO F 471 53.82 -1.99 -91.29
C PRO F 471 52.70 -1.32 -92.08
N THR F 472 53.10 -0.36 -92.92
CA THR F 472 52.19 0.31 -93.83
C THR F 472 52.85 0.42 -95.19
N ARG F 473 52.05 0.74 -96.20
CA ARG F 473 52.59 0.98 -97.54
C ARG F 473 53.30 2.33 -97.64
N CYS F 474 53.37 3.08 -96.56
CA CYS F 474 54.03 4.38 -96.56
C CYS F 474 55.54 4.22 -96.39
N LYS F 475 56.28 5.21 -96.88
CA LYS F 475 57.73 5.21 -96.75
C LYS F 475 58.23 6.65 -96.78
N ARG F 476 59.36 6.89 -96.13
CA ARG F 476 59.92 8.23 -96.03
C ARG F 476 60.57 8.62 -97.36
N ARG F 477 61.13 9.83 -97.39
CA ARG F 477 61.80 10.35 -98.57
C ARG F 477 63.23 9.82 -98.62
N VAL F 478 64.07 10.43 -99.46
CA VAL F 478 65.46 10.03 -99.58
C VAL F 478 66.38 11.13 -99.06
N GLN G 2 -6.54 -2.98 4.87
CA GLN G 2 -5.91 -1.93 5.68
C GLN G 2 -4.73 -2.49 6.45
N VAL G 3 -3.55 -1.90 6.25
CA VAL G 3 -2.33 -2.35 6.88
C VAL G 3 -1.93 -1.33 7.94
N GLN G 4 -1.66 -1.81 9.16
CA GLN G 4 -1.29 -0.95 10.27
C GLN G 4 -0.12 -1.57 11.03
N LEU G 5 0.83 -0.74 11.42
CA LEU G 5 1.98 -1.15 12.21
C LEU G 5 1.87 -0.55 13.61
N GLN G 6 2.11 -1.37 14.63
CA GLN G 6 1.98 -0.95 16.01
C GLN G 6 3.32 -1.17 16.72
N GLU G 7 3.91 -0.09 17.23
CA GLU G 7 5.14 -0.15 17.99
C GLU G 7 4.82 -0.41 19.46
N SER G 8 5.51 -1.37 20.06
CA SER G 8 5.32 -1.73 21.45
C SER G 8 6.67 -2.01 22.08
N GLY G 9 6.98 -1.31 23.16
CA GLY G 9 8.23 -1.49 23.86
C GLY G 9 8.12 -1.21 25.33
N PRO G 10 9.19 -1.47 26.09
CA PRO G 10 9.13 -1.22 27.53
C PRO G 10 9.20 0.26 27.89
N GLY G 11 9.93 1.07 27.12
CA GLY G 11 10.05 2.48 27.39
C GLY G 11 11.14 2.85 28.37
N LEU G 12 11.66 1.90 29.12
CA LEU G 12 12.72 2.16 30.10
C LEU G 12 13.57 0.92 30.25
N VAL G 13 14.85 1.02 29.88
CA VAL G 13 15.80 -0.07 30.02
C VAL G 13 17.07 0.45 30.67
N LYS G 14 17.70 -0.39 31.47
CA LYS G 14 18.95 -0.02 32.11
C LYS G 14 20.08 0.00 31.08
N PRO G 15 21.11 0.82 31.30
CA PRO G 15 22.25 0.82 30.38
C PRO G 15 22.93 -0.54 30.35
N SER G 16 23.51 -0.85 29.19
CA SER G 16 24.22 -2.13 28.96
C SER G 16 23.30 -3.32 29.20
N GLU G 17 22.07 -3.23 28.71
CA GLU G 17 21.10 -4.32 28.78
C GLU G 17 20.53 -4.56 27.38
N THR G 18 19.58 -5.48 27.30
CA THR G 18 18.95 -5.85 26.04
C THR G 18 17.61 -5.12 25.91
N LEU G 19 17.44 -4.40 24.80
CA LEU G 19 16.22 -3.68 24.50
C LEU G 19 15.36 -4.50 23.56
N SER G 20 14.09 -4.71 23.92
CA SER G 20 13.17 -5.55 23.16
C SER G 20 12.00 -4.69 22.66
N VAL G 21 11.92 -4.49 21.35
CA VAL G 21 10.84 -3.75 20.73
C VAL G 21 10.12 -4.67 19.76
N THR G 22 8.79 -4.55 19.70
CA THR G 22 7.97 -5.43 18.88
C THR G 22 7.11 -4.59 17.93
N CYS G 23 7.12 -4.94 16.66
CA CYS G 23 6.30 -4.29 15.64
C CYS G 23 5.24 -5.28 15.16
N SER G 24 3.98 -4.88 15.25
CA SER G 24 2.86 -5.75 14.94
C SER G 24 2.36 -5.50 13.52
N VAL G 25 2.25 -6.57 12.73
CA VAL G 25 1.68 -6.50 11.39
C VAL G 25 0.21 -6.84 11.47
N SER G 26 -0.62 -6.08 10.75
CA SER G 26 -2.06 -6.24 10.87
C SER G 26 -2.65 -7.03 9.70
N GLY G 27 -3.11 -6.33 8.67
CA GLY G 27 -3.84 -6.96 7.58
C GLY G 27 -3.02 -7.86 6.68
N ASP G 28 -2.02 -7.29 6.02
CA ASP G 28 -1.24 -8.04 5.04
C ASP G 28 -0.28 -9.00 5.73
N SER G 29 0.26 -9.93 4.95
CA SER G 29 1.20 -10.91 5.46
C SER G 29 2.62 -10.32 5.50
N MET G 30 3.50 -11.02 6.21
CA MET G 30 4.88 -10.58 6.35
C MET G 30 5.80 -11.08 5.24
N ASN G 31 5.27 -11.87 4.31
CA ASN G 31 6.08 -12.45 3.24
C ASN G 31 5.93 -11.72 1.92
N ASN G 32 5.32 -10.53 1.92
CA ASN G 32 5.11 -9.76 0.70
C ASN G 32 6.00 -8.54 0.58
N TYR G 33 6.33 -7.88 1.69
CA TYR G 33 7.16 -6.69 1.67
C TYR G 33 8.30 -6.85 2.67
N TYR G 34 9.28 -5.96 2.57
CA TYR G 34 10.37 -5.91 3.53
C TYR G 34 9.97 -5.03 4.71
N TRP G 35 10.69 -5.19 5.81
CA TRP G 35 10.42 -4.46 7.04
C TRP G 35 11.71 -3.85 7.58
N THR G 36 11.60 -2.68 8.18
CA THR G 36 12.77 -1.96 8.67
C THR G 36 12.43 -1.21 9.95
N TRP G 37 13.47 -0.88 10.70
CA TRP G 37 13.36 -0.14 11.95
C TRP G 37 14.04 1.21 11.81
N ILE G 38 13.41 2.24 12.38
CA ILE G 38 13.93 3.61 12.30
C ILE G 38 13.77 4.26 13.67
N ARG G 39 14.82 4.95 14.13
CA ARG G 39 14.81 5.67 15.38
C ARG G 39 15.10 7.14 15.14
N GLN G 40 14.61 7.98 16.06
CA GLN G 40 14.87 9.42 16.02
C GLN G 40 15.21 9.88 17.42
N SER G 41 16.49 10.21 17.64
CA SER G 41 16.92 10.69 18.95
C SER G 41 16.69 12.19 19.07
N PRO G 42 16.31 12.68 20.24
CA PRO G 42 16.14 14.13 20.41
C PRO G 42 17.46 14.86 20.23
N GLY G 43 17.43 15.95 19.47
CA GLY G 43 18.63 16.68 19.12
C GLY G 43 19.34 16.16 17.89
N LYS G 44 18.93 15.01 17.36
CA LYS G 44 19.52 14.42 16.17
C LYS G 44 18.42 14.10 15.17
N GLY G 45 18.82 13.67 13.97
CA GLY G 45 17.88 13.27 12.96
C GLY G 45 17.46 11.82 13.08
N LEU G 46 16.47 11.45 12.29
CA LEU G 46 16.01 10.07 12.27
C LEU G 46 17.08 9.15 11.68
N GLU G 47 17.28 8.00 12.33
CA GLU G 47 18.36 7.08 12.00
C GLU G 47 17.80 5.77 11.49
N TRP G 48 18.43 5.25 10.43
CA TRP G 48 18.05 3.98 9.83
C TRP G 48 18.79 2.85 10.55
N ILE G 49 18.05 1.93 11.15
CA ILE G 49 18.67 0.83 11.89
C ILE G 49 19.07 -0.29 10.93
N GLY G 50 18.09 -0.89 10.29
CA GLY G 50 18.33 -2.02 9.40
C GLY G 50 17.02 -2.55 8.89
N TYR G 51 17.11 -3.52 7.99
CA TYR G 51 15.94 -4.09 7.35
C TYR G 51 16.05 -5.61 7.35
N ILE G 52 14.92 -6.25 7.01
CA ILE G 52 14.83 -7.69 6.89
C ILE G 52 14.13 -8.01 5.58
N SER G 53 14.71 -8.92 4.79
CA SER G 53 14.16 -9.28 3.50
C SER G 53 13.14 -10.40 3.65
N ASP G 54 12.53 -10.78 2.53
CA ASP G 54 11.55 -11.86 2.54
C ASP G 54 12.20 -13.22 2.75
N ARG G 55 13.47 -13.37 2.41
CA ARG G 55 14.19 -14.63 2.60
C ARG G 55 14.81 -14.76 3.98
N GLU G 56 14.30 -14.00 4.96
CA GLU G 56 14.76 -14.06 6.35
C GLU G 56 16.25 -13.77 6.48
N SER G 57 16.77 -12.89 5.63
CA SER G 57 18.17 -12.48 5.66
C SER G 57 18.21 -11.01 6.10
N ALA G 58 18.52 -10.78 7.37
CA ALA G 58 18.50 -9.43 7.92
C ALA G 58 19.80 -8.71 7.63
N THR G 59 19.70 -7.42 7.33
CA THR G 59 20.85 -6.56 7.09
C THR G 59 20.72 -5.33 7.99
N TYR G 60 21.82 -4.95 8.63
CA TYR G 60 21.82 -3.90 9.63
C TYR G 60 22.77 -2.78 9.24
N ASN G 61 22.68 -1.69 9.98
CA ASN G 61 23.57 -0.56 9.74
C ASN G 61 24.96 -0.87 10.27
N PRO G 62 26.01 -0.74 9.46
CA PRO G 62 27.37 -1.02 9.97
C PRO G 62 27.80 -0.09 11.09
N SER G 63 27.18 1.09 11.23
CA SER G 63 27.53 2.04 12.29
C SER G 63 26.92 1.69 13.64
N LEU G 64 26.42 0.46 13.80
CA LEU G 64 25.82 0.02 15.05
C LEU G 64 26.69 -0.97 15.81
N ASN G 65 27.88 -1.31 15.27
CA ASN G 65 28.86 -2.15 15.97
C ASN G 65 28.30 -3.55 16.27
N SER G 66 27.43 -4.05 15.40
CA SER G 66 26.88 -5.40 15.51
C SER G 66 26.20 -5.62 16.87
N ARG G 67 25.28 -4.72 17.21
CA ARG G 67 24.56 -4.79 18.46
C ARG G 67 23.05 -4.93 18.28
N VAL G 68 22.57 -5.04 17.05
CA VAL G 68 21.15 -5.10 16.76
C VAL G 68 20.82 -6.46 16.16
N VAL G 69 19.65 -7.01 16.54
CA VAL G 69 19.16 -8.28 16.02
C VAL G 69 17.69 -8.10 15.67
N ILE G 70 17.34 -8.37 14.41
CA ILE G 70 15.98 -8.25 13.93
C ILE G 70 15.51 -9.63 13.46
N SER G 71 14.36 -10.06 13.96
CA SER G 71 13.78 -11.35 13.61
C SER G 71 12.30 -11.19 13.32
N ARG G 72 11.75 -12.16 12.59
CA ARG G 72 10.34 -12.16 12.21
C ARG G 72 9.64 -13.36 12.86
N ASP G 73 8.33 -13.42 12.64
CA ASP G 73 7.51 -14.52 13.12
C ASP G 73 6.34 -14.70 12.17
N THR G 74 6.18 -15.91 11.65
CA THR G 74 5.13 -16.19 10.67
C THR G 74 3.80 -16.58 11.30
N SER G 75 3.83 -17.17 12.49
CA SER G 75 2.59 -17.61 13.12
C SER G 75 1.87 -16.49 13.85
N LYS G 76 2.61 -15.50 14.35
CA LYS G 76 2.03 -14.40 15.10
C LYS G 76 2.04 -13.07 14.36
N ASN G 77 2.76 -12.98 13.24
CA ASN G 77 2.84 -11.75 12.43
C ASN G 77 3.37 -10.59 13.26
N GLN G 78 4.58 -10.76 13.78
CA GLN G 78 5.24 -9.75 14.58
C GLN G 78 6.69 -9.63 14.16
N LEU G 79 7.24 -8.43 14.32
CA LEU G 79 8.64 -8.14 14.02
C LEU G 79 9.34 -7.75 15.31
N SER G 80 10.37 -8.50 15.67
CA SER G 80 11.10 -8.28 16.91
C SER G 80 12.34 -7.43 16.66
N LEU G 81 12.75 -6.71 17.70
CA LEU G 81 13.95 -5.87 17.65
C LEU G 81 14.72 -6.05 18.95
N LYS G 82 15.97 -6.48 18.83
CA LYS G 82 16.83 -6.73 19.98
C LYS G 82 18.10 -5.88 19.85
N LEU G 83 18.43 -5.16 20.92
CA LEU G 83 19.62 -4.32 20.96
C LEU G 83 20.36 -4.59 22.27
N ASN G 84 21.56 -5.14 22.16
CA ASN G 84 22.38 -5.47 23.32
C ASN G 84 23.35 -4.34 23.63
N SER G 85 23.71 -4.23 24.92
CA SER G 85 24.64 -3.21 25.41
C SER G 85 24.16 -1.81 25.05
N VAL G 86 22.97 -1.47 25.53
CA VAL G 86 22.38 -0.17 25.25
C VAL G 86 23.03 0.88 26.14
N THR G 87 23.01 2.12 25.66
CA THR G 87 23.56 3.27 26.36
C THR G 87 22.49 4.35 26.45
N PRO G 88 22.63 5.29 27.40
CA PRO G 88 21.65 6.39 27.48
C PRO G 88 21.49 7.17 26.19
N ALA G 89 22.45 7.08 25.26
CA ALA G 89 22.29 7.74 23.96
C ALA G 89 21.24 7.06 23.09
N ASP G 90 20.87 5.82 23.41
CA ASP G 90 19.86 5.09 22.65
C ASP G 90 18.44 5.59 22.93
N THR G 91 18.28 6.58 23.81
CA THR G 91 16.96 7.15 24.08
C THR G 91 16.42 7.83 22.83
N ALA G 92 15.35 7.27 22.25
CA ALA G 92 14.80 7.79 21.01
C ALA G 92 13.37 7.30 20.88
N VAL G 93 12.64 7.91 19.95
CA VAL G 93 11.29 7.48 19.60
C VAL G 93 11.40 6.51 18.43
N TYR G 94 10.93 5.29 18.64
CA TYR G 94 11.18 4.19 17.72
C TYR G 94 10.01 4.05 16.74
N TYR G 95 10.33 3.92 15.46
CA TYR G 95 9.34 3.73 14.41
C TYR G 95 9.72 2.53 13.57
N CYS G 96 8.76 1.66 13.29
CA CYS G 96 8.94 0.56 12.35
C CYS G 96 8.11 0.83 11.10
N ALA G 97 8.73 0.65 9.94
CA ALA G 97 8.09 0.95 8.67
C ALA G 97 8.28 -0.24 7.72
N THR G 98 7.59 -0.16 6.57
CA THR G 98 7.63 -1.21 5.57
C THR G 98 8.63 -0.81 4.48
N ALA G 99 9.74 -1.54 4.41
CA ALA G 99 10.73 -1.26 3.39
C ALA G 99 10.25 -1.78 2.03
N ARG G 100 10.26 -0.90 1.03
CA ARG G 100 9.80 -1.22 -0.31
C ARG G 100 10.98 -1.17 -1.27
N ARG G 101 11.23 -2.25 -1.98
CA ARG G 101 12.40 -2.38 -2.83
C ARG G 101 12.07 -1.88 -4.25
N GLY G 102 12.72 -0.79 -4.66
CA GLY G 102 12.59 -0.29 -6.01
C GLY G 102 13.83 -0.56 -6.83
N GLN G 103 13.69 -0.60 -8.15
CA GLN G 103 14.79 -0.93 -9.05
C GLN G 103 14.94 0.17 -10.08
N ARG G 104 15.94 1.02 -9.92
CA ARG G 104 16.25 2.07 -10.88
C ARG G 104 17.16 1.51 -11.96
N ILE G 105 16.67 1.48 -13.19
CA ILE G 105 17.40 0.93 -14.33
C ILE G 105 17.78 2.08 -15.25
N TYR G 106 19.08 2.23 -15.51
CA TYR G 106 19.56 3.26 -16.42
C TYR G 106 20.21 2.69 -17.68
N GLY G 107 20.68 1.45 -17.64
CA GLY G 107 21.29 0.84 -18.81
C GLY G 107 20.82 -0.59 -19.02
N VAL G 108 21.69 -1.44 -19.58
CA VAL G 108 21.33 -2.82 -19.85
C VAL G 108 21.23 -3.59 -18.54
N VAL G 109 20.28 -4.53 -18.48
CA VAL G 109 20.12 -5.34 -17.27
C VAL G 109 21.09 -6.50 -17.22
N SER G 110 21.70 -6.86 -18.35
CA SER G 110 22.59 -8.03 -18.37
C SER G 110 23.87 -7.77 -17.58
N PHE G 111 24.37 -6.54 -17.57
CA PHE G 111 25.61 -6.21 -16.88
C PHE G 111 25.39 -5.72 -15.46
N GLY G 112 24.16 -5.80 -14.94
CA GLY G 112 23.89 -5.29 -13.61
C GLY G 112 23.93 -3.78 -13.52
N GLU G 113 23.63 -3.08 -14.61
CA GLU G 113 23.65 -1.62 -14.63
C GLU G 113 22.37 -1.07 -14.00
N PHE G 114 22.09 -1.48 -12.78
CA PHE G 114 20.91 -1.03 -12.05
C PHE G 114 21.19 -1.16 -10.56
N PHE G 115 20.62 -0.24 -9.78
CA PHE G 115 20.80 -0.24 -8.34
C PHE G 115 19.43 -0.20 -7.66
N TYR G 116 19.30 -0.93 -6.56
CA TYR G 116 18.06 -0.98 -5.80
C TYR G 116 18.01 0.15 -4.78
N TYR G 117 16.86 0.80 -4.67
CA TYR G 117 16.63 1.83 -3.67
C TYR G 117 15.39 1.46 -2.87
N TYR G 118 15.42 1.76 -1.57
CA TYR G 118 14.36 1.39 -0.66
C TYR G 118 13.62 2.62 -0.15
N SER G 119 12.30 2.51 -0.05
CA SER G 119 11.45 3.56 0.49
C SER G 119 10.45 2.95 1.46
N MET G 120 10.02 3.75 2.43
CA MET G 120 9.11 3.30 3.48
C MET G 120 7.77 4.00 3.27
N ASP G 121 6.82 3.27 2.66
CA ASP G 121 5.53 3.86 2.36
C ASP G 121 4.61 3.89 3.58
N VAL G 122 4.60 2.82 4.37
CA VAL G 122 3.74 2.70 5.54
C VAL G 122 4.60 2.80 6.79
N TRP G 123 4.17 3.64 7.73
CA TRP G 123 4.88 3.84 8.98
C TRP G 123 3.93 3.55 10.15
N GLY G 124 4.54 3.34 11.33
CA GLY G 124 3.79 3.14 12.55
C GLY G 124 3.64 4.42 13.35
N LYS G 125 2.76 4.37 14.34
CA LYS G 125 2.53 5.55 15.17
C LYS G 125 3.73 5.86 16.06
N GLY G 126 4.52 4.85 16.41
CA GLY G 126 5.76 5.08 17.13
C GLY G 126 5.64 5.06 18.63
N THR G 127 6.62 4.44 19.30
CA THR G 127 6.69 4.39 20.75
C THR G 127 7.94 5.13 21.23
N THR G 128 7.88 5.59 22.47
CA THR G 128 8.98 6.33 23.07
C THR G 128 9.75 5.43 24.04
N VAL G 129 11.05 5.33 23.84
CA VAL G 129 11.93 4.50 24.65
C VAL G 129 13.01 5.39 25.25
N THR G 130 13.21 5.29 26.56
CA THR G 130 14.21 6.05 27.28
C THR G 130 15.18 5.09 27.96
N VAL G 131 16.47 5.34 27.80
CA VAL G 131 17.52 4.50 28.38
C VAL G 131 18.15 5.28 29.53
N SER G 132 17.89 4.85 30.76
CA SER G 132 18.43 5.50 31.94
C SER G 132 18.42 4.52 33.10
N SER G 133 19.33 4.73 34.05
CA SER G 133 19.41 3.90 35.24
C SER G 133 18.41 4.29 36.32
N ALA G 134 17.64 5.34 36.11
CA ALA G 134 16.65 5.76 37.10
C ALA G 134 15.48 4.78 37.14
N SER G 135 14.84 4.70 38.31
CA SER G 135 13.73 3.80 38.51
C SER G 135 12.44 4.41 37.96
N THR G 136 11.36 3.62 38.00
CA THR G 136 10.07 4.07 37.52
C THR G 136 9.26 4.69 38.66
N LYS G 137 8.21 5.42 38.28
CA LYS G 137 7.37 6.10 39.25
C LYS G 137 5.98 6.28 38.65
N GLY G 138 4.96 5.79 39.36
CA GLY G 138 3.60 5.83 38.87
C GLY G 138 3.00 7.22 38.90
N PRO G 139 1.99 7.45 38.07
CA PRO G 139 1.34 8.76 38.02
C PRO G 139 0.27 8.90 39.10
N SER G 140 -0.14 10.15 39.31
CA SER G 140 -1.18 10.49 40.27
C SER G 140 -2.26 11.28 39.55
N VAL G 141 -3.43 10.69 39.39
CA VAL G 141 -4.54 11.29 38.64
C VAL G 141 -5.46 12.00 39.63
N PHE G 142 -5.67 13.29 39.41
CA PHE G 142 -6.53 14.10 40.25
C PHE G 142 -7.60 14.78 39.41
N PRO G 143 -8.88 14.61 39.74
CA PRO G 143 -9.94 15.18 38.88
C PRO G 143 -10.17 16.66 39.12
N LEU G 144 -9.61 17.51 38.26
CA LEU G 144 -9.83 18.94 38.35
C LEU G 144 -11.32 19.26 38.20
N ALA G 145 -11.97 19.63 39.30
CA ALA G 145 -13.40 19.86 39.28
C ALA G 145 -13.73 21.10 38.44
N PRO G 146 -14.81 21.06 37.67
CA PRO G 146 -15.18 22.23 36.88
C PRO G 146 -15.70 23.36 37.75
N SER G 147 -15.51 24.59 37.28
CA SER G 147 -15.97 25.75 38.01
C SER G 147 -17.49 25.86 37.93
N SER G 148 -18.10 26.32 39.03
CA SER G 148 -19.56 26.45 39.06
C SER G 148 -20.04 27.62 38.19
N LYS G 149 -19.22 28.66 38.06
CA LYS G 149 -19.58 29.81 37.24
C LYS G 149 -19.51 29.49 35.76
N THR G 155 -19.50 28.38 27.99
CA THR G 155 -19.22 26.95 28.10
C THR G 155 -18.23 26.68 29.22
N ALA G 156 -18.64 25.84 30.17
CA ALA G 156 -17.77 25.49 31.29
C ALA G 156 -16.64 24.58 30.82
N ALA G 157 -15.64 24.41 31.69
CA ALA G 157 -14.47 23.61 31.37
C ALA G 157 -14.10 22.72 32.56
N LEU G 158 -13.69 21.50 32.26
CA LEU G 158 -13.25 20.55 33.28
C LEU G 158 -12.06 19.77 32.73
N GLY G 159 -11.32 19.13 33.62
CA GLY G 159 -10.14 18.39 33.20
C GLY G 159 -9.63 17.48 34.28
N CYS G 160 -8.53 16.82 33.97
CA CYS G 160 -7.84 15.93 34.89
C CYS G 160 -6.36 16.29 34.93
N LEU G 161 -5.75 16.07 36.08
CA LEU G 161 -4.37 16.47 36.33
C LEU G 161 -3.54 15.24 36.69
N VAL G 162 -2.39 15.10 36.03
CA VAL G 162 -1.41 14.07 36.35
C VAL G 162 -0.26 14.74 37.08
N LYS G 163 0.05 14.27 38.29
CA LYS G 163 0.94 14.95 39.21
C LYS G 163 2.21 14.13 39.39
N ASP G 164 3.19 14.36 38.50
CA ASP G 164 4.53 13.78 38.51
C ASP G 164 4.55 12.27 38.33
N TYR G 165 5.40 11.80 37.42
CA TYR G 165 5.55 10.38 37.11
C TYR G 165 6.87 10.21 36.37
N PHE G 166 7.14 8.97 35.92
CA PHE G 166 8.33 8.68 35.14
C PHE G 166 8.23 7.30 34.51
N PRO G 167 8.53 7.16 33.21
CA PRO G 167 8.84 8.27 32.29
C PRO G 167 7.68 8.58 31.34
N GLU G 168 7.97 9.33 30.28
CA GLU G 168 6.99 9.61 29.25
C GLU G 168 6.74 8.36 28.41
N PRO G 169 5.58 8.27 27.73
CA PRO G 169 4.45 9.21 27.74
C PRO G 169 3.28 8.75 28.61
N VAL G 170 2.20 9.53 28.60
CA VAL G 170 0.97 9.19 29.30
C VAL G 170 -0.19 9.46 28.35
N THR G 171 -0.97 8.41 28.06
CA THR G 171 -2.13 8.52 27.19
C THR G 171 -3.35 8.87 28.02
N VAL G 172 -4.07 9.92 27.60
CA VAL G 172 -5.25 10.41 28.30
C VAL G 172 -6.42 10.40 27.32
N SER G 173 -7.50 9.72 27.72
CA SER G 173 -8.73 9.69 26.95
C SER G 173 -9.89 10.07 27.87
N TRP G 174 -11.04 10.34 27.26
CA TRP G 174 -12.24 10.75 27.99
C TRP G 174 -13.39 9.83 27.62
N ASN G 175 -14.04 9.28 28.65
CA ASN G 175 -15.16 8.35 28.47
C ASN G 175 -14.75 7.15 27.63
N SER G 176 -13.52 6.66 27.85
CA SER G 176 -12.96 5.54 27.09
C SER G 176 -12.97 5.84 25.59
N GLY G 177 -12.73 7.09 25.24
CA GLY G 177 -12.70 7.49 23.84
C GLY G 177 -14.03 7.83 23.23
N ALA G 178 -15.06 8.06 24.05
CA ALA G 178 -16.38 8.39 23.54
C ALA G 178 -16.57 9.87 23.26
N LEU G 179 -15.66 10.73 23.73
CA LEU G 179 -15.76 12.16 23.52
C LEU G 179 -14.41 12.67 23.01
N THR G 180 -14.39 13.15 21.77
CA THR G 180 -13.16 13.62 21.14
C THR G 180 -13.18 15.10 20.78
N SER G 181 -14.35 15.74 20.73
CA SER G 181 -14.43 17.15 20.38
C SER G 181 -14.10 18.02 21.58
N GLY G 182 -13.31 19.07 21.35
CA GLY G 182 -12.94 19.98 22.40
C GLY G 182 -11.88 19.48 23.36
N VAL G 183 -11.27 18.33 23.09
CA VAL G 183 -10.24 17.78 23.96
C VAL G 183 -8.92 18.44 23.64
N HIS G 184 -8.23 18.91 24.68
CA HIS G 184 -6.93 19.56 24.52
C HIS G 184 -6.01 19.06 25.64
N THR G 185 -5.06 18.21 25.29
CA THR G 185 -4.10 17.66 26.25
C THR G 185 -2.81 18.48 26.15
N PHE G 186 -2.55 19.28 27.18
CA PHE G 186 -1.37 20.13 27.20
C PHE G 186 -0.12 19.33 27.53
N PRO G 187 1.04 19.75 27.01
CA PRO G 187 2.27 19.00 27.29
C PRO G 187 2.69 19.10 28.75
N ALA G 188 3.41 18.10 29.20
CA ALA G 188 3.85 18.03 30.59
C ALA G 188 5.01 19.00 30.83
N VAL G 189 5.33 19.19 32.11
CA VAL G 189 6.42 20.05 32.54
C VAL G 189 7.50 19.19 33.16
N LEU G 190 8.76 19.57 32.94
CA LEU G 190 9.91 18.86 33.51
C LEU G 190 10.35 19.64 34.75
N GLN G 191 9.89 19.20 35.91
CA GLN G 191 10.23 19.86 37.16
C GLN G 191 11.70 19.63 37.49
N SER G 192 12.18 20.36 38.50
CA SER G 192 13.55 20.21 38.95
C SER G 192 13.81 18.83 39.58
N SER G 193 12.75 18.13 39.98
CA SER G 193 12.89 16.79 40.54
C SER G 193 13.06 15.72 39.46
N GLY G 194 12.81 16.06 38.20
CA GLY G 194 12.95 15.09 37.13
C GLY G 194 11.71 14.28 36.83
N LEU G 195 10.52 14.84 37.04
CA LEU G 195 9.27 14.14 36.81
C LEU G 195 8.34 15.02 35.99
N TYR G 196 7.52 14.38 35.15
CA TYR G 196 6.63 15.07 34.23
C TYR G 196 5.24 15.19 34.84
N SER G 197 4.57 16.31 34.58
CA SER G 197 3.21 16.55 35.05
C SER G 197 2.43 17.25 33.95
N LEU G 198 1.42 16.56 33.42
CA LEU G 198 0.63 17.08 32.31
C LEU G 198 -0.81 17.36 32.76
N SER G 199 -1.60 17.88 31.83
CA SER G 199 -3.01 18.16 32.07
C SER G 199 -3.79 17.90 30.79
N SER G 200 -5.09 17.69 30.94
CA SER G 200 -5.97 17.41 29.80
C SER G 200 -7.35 17.97 30.11
N VAL G 201 -7.85 18.82 29.21
CA VAL G 201 -9.13 19.51 29.41
C VAL G 201 -10.02 19.24 28.21
N VAL G 202 -11.31 19.04 28.47
CA VAL G 202 -12.31 18.81 27.44
C VAL G 202 -13.40 19.88 27.56
N THR G 203 -13.81 20.43 26.42
CA THR G 203 -14.84 21.46 26.38
C THR G 203 -16.20 20.81 26.18
N VAL G 204 -17.08 20.97 27.15
CA VAL G 204 -18.42 20.38 27.11
C VAL G 204 -19.44 21.46 27.39
N PRO G 205 -20.68 21.30 26.91
CA PRO G 205 -21.72 22.27 27.24
C PRO G 205 -22.09 22.24 28.71
N SER G 206 -22.59 23.37 29.20
CA SER G 206 -22.91 23.49 30.62
C SER G 206 -24.15 22.69 31.00
N SER G 207 -24.99 22.32 30.04
CA SER G 207 -26.20 21.57 30.35
C SER G 207 -25.90 20.13 30.75
N SER G 208 -24.74 19.61 30.39
CA SER G 208 -24.36 18.25 30.74
C SER G 208 -23.88 18.11 32.18
N LEU G 209 -23.86 19.20 32.95
CA LEU G 209 -23.44 19.13 34.33
C LEU G 209 -24.52 18.47 35.18
N GLY G 210 -24.17 17.36 35.82
CA GLY G 210 -25.11 16.62 36.64
C GLY G 210 -25.83 15.49 35.94
N THR G 211 -25.73 15.41 34.61
CA THR G 211 -26.38 14.36 33.84
C THR G 211 -25.39 13.43 33.16
N GLN G 212 -24.34 13.95 32.54
CA GLN G 212 -23.35 13.14 31.85
C GLN G 212 -22.29 12.67 32.84
N THR G 213 -21.84 11.42 32.66
CA THR G 213 -20.82 10.82 33.52
C THR G 213 -19.47 10.97 32.81
N TYR G 214 -18.79 12.07 33.08
CA TYR G 214 -17.48 12.33 32.48
C TYR G 214 -16.39 11.64 33.30
N ILE G 215 -15.65 10.75 32.67
CA ILE G 215 -14.58 9.99 33.32
C ILE G 215 -13.35 10.04 32.42
N CYS G 216 -12.24 10.54 32.94
CA CYS G 216 -10.98 10.59 32.21
C CYS G 216 -10.19 9.32 32.47
N ASN G 217 -9.59 8.78 31.41
CA ASN G 217 -8.81 7.55 31.48
C ASN G 217 -7.34 7.88 31.29
N VAL G 218 -6.52 7.49 32.27
CA VAL G 218 -5.09 7.74 32.24
C VAL G 218 -4.36 6.41 32.25
N ASN G 219 -3.47 6.22 31.28
CA ASN G 219 -2.70 4.98 31.15
C ASN G 219 -1.23 5.33 31.02
N HIS G 220 -0.40 4.61 31.78
CA HIS G 220 1.05 4.75 31.71
C HIS G 220 1.65 3.35 31.60
N LYS G 221 2.13 3.01 30.41
CA LYS G 221 2.62 1.66 30.16
C LYS G 221 3.83 1.27 31.00
N PRO G 222 4.85 2.11 31.19
CA PRO G 222 5.99 1.69 32.03
C PRO G 222 5.61 1.38 33.48
N SER G 223 4.52 1.96 34.00
CA SER G 223 4.10 1.71 35.37
C SER G 223 3.04 0.62 35.48
N ASN G 224 2.52 0.12 34.36
CA ASN G 224 1.46 -0.90 34.34
C ASN G 224 0.25 -0.44 35.17
N THR G 225 -0.13 0.82 35.00
CA THR G 225 -1.20 1.41 35.79
C THR G 225 -2.15 2.16 34.86
N LYS G 226 -3.42 1.74 34.86
CA LYS G 226 -4.48 2.42 34.12
C LYS G 226 -5.50 2.93 35.13
N VAL G 227 -5.67 4.26 35.18
CA VAL G 227 -6.50 4.91 36.18
C VAL G 227 -7.72 5.50 35.49
N ASP G 228 -8.90 5.25 36.05
CA ASP G 228 -10.15 5.86 35.61
C ASP G 228 -10.68 6.73 36.74
N LYS G 229 -10.83 8.03 36.48
CA LYS G 229 -11.22 9.00 37.49
C LYS G 229 -12.50 9.69 37.06
N ARG G 230 -13.46 9.78 37.98
CA ARG G 230 -14.75 10.39 37.72
C ARG G 230 -14.68 11.87 38.07
N VAL G 231 -14.82 12.73 37.07
CA VAL G 231 -14.74 14.17 37.26
C VAL G 231 -16.12 14.69 37.63
N GLU G 232 -16.23 15.27 38.81
CA GLU G 232 -17.47 15.83 39.31
C GLU G 232 -17.21 17.19 39.93
N PRO G 233 -18.18 18.11 39.89
CA PRO G 233 -17.95 19.46 40.43
C PRO G 233 -17.81 19.46 41.95
N LYS G 234 -17.51 20.63 42.51
CA LYS G 234 -17.32 20.76 43.95
C LYS G 234 -18.67 20.67 44.68
N SER G 235 -18.58 20.42 45.99
CA SER G 235 -19.78 20.25 46.80
C SER G 235 -20.52 21.55 47.08
N CYS G 236 -19.93 22.69 46.74
CA CYS G 236 -20.57 23.98 46.98
C CYS G 236 -21.62 24.28 45.90
N VAL H 4 21.63 20.90 11.98
CA VAL H 4 20.46 21.12 11.13
C VAL H 4 20.60 22.43 10.37
N ARG H 5 19.80 22.60 9.32
CA ARG H 5 19.81 23.80 8.51
C ARG H 5 18.45 24.48 8.60
N PRO H 6 18.40 25.77 8.94
CA PRO H 6 17.12 26.46 9.06
C PRO H 6 16.65 27.10 7.77
N LEU H 7 15.34 27.28 7.67
CA LEU H 7 14.73 27.88 6.50
C LEU H 7 13.40 28.51 6.91
N SER H 8 13.16 29.74 6.47
CA SER H 8 11.95 30.48 6.79
C SER H 8 11.31 30.97 5.50
N VAL H 9 10.05 30.59 5.28
CA VAL H 9 9.32 30.93 4.07
C VAL H 9 7.97 31.54 4.46
N ALA H 10 7.56 32.56 3.73
CA ALA H 10 6.27 33.19 3.98
C ALA H 10 5.13 32.32 3.47
N LEU H 11 3.91 32.76 3.74
CA LEU H 11 2.73 32.00 3.36
C LEU H 11 2.38 32.24 1.88
N GLY H 12 2.05 31.17 1.18
CA GLY H 12 1.58 31.25 -0.18
C GLY H 12 2.66 31.40 -1.25
N GLU H 13 3.93 31.45 -0.86
CA GLU H 13 5.02 31.61 -1.81
C GLU H 13 5.65 30.26 -2.12
N THR H 14 6.07 30.09 -3.37
CA THR H 14 6.68 28.83 -3.80
C THR H 14 8.10 28.73 -3.25
N ALA H 15 8.33 27.76 -2.38
CA ALA H 15 9.64 27.52 -1.79
C ALA H 15 10.27 26.27 -2.39
N ARG H 16 11.59 26.20 -2.30
CA ARG H 16 12.37 25.09 -2.83
C ARG H 16 13.39 24.66 -1.78
N ILE H 17 13.20 23.48 -1.22
CA ILE H 17 14.11 22.94 -0.22
C ILE H 17 15.29 22.27 -0.92
N SER H 18 16.49 22.77 -0.67
CA SER H 18 17.69 22.25 -1.31
C SER H 18 18.23 21.04 -0.55
N CYS H 19 18.96 20.20 -1.27
CA CYS H 19 19.63 19.04 -0.70
C CYS H 19 21.10 19.38 -0.47
N GLY H 20 21.60 19.11 0.73
CA GLY H 20 22.97 19.43 1.09
C GLY H 20 23.99 18.73 0.22
N ARG H 21 24.02 17.41 0.28
CA ARG H 21 24.98 16.64 -0.50
C ARG H 21 24.64 16.72 -1.99
N GLN H 22 25.66 16.49 -2.80
CA GLN H 22 25.51 16.44 -4.26
C GLN H 22 25.61 15.00 -4.74
N ALA H 23 24.87 14.70 -5.80
CA ALA H 23 24.82 13.34 -6.33
C ALA H 23 26.11 13.02 -7.07
N LEU H 24 26.29 11.73 -7.36
CA LEU H 24 27.47 11.23 -8.09
C LEU H 24 26.99 10.13 -9.03
N GLY H 25 26.76 10.48 -10.29
CA GLY H 25 26.29 9.54 -11.27
C GLY H 25 24.78 9.41 -11.30
N SER H 26 24.27 8.25 -11.73
CA SER H 26 22.83 8.03 -11.74
C SER H 26 22.30 7.99 -10.32
N ARG H 27 21.27 8.79 -10.05
CA ARG H 27 20.77 8.99 -8.70
C ARG H 27 19.30 8.60 -8.61
N ALA H 28 18.88 8.31 -7.38
CA ALA H 28 17.47 8.07 -7.05
C ALA H 28 17.22 8.72 -5.68
N VAL H 29 16.67 9.92 -5.70
CA VAL H 29 16.57 10.75 -4.50
C VAL H 29 15.20 10.57 -3.87
N GLN H 30 15.17 10.54 -2.53
CA GLN H 30 13.93 10.45 -1.77
C GLN H 30 13.88 11.61 -0.78
N TRP H 31 12.78 12.35 -0.80
CA TRP H 31 12.55 13.47 0.11
C TRP H 31 11.53 13.05 1.16
N TYR H 32 11.91 13.18 2.42
CA TYR H 32 11.06 12.79 3.55
C TYR H 32 10.64 14.02 4.34
N GLN H 33 9.39 14.05 4.76
CA GLN H 33 8.84 15.10 5.61
C GLN H 33 8.49 14.48 6.96
N HIS H 34 9.20 14.90 8.00
CA HIS H 34 9.00 14.39 9.35
C HIS H 34 8.51 15.52 10.24
N ARG H 35 7.49 15.24 11.04
CA ARG H 35 6.97 16.19 12.01
C ARG H 35 7.27 15.70 13.43
N PRO H 36 7.56 16.59 14.36
CA PRO H 36 7.92 16.16 15.72
C PRO H 36 6.75 15.49 16.42
N GLY H 37 6.95 14.23 16.79
CA GLY H 37 5.96 13.44 17.49
C GLY H 37 5.11 12.55 16.60
N GLN H 38 5.17 12.73 15.29
CA GLN H 38 4.37 11.96 14.35
C GLN H 38 5.29 11.07 13.51
N ALA H 39 4.66 10.26 12.65
CA ALA H 39 5.41 9.32 11.82
C ALA H 39 5.99 10.03 10.60
N PRO H 40 7.23 9.74 10.24
CA PRO H 40 7.82 10.35 9.04
C PRO H 40 7.08 9.92 7.78
N ILE H 41 6.91 10.86 6.87
CA ILE H 41 6.20 10.63 5.62
C ILE H 41 7.07 11.14 4.47
N LEU H 42 7.41 10.25 3.53
CA LEU H 42 8.17 10.66 2.37
C LEU H 42 7.28 11.36 1.37
N LEU H 43 7.82 12.41 0.74
CA LEU H 43 7.06 13.22 -0.20
C LEU H 43 7.35 12.85 -1.66
N ILE H 44 8.62 12.75 -2.02
CA ILE H 44 9.02 12.46 -3.40
C ILE H 44 10.06 11.34 -3.35
N TYR H 45 9.77 10.24 -4.05
CA TYR H 45 10.72 9.15 -4.23
C TYR H 45 11.14 9.08 -5.69
N ASN H 46 12.37 8.64 -5.92
CA ASN H 46 12.92 8.50 -7.27
C ASN H 46 12.80 9.80 -8.05
N ASN H 47 13.71 10.73 -7.78
CA ASN H 47 13.80 11.99 -8.52
C ASN H 47 12.53 12.82 -8.41
N GLN H 48 11.50 12.49 -9.20
CA GLN H 48 10.27 13.27 -9.22
C GLN H 48 9.01 12.46 -8.95
N ASP H 49 9.10 11.13 -8.88
CA ASP H 49 7.91 10.32 -8.68
C ASP H 49 7.28 10.62 -7.33
N ARG H 50 5.95 10.58 -7.29
CA ARG H 50 5.19 11.00 -6.12
C ARG H 50 4.21 9.90 -5.73
N PRO H 51 4.20 9.49 -4.46
CA PRO H 51 3.27 8.44 -4.04
C PRO H 51 1.84 8.97 -3.98
N SER H 52 0.91 8.02 -3.86
CA SER H 52 -0.50 8.38 -3.79
C SER H 52 -0.83 9.09 -2.48
N GLY H 53 -1.64 10.13 -2.58
CA GLY H 53 -2.04 10.93 -1.43
C GLY H 53 -1.33 12.26 -1.32
N ILE H 54 -0.10 12.34 -1.82
CA ILE H 54 0.66 13.59 -1.73
C ILE H 54 0.09 14.60 -2.72
N PRO H 55 -0.18 15.84 -2.30
CA PRO H 55 -0.72 16.82 -3.24
C PRO H 55 0.28 17.19 -4.32
N GLU H 56 -0.24 17.80 -5.39
CA GLU H 56 0.56 18.16 -6.54
C GLU H 56 1.43 19.41 -6.31
N ARG H 57 1.36 20.01 -5.12
CA ARG H 57 2.17 21.19 -4.85
C ARG H 57 3.65 20.85 -4.77
N PHE H 58 3.99 19.64 -4.36
CA PHE H 58 5.37 19.21 -4.27
C PHE H 58 5.84 18.65 -5.60
N SER H 59 7.14 18.80 -5.87
CA SER H 59 7.73 18.30 -7.11
C SER H 59 9.21 18.06 -6.88
N GLY H 60 9.78 17.20 -7.72
CA GLY H 60 11.18 16.82 -7.64
C GLY H 60 11.97 17.26 -8.86
N THR H 61 13.26 16.95 -8.82
CA THR H 61 14.19 17.31 -9.88
C THR H 61 14.32 16.15 -10.88
N PRO H 62 14.18 16.40 -12.18
CA PRO H 62 14.29 15.31 -13.15
C PRO H 62 15.71 14.79 -13.28
N ASP H 63 15.83 13.48 -13.51
CA ASP H 63 17.12 12.84 -13.71
C ASP H 63 17.36 12.64 -15.21
N ILE H 64 17.58 13.76 -15.89
CA ILE H 64 17.89 13.76 -17.31
C ILE H 64 19.26 13.10 -17.50
N ASN H 65 20.32 13.85 -17.25
CA ASN H 65 21.68 13.33 -17.29
C ASN H 65 22.62 14.25 -16.52
N PHE H 66 22.55 14.20 -15.19
CA PHE H 66 23.36 15.05 -14.31
C PHE H 66 23.11 16.52 -14.59
N GLY H 67 24.01 17.38 -14.12
CA GLY H 67 23.89 18.81 -14.31
C GLY H 67 22.81 19.49 -13.50
N THR H 68 21.89 18.74 -12.91
CA THR H 68 20.82 19.30 -12.10
C THR H 68 20.95 18.82 -10.66
N ARG H 69 20.55 19.68 -9.72
CA ARG H 69 20.63 19.39 -8.30
C ARG H 69 19.26 18.95 -7.79
N ALA H 70 19.24 17.86 -7.02
CA ALA H 70 18.00 17.32 -6.50
C ALA H 70 17.39 18.30 -5.51
N THR H 71 16.30 18.95 -5.91
CA THR H 71 15.62 19.94 -5.07
C THR H 71 14.16 19.56 -4.94
N LEU H 72 13.53 20.05 -3.88
CA LEU H 72 12.12 19.81 -3.57
C LEU H 72 11.37 21.13 -3.69
N THR H 73 10.71 21.34 -4.83
CA THR H 73 9.95 22.56 -5.06
C THR H 73 8.57 22.42 -4.44
N ILE H 74 8.24 23.32 -3.52
CA ILE H 74 6.96 23.32 -2.83
C ILE H 74 6.23 24.61 -3.20
N SER H 75 5.17 24.48 -3.98
CA SER H 75 4.37 25.64 -4.39
C SER H 75 3.22 25.85 -3.42
N GLY H 76 3.00 27.11 -3.05
CA GLY H 76 1.94 27.45 -2.12
C GLY H 76 2.21 26.95 -0.72
N VAL H 77 3.28 27.46 -0.11
CA VAL H 77 3.65 27.03 1.24
C VAL H 77 2.63 27.60 2.22
N GLU H 78 1.95 26.70 2.94
CA GLU H 78 0.95 27.06 3.92
C GLU H 78 1.50 26.78 5.33
N ALA H 79 0.62 26.83 6.33
CA ALA H 79 1.05 26.66 7.70
C ALA H 79 1.42 25.21 8.01
N GLY H 80 0.74 24.26 7.38
CA GLY H 80 1.01 22.85 7.64
C GLY H 80 2.34 22.34 7.12
N ASP H 81 3.04 23.12 6.31
CA ASP H 81 4.31 22.70 5.75
C ASP H 81 5.47 22.84 6.73
N GLU H 82 5.25 23.45 7.89
CA GLU H 82 6.30 23.64 8.88
C GLU H 82 6.67 22.30 9.51
N ALA H 83 7.82 21.76 9.12
CA ALA H 83 8.31 20.48 9.64
C ALA H 83 9.78 20.37 9.32
N ASP H 84 10.34 19.18 9.53
CA ASP H 84 11.73 18.89 9.20
C ASP H 84 11.77 18.01 7.96
N TYR H 85 12.65 18.37 7.02
CA TYR H 85 12.75 17.69 5.74
C TYR H 85 14.15 17.10 5.57
N TYR H 86 14.21 15.85 5.11
CA TYR H 86 15.46 15.15 4.93
C TYR H 86 15.64 14.76 3.47
N CYS H 87 16.90 14.68 3.04
CA CYS H 87 17.27 14.33 1.67
C CYS H 87 18.03 13.02 1.70
N HIS H 88 17.48 11.99 1.05
CA HIS H 88 18.10 10.67 0.98
C HIS H 88 18.57 10.43 -0.45
N MET H 89 19.84 10.13 -0.61
CA MET H 89 20.46 9.94 -1.92
C MET H 89 20.77 8.47 -2.14
N TRP H 90 20.64 8.03 -3.40
CA TRP H 90 20.95 6.65 -3.79
C TRP H 90 21.65 6.72 -5.16
N ASP H 91 22.98 6.73 -5.14
CA ASP H 91 23.78 6.74 -6.35
C ASP H 91 24.66 5.49 -6.39
N SER H 92 25.28 5.26 -7.55
CA SER H 92 26.10 4.07 -7.73
C SER H 92 27.51 4.24 -7.16
N ARG H 93 28.00 5.49 -7.10
CA ARG H 93 29.37 5.73 -6.63
C ARG H 93 29.48 5.64 -5.12
N SER H 94 28.66 6.42 -4.41
CA SER H 94 28.67 6.36 -2.94
C SER H 94 28.13 5.05 -2.40
N GLY H 95 27.29 4.36 -3.15
CA GLY H 95 26.89 3.03 -2.71
C GLY H 95 25.73 3.15 -1.73
N PHE H 96 25.79 2.34 -0.67
CA PHE H 96 24.74 2.33 0.34
C PHE H 96 24.81 3.59 1.19
N SER H 97 23.75 4.39 1.16
CA SER H 97 23.66 5.62 1.93
C SER H 97 22.73 5.38 3.11
N TRP H 98 23.30 5.29 4.31
CA TRP H 98 22.52 5.07 5.51
C TRP H 98 22.05 6.37 6.15
N SER H 99 22.91 7.39 6.19
CA SER H 99 22.53 8.66 6.78
C SER H 99 21.56 9.40 5.86
N PHE H 100 20.62 10.12 6.47
CA PHE H 100 19.62 10.90 5.74
C PHE H 100 20.06 12.33 5.49
N GLY H 101 21.35 12.64 5.67
CA GLY H 101 21.85 13.98 5.46
C GLY H 101 21.45 14.92 6.59
N GLY H 102 21.89 16.16 6.44
CA GLY H 102 21.56 17.17 7.43
C GLY H 102 20.10 17.55 7.37
N ALA H 103 19.50 17.71 8.54
CA ALA H 103 18.08 18.05 8.61
C ALA H 103 17.84 19.49 8.15
N THR H 104 16.71 19.70 7.48
CA THR H 104 16.32 21.02 7.00
C THR H 104 15.02 21.40 7.70
N ARG H 105 15.11 22.23 8.74
CA ARG H 105 13.95 22.61 9.53
C ARG H 105 13.26 23.79 8.86
N LEU H 106 12.06 23.55 8.33
CA LEU H 106 11.28 24.57 7.67
C LEU H 106 10.35 25.25 8.67
N THR H 107 10.34 26.57 8.66
CA THR H 107 9.49 27.36 9.54
C THR H 107 8.68 28.34 8.71
N VAL H 108 7.37 28.39 8.97
CA VAL H 108 6.46 29.25 8.23
C VAL H 108 6.23 30.53 9.03
N LEU H 109 6.43 31.68 8.39
CA LEU H 109 6.27 32.98 9.02
C LEU H 109 5.02 33.68 8.49
N GLY H 110 4.62 34.73 9.19
CA GLY H 110 3.49 35.53 8.77
C GLY H 110 2.13 34.95 9.10
N GLN H 111 2.05 34.04 10.07
CA GLN H 111 0.77 33.45 10.42
C GLN H 111 -0.07 34.45 11.21
N PRO H 112 -1.39 34.45 11.04
CA PRO H 112 -2.22 35.39 11.78
C PRO H 112 -2.19 35.10 13.28
N LYS H 113 -2.34 36.16 14.08
CA LYS H 113 -2.31 36.06 15.52
C LYS H 113 -3.69 35.73 16.06
N ALA H 114 -3.75 34.76 16.98
CA ALA H 114 -4.98 34.38 17.65
C ALA H 114 -4.85 34.66 19.14
N ALA H 115 -5.95 35.13 19.74
CA ALA H 115 -5.92 35.46 21.15
C ALA H 115 -5.81 34.19 21.99
N PRO H 116 -4.96 34.17 23.02
CA PRO H 116 -4.82 32.97 23.83
C PRO H 116 -6.02 32.76 24.74
N SER H 117 -6.42 31.50 24.87
CA SER H 117 -7.53 31.10 25.73
C SER H 117 -6.93 30.56 27.02
N VAL H 118 -6.87 31.41 28.04
CA VAL H 118 -6.28 31.05 29.32
C VAL H 118 -7.37 30.49 30.24
N THR H 119 -7.02 29.45 30.98
CA THR H 119 -7.96 28.83 31.92
C THR H 119 -7.17 28.35 33.14
N LEU H 120 -7.34 29.05 34.26
CA LEU H 120 -6.67 28.69 35.51
C LEU H 120 -7.55 27.75 36.32
N PHE H 121 -6.99 26.61 36.73
CA PHE H 121 -7.72 25.61 37.48
C PHE H 121 -7.17 25.49 38.89
N PRO H 122 -8.02 25.52 39.91
CA PRO H 122 -7.54 25.35 41.28
C PRO H 122 -7.26 23.89 41.59
N PRO H 123 -6.52 23.60 42.65
CA PRO H 123 -6.30 22.19 43.04
C PRO H 123 -7.62 21.51 43.37
N SER H 124 -7.74 20.26 42.94
CA SER H 124 -8.97 19.51 43.14
C SER H 124 -9.16 19.16 44.62
N SER H 125 -10.39 18.80 44.96
CA SER H 125 -10.69 18.43 46.35
C SER H 125 -10.01 17.13 46.74
N GLU H 126 -9.92 16.18 45.80
CA GLU H 126 -9.22 14.93 46.08
C GLU H 126 -7.72 15.14 46.22
N GLU H 127 -7.17 16.13 45.52
CA GLU H 127 -5.76 16.46 45.68
C GLU H 127 -5.49 17.08 47.04
N LEU H 128 -6.44 17.89 47.53
CA LEU H 128 -6.31 18.45 48.88
C LEU H 128 -6.37 17.36 49.94
N GLN H 129 -7.12 16.28 49.67
CA GLN H 129 -7.14 15.15 50.60
C GLN H 129 -5.83 14.38 50.59
N ALA H 130 -5.06 14.46 49.51
CA ALA H 130 -3.75 13.81 49.42
C ALA H 130 -2.63 14.68 49.97
N ASN H 131 -2.97 15.75 50.70
CA ASN H 131 -1.99 16.65 51.31
C ASN H 131 -1.07 17.27 50.25
N LYS H 132 -1.65 17.67 49.13
CA LYS H 132 -0.92 18.32 48.05
C LYS H 132 -1.81 19.37 47.40
N ALA H 133 -1.19 20.23 46.61
CA ALA H 133 -1.90 21.29 45.90
C ALA H 133 -1.09 21.69 44.68
N THR H 134 -1.77 21.99 43.59
CA THR H 134 -1.11 22.39 42.36
C THR H 134 -2.04 23.29 41.55
N LEU H 135 -1.55 24.47 41.20
CA LEU H 135 -2.31 25.43 40.40
C LEU H 135 -1.95 25.23 38.94
N VAL H 136 -2.96 24.95 38.12
CA VAL H 136 -2.78 24.65 36.70
C VAL H 136 -3.29 25.83 35.88
N CYS H 137 -2.39 26.50 35.17
CA CYS H 137 -2.73 27.62 34.29
C CYS H 137 -2.37 27.22 32.87
N LEU H 138 -3.38 27.07 32.02
CA LEU H 138 -3.20 26.60 30.66
C LEU H 138 -3.37 27.74 29.67
N ILE H 139 -2.51 27.76 28.66
CA ILE H 139 -2.53 28.77 27.61
C ILE H 139 -2.61 28.05 26.27
N SER H 140 -3.66 28.33 25.50
CA SER H 140 -3.89 27.65 24.23
C SER H 140 -4.18 28.66 23.14
N ASP H 141 -3.78 28.30 21.92
CA ASP H 141 -4.06 29.09 20.71
C ASP H 141 -3.50 30.50 20.79
N PHE H 142 -2.20 30.65 20.58
CA PHE H 142 -1.57 31.96 20.55
C PHE H 142 -0.38 31.93 19.61
N TYR H 143 -0.16 33.06 18.93
CA TYR H 143 0.93 33.23 17.99
C TYR H 143 1.34 34.70 18.01
N PRO H 144 2.65 35.01 17.97
CA PRO H 144 3.79 34.09 17.93
C PRO H 144 4.06 33.40 19.27
N GLY H 145 4.99 32.46 19.26
CA GLY H 145 5.33 31.71 20.46
C GLY H 145 6.28 32.44 21.38
N ALA H 146 5.80 33.53 21.98
CA ALA H 146 6.60 34.32 22.92
C ALA H 146 5.66 34.78 24.03
N VAL H 147 5.64 34.04 25.15
CA VAL H 147 4.75 34.32 26.26
C VAL H 147 5.53 34.22 27.56
N THR H 148 5.42 35.24 28.40
CA THR H 148 6.05 35.25 29.72
C THR H 148 4.97 35.00 30.77
N VAL H 149 5.14 33.94 31.55
CA VAL H 149 4.19 33.55 32.58
C VAL H 149 4.71 34.02 33.93
N ALA H 150 3.86 34.68 34.70
CA ALA H 150 4.22 35.20 36.02
C ALA H 150 3.09 34.89 37.00
N TRP H 151 3.38 34.07 38.00
CA TRP H 151 2.40 33.75 39.03
C TRP H 151 2.35 34.86 40.07
N LYS H 152 1.15 35.06 40.63
CA LYS H 152 0.92 36.12 41.61
C LYS H 152 0.13 35.58 42.78
N ALA H 153 0.66 35.77 43.99
CA ALA H 153 -0.06 35.50 45.22
C ALA H 153 -0.56 36.84 45.75
N ASP H 154 -1.88 37.02 45.75
CA ASP H 154 -2.51 38.30 46.08
C ASP H 154 -1.98 39.38 45.14
N SER H 155 -1.05 40.19 45.61
CA SER H 155 -0.40 41.20 44.79
C SER H 155 1.09 40.99 44.59
N SER H 156 1.71 40.09 45.37
CA SER H 156 3.15 39.84 45.28
C SER H 156 3.41 38.64 44.39
N PRO H 157 4.37 38.73 43.47
CA PRO H 157 4.69 37.57 42.63
C PRO H 157 5.48 36.53 43.41
N VAL H 158 5.44 35.29 42.90
CA VAL H 158 6.08 34.15 43.53
C VAL H 158 7.17 33.64 42.61
N LYS H 159 8.37 33.46 43.15
CA LYS H 159 9.50 32.93 42.39
C LYS H 159 9.83 31.48 42.75
N ALA H 160 9.10 30.88 43.69
CA ALA H 160 9.34 29.52 44.12
C ALA H 160 8.19 28.60 43.72
N GLY H 161 8.53 27.35 43.44
CA GLY H 161 7.51 26.38 43.06
C GLY H 161 6.86 26.65 41.72
N VAL H 162 7.54 27.34 40.82
CA VAL H 162 7.00 27.69 39.51
C VAL H 162 7.62 26.77 38.47
N GLU H 163 6.77 26.04 37.74
CA GLU H 163 7.21 25.13 36.69
C GLU H 163 6.49 25.52 35.40
N THR H 164 7.25 26.03 34.43
CA THR H 164 6.69 26.53 33.19
C THR H 164 7.18 25.68 32.02
N THR H 165 6.29 25.44 31.06
CA THR H 165 6.63 24.69 29.86
C THR H 165 7.01 25.61 28.72
N THR H 166 7.82 25.09 27.80
CA THR H 166 8.16 25.82 26.59
C THR H 166 6.98 25.78 25.63
N PRO H 167 6.60 26.93 25.04
CA PRO H 167 5.45 26.92 24.11
C PRO H 167 5.66 25.96 22.95
N SER H 168 4.64 25.15 22.69
CA SER H 168 4.71 24.12 21.66
C SER H 168 3.53 24.28 20.70
N LYS H 169 3.79 23.96 19.44
CA LYS H 169 2.76 24.01 18.41
C LYS H 169 1.82 22.82 18.53
N GLN H 170 0.52 23.07 18.33
CA GLN H 170 -0.47 22.03 18.29
C GLN H 170 -1.00 21.89 16.85
N SER H 171 -2.19 21.32 16.70
CA SER H 171 -2.72 21.02 15.38
C SER H 171 -3.22 22.24 14.63
N ASN H 172 -3.62 23.31 15.32
CA ASN H 172 -4.14 24.51 14.68
C ASN H 172 -3.04 25.49 14.29
N ASN H 173 -1.79 25.05 14.25
CA ASN H 173 -0.64 25.90 13.90
C ASN H 173 -0.51 27.09 14.84
N LYS H 174 -1.01 26.95 16.06
CA LYS H 174 -0.86 27.95 17.10
C LYS H 174 -0.16 27.32 18.29
N TYR H 175 0.53 28.15 19.08
CA TYR H 175 1.30 27.63 20.19
C TYR H 175 0.39 27.36 21.39
N ALA H 176 0.89 26.51 22.29
CA ALA H 176 0.16 26.14 23.49
C ALA H 176 1.16 25.88 24.61
N ALA H 177 0.96 26.56 25.74
CA ALA H 177 1.86 26.46 26.88
C ALA H 177 1.05 26.15 28.13
N SER H 178 1.76 25.72 29.18
CA SER H 178 1.13 25.38 30.45
C SER H 178 2.10 25.68 31.58
N SER H 179 1.57 26.18 32.69
CA SER H 179 2.36 26.52 33.86
C SER H 179 1.78 25.81 35.09
N TYR H 180 2.66 25.38 35.98
CA TYR H 180 2.27 24.63 37.17
C TYR H 180 2.88 25.29 38.40
N LEU H 181 2.06 25.49 39.44
CA LEU H 181 2.48 26.11 40.68
C LEU H 181 2.28 25.09 41.80
N SER H 182 3.36 24.45 42.23
CA SER H 182 3.29 23.41 43.26
C SER H 182 3.28 24.06 44.64
N LEU H 183 2.18 23.89 45.37
CA LEU H 183 2.00 24.48 46.69
C LEU H 183 1.54 23.40 47.66
N THR H 184 1.41 23.78 48.94
CA THR H 184 0.85 22.94 50.00
C THR H 184 -0.60 23.32 50.24
N PRO H 185 -1.42 22.37 50.73
CA PRO H 185 -2.84 22.70 50.97
C PRO H 185 -3.05 23.85 51.93
N GLU H 186 -2.15 24.02 52.92
CA GLU H 186 -2.31 25.14 53.86
C GLU H 186 -2.03 26.47 53.17
N GLN H 187 -1.07 26.51 52.25
CA GLN H 187 -0.78 27.75 51.54
C GLN H 187 -1.87 28.08 50.52
N TRP H 188 -2.58 27.07 50.01
CA TRP H 188 -3.64 27.32 49.06
C TRP H 188 -4.89 27.89 49.74
N LYS H 189 -5.18 27.42 50.95
CA LYS H 189 -6.35 27.90 51.69
C LYS H 189 -6.09 29.18 52.47
N SER H 190 -4.83 29.61 52.58
CA SER H 190 -4.50 30.77 53.40
C SER H 190 -4.65 32.08 52.64
N HIS H 191 -4.10 32.17 51.44
CA HIS H 191 -4.15 33.41 50.69
C HIS H 191 -5.58 33.75 50.28
N ARG H 192 -5.81 35.04 50.02
CA ARG H 192 -7.15 35.50 49.64
C ARG H 192 -7.52 35.00 48.25
N SER H 193 -6.62 35.17 47.29
CA SER H 193 -6.87 34.74 45.92
C SER H 193 -5.54 34.62 45.19
N TYR H 194 -5.49 33.71 44.22
CA TYR H 194 -4.33 33.51 43.37
C TYR H 194 -4.65 33.93 41.94
N SER H 195 -3.63 34.44 41.25
CA SER H 195 -3.79 34.95 39.90
C SER H 195 -2.67 34.43 39.01
N CYS H 196 -3.01 34.15 37.75
CA CYS H 196 -2.06 33.72 36.74
C CYS H 196 -1.95 34.81 35.68
N GLN H 197 -0.82 35.50 35.64
CA GLN H 197 -0.60 36.58 34.70
C GLN H 197 0.10 36.04 33.46
N VAL H 198 -0.50 36.26 32.30
CA VAL H 198 0.02 35.79 31.03
C VAL H 198 0.23 36.98 30.12
N THR H 199 1.47 37.20 29.69
CA THR H 199 1.83 38.31 28.82
C THR H 199 2.16 37.77 27.43
N HIS H 200 1.48 38.30 26.41
CA HIS H 200 1.67 37.87 25.04
C HIS H 200 1.64 39.09 24.12
N GLU H 201 2.78 39.38 23.48
CA GLU H 201 2.89 40.48 22.52
C GLU H 201 2.51 41.81 23.15
N GLY H 202 2.97 42.04 24.38
CA GLY H 202 2.63 43.22 25.17
C GLY H 202 1.29 43.14 25.89
N SER H 203 0.32 42.47 25.30
CA SER H 203 -0.98 42.28 25.94
C SER H 203 -0.83 41.38 27.16
N THR H 204 -1.83 41.45 28.04
CA THR H 204 -1.81 40.69 29.28
C THR H 204 -3.22 40.20 29.60
N VAL H 205 -3.35 38.89 29.80
CA VAL H 205 -4.60 38.26 30.21
C VAL H 205 -4.36 37.56 31.53
N GLU H 206 -5.23 37.82 32.51
CA GLU H 206 -5.06 37.32 33.87
C GLU H 206 -6.31 36.58 34.31
N LYS H 207 -6.12 35.38 34.84
CA LYS H 207 -7.19 34.58 35.44
C LYS H 207 -6.97 34.49 36.94
N THR H 208 -8.06 34.56 37.69
CA THR H 208 -8.00 34.61 39.15
C THR H 208 -8.96 33.59 39.74
N VAL H 209 -8.47 32.80 40.69
CA VAL H 209 -9.29 31.86 41.45
C VAL H 209 -9.07 32.12 42.93
N ALA H 210 -10.11 31.87 43.72
CA ALA H 210 -10.08 32.12 45.15
C ALA H 210 -10.76 30.99 45.91
N PRO H 211 -10.24 30.63 47.09
CA PRO H 211 -10.90 29.56 47.86
C PRO H 211 -12.25 29.96 48.40
N THR H 212 -12.51 31.25 48.63
CA THR H 212 -13.77 31.71 49.18
C THR H 212 -14.86 31.87 48.13
N GLU H 213 -14.66 31.34 46.93
CA GLU H 213 -15.65 31.41 45.87
C GLU H 213 -15.88 30.01 45.32
N CYS H 214 -17.14 29.70 45.03
CA CYS H 214 -17.51 28.38 44.52
C CYS H 214 -17.18 28.25 43.03
#